data_3ZGE
#
_entry.id   3ZGE
#
_cell.length_a   162.520
_cell.length_b   122.110
_cell.length_c   131.910
_cell.angle_alpha   90.00
_cell.angle_beta   90.00
_cell.angle_gamma   90.00
#
_symmetry.space_group_name_H-M   'P 21 21 2'
#
loop_
_entity.id
_entity.type
_entity.pdbx_description
1 polymer 'C4 PHOSPHOENOLPYRUVATE CARBOXYLASE'
2 non-polymer 'ASPARTIC ACID'
3 non-polymer 'SULFATE ION'
4 non-polymer 1,2-ETHANEDIOL
5 water water
#
_entity_poly.entity_id   1
_entity_poly.type   'polypeptide(L)'
_entity_poly.pdbx_seq_one_letter_code
;MGHHHHHHHHHHSSGHENLYFQGHMANRNVEKLASIDAQLRLLVPGKVSEDDKLVEYDALLLDKFLDILQDLHGEDLKEA
VQQCYELSAEYEGKHDPKKLEELGSLLTSLDTGDSIVIAKAFSHMLNLANLAEELQIAYRRRIKLKSGDFADEANATTES
DIEETFKRLVHKLNKSPEEVFDALKNQTVELVLTAHPTQSVRRSLLQKHGRIRNCLAQLYAKDITPDDKQELDEALHREI
QAAFRTDEIRRTPPTPQDEMRAGMSYFHETIWKGVPKFLRRVDTALKNIGINERFPYNAPLIQFSSWMGGDRDGNPRVTP
EVTRDVCLLARMMTSNMYFSQIEDLMIEMSMWRCNSELRVRAEELYRTARKDVKHYIEFWKRIPPNQPYRVILGDVRDKL
YNTRERSRHLLVDGKSDIPDEAVYTNVEQLLEPLELCYRSLCDCGDHVIADGSLLDFLRQVSTFGLSLVKLDIRQESDRH
TEVLDAITQHLGIGSYREWSEEKRQEWLLAELSGKRPLIGPDLPKTEEVKDCLDTFKVLAELPSDCFGAYIISMATSTSD
VLAVELLQREYHIKHPLRVVPLFEKLADLEAAPAAMTRLFSMDWYRNRIDGKQEVMIGYSDSGKDAGRFSAAWQLYKTQE
QIVKIAKEFGVKLVIFHGRGGTVGRGGGPTHLALLSQPPDTINGSLRVTVQGEVIEQSFGEEHLCFRTLQRFCAATLEHG
MNPPISPRPEWRELMDQMAVVATEEYRSVVFKEPRFVEYFRLATPELEFGRMNIGSRPSKRKPSGGIESLRAIPWIFSWT
QTRFHLPVWLGFGAAFKHAIQKDSKNLQMLQEMYKTWPFFRVTIDLVEMVFAKGNPGIAALNDKLLVSEDLRPFGESLRA
NYEETKNYLLKIAGHKDLLEGDPYLKQGIRLRDPYITTLNVCQAYTLKRIRDPNYHVTLRPHISKEYAAEPSKPADELIH
LNPTSEYAPGLEDTLILTMKGIAAGMQNTG
;
_entity_poly.pdbx_strand_id   A,B
#
loop_
_chem_comp.id
_chem_comp.type
_chem_comp.name
_chem_comp.formula
EDO non-polymer 1,2-ETHANEDIOL 'C2 H6 O2'
SO4 non-polymer 'SULFATE ION' 'O4 S -2'
#
# COMPACT_ATOMS: atom_id res chain seq x y z
N LYS A 32 -8.36 0.93 36.91
CA LYS A 32 -7.09 1.20 37.65
C LYS A 32 -6.01 1.65 36.59
N LEU A 33 -5.24 0.67 36.06
CA LEU A 33 -4.50 0.76 34.79
C LEU A 33 -5.44 0.74 33.54
N ALA A 34 -6.48 -0.11 33.62
CA ALA A 34 -7.57 -0.18 32.60
C ALA A 34 -8.23 1.18 32.42
N SER A 35 -8.28 1.98 33.50
CA SER A 35 -8.95 3.28 33.48
C SER A 35 -8.16 4.33 32.68
N ILE A 36 -6.85 4.40 32.94
CA ILE A 36 -5.93 5.30 32.21
C ILE A 36 -5.79 4.92 30.72
N ASP A 37 -5.73 3.61 30.46
CA ASP A 37 -5.73 3.06 29.10
C ASP A 37 -6.92 3.58 28.27
N ALA A 38 -8.14 3.45 28.85
CA ALA A 38 -9.42 3.96 28.28
C ALA A 38 -9.38 5.47 27.99
N GLN A 39 -8.89 6.22 28.98
CA GLN A 39 -8.67 7.65 28.87
C GLN A 39 -7.74 8.02 27.68
N LEU A 40 -6.62 7.33 27.55
CA LEU A 40 -5.69 7.56 26.42
C LEU A 40 -6.26 7.18 25.04
N ARG A 41 -7.06 6.12 24.99
CA ARG A 41 -7.68 5.69 23.72
C ARG A 41 -8.74 6.64 23.11
N LEU A 42 -9.25 7.58 23.91
CA LEU A 42 -10.26 8.52 23.42
C LEU A 42 -9.58 9.49 22.44
N LEU A 43 -8.31 9.83 22.72
CA LEU A 43 -7.49 10.66 21.84
C LEU A 43 -6.97 9.92 20.59
N VAL A 44 -6.79 8.60 20.69
CA VAL A 44 -6.20 7.83 19.60
C VAL A 44 -6.91 6.49 19.38
N PRO A 45 -8.07 6.55 18.70
CA PRO A 45 -8.88 5.34 18.68
C PRO A 45 -8.76 4.55 17.38
N GLY A 46 -9.45 3.42 17.35
CA GLY A 46 -9.55 2.60 16.16
C GLY A 46 -8.75 1.31 16.28
N LYS A 47 -7.89 1.06 15.29
CA LYS A 47 -7.32 -0.28 14.93
C LYS A 47 -6.31 -0.90 15.94
N VAL A 48 -6.83 -1.31 17.11
CA VAL A 48 -6.08 -2.00 18.17
C VAL A 48 -5.63 -3.37 17.64
N SER A 49 -4.53 -3.36 16.87
CA SER A 49 -3.88 -4.58 16.37
C SER A 49 -2.84 -5.08 17.38
N GLU A 50 -2.04 -6.08 17.00
CA GLU A 50 -1.28 -6.83 18.00
C GLU A 50 0.11 -6.26 18.23
N ASP A 51 0.79 -5.84 17.18
CA ASP A 51 2.03 -5.14 17.40
C ASP A 51 1.78 -3.65 17.80
N ASP A 52 0.53 -3.13 17.84
CA ASP A 52 0.29 -1.72 18.31
C ASP A 52 0.02 -1.65 19.82
N LYS A 53 1.08 -1.37 20.57
CA LYS A 53 1.08 -1.41 22.01
C LYS A 53 1.35 -0.05 22.62
N LEU A 54 1.40 1.00 21.77
CA LEU A 54 1.88 2.28 22.23
C LEU A 54 1.00 2.77 23.39
N VAL A 55 -0.31 2.72 23.21
CA VAL A 55 -1.21 3.18 24.22
C VAL A 55 -0.98 2.43 25.56
N GLU A 56 -0.86 1.11 25.47
CA GLU A 56 -0.55 0.30 26.65
C GLU A 56 0.77 0.70 27.31
N TYR A 57 1.83 0.85 26.54
CA TYR A 57 3.11 1.28 27.08
C TYR A 57 2.87 2.55 27.84
N ASP A 58 2.18 3.51 27.23
CA ASP A 58 2.05 4.84 27.84
C ASP A 58 1.23 4.77 29.13
N ALA A 59 0.17 3.99 29.10
CA ALA A 59 -0.65 3.79 30.29
C ALA A 59 0.17 3.21 31.41
N LEU A 60 0.96 2.19 31.11
CA LEU A 60 1.74 1.52 32.12
C LEU A 60 2.74 2.52 32.73
N LEU A 61 3.39 3.34 31.91
CA LEU A 61 4.41 4.24 32.38
C LEU A 61 3.81 5.33 33.26
N LEU A 62 2.75 5.94 32.75
CA LEU A 62 2.02 6.91 33.49
C LEU A 62 1.56 6.32 34.83
N ASP A 63 1.01 5.11 34.83
CA ASP A 63 0.54 4.46 36.11
C ASP A 63 1.67 4.40 37.14
N LYS A 64 2.79 3.83 36.72
CA LYS A 64 3.94 3.75 37.60
C LYS A 64 4.44 5.10 38.06
N PHE A 65 4.40 6.09 37.18
CA PHE A 65 4.91 7.38 37.55
C PHE A 65 3.96 8.09 38.55
N LEU A 66 2.65 7.91 38.38
CA LEU A 66 1.71 8.43 39.37
C LEU A 66 1.97 7.84 40.75
N ASP A 67 2.31 6.54 40.86
CA ASP A 67 2.62 5.97 42.19
C ASP A 67 3.85 6.65 42.76
N ILE A 68 4.86 6.74 41.95
CA ILE A 68 6.07 7.41 42.36
C ILE A 68 5.76 8.81 42.92
N LEU A 69 4.87 9.52 42.25
CA LEU A 69 4.61 10.90 42.65
C LEU A 69 3.90 10.90 44.02
N GLN A 70 3.00 9.94 44.23
CA GLN A 70 2.37 9.78 45.52
C GLN A 70 3.42 9.58 46.62
N ASP A 71 4.34 8.64 46.40
CA ASP A 71 5.37 8.31 47.40
C ASP A 71 6.26 9.46 47.72
N LEU A 72 6.69 10.16 46.68
CA LEU A 72 7.65 11.19 46.83
C LEU A 72 7.00 12.48 47.34
N HIS A 73 5.79 12.80 46.87
CA HIS A 73 5.17 14.12 47.12
C HIS A 73 3.80 14.11 47.72
N GLY A 74 3.20 12.95 47.93
CA GLY A 74 1.93 12.84 48.63
C GLY A 74 0.74 12.68 47.71
N GLU A 75 -0.33 12.09 48.21
CA GLU A 75 -1.54 11.83 47.45
C GLU A 75 -2.10 13.08 46.80
N ASP A 76 -2.05 14.20 47.50
CA ASP A 76 -2.72 15.40 47.00
C ASP A 76 -2.05 15.89 45.74
N LEU A 77 -0.73 15.85 45.75
CA LEU A 77 0.04 16.22 44.59
C LEU A 77 -0.24 15.26 43.42
N LYS A 78 -0.26 13.95 43.71
CA LYS A 78 -0.69 12.98 42.70
C LYS A 78 -2.07 13.35 42.12
N GLU A 79 -3.04 13.62 42.98
CA GLU A 79 -4.36 13.99 42.48
C GLU A 79 -4.28 15.25 41.63
N ALA A 80 -3.47 16.21 42.02
CA ALA A 80 -3.34 17.40 41.21
C ALA A 80 -2.80 17.06 39.84
N VAL A 81 -1.71 16.30 39.79
CA VAL A 81 -1.14 15.91 38.49
C VAL A 81 -2.18 15.15 37.67
N GLN A 82 -2.90 14.27 38.33
CA GLN A 82 -3.86 13.49 37.62
C GLN A 82 -4.89 14.42 37.04
N GLN A 83 -5.29 15.43 37.80
CA GLN A 83 -6.37 16.29 37.31
C GLN A 83 -5.91 17.22 36.18
N CYS A 84 -4.67 17.70 36.21
CA CYS A 84 -4.15 18.41 35.04
C CYS A 84 -4.19 17.50 33.84
N TYR A 85 -3.73 16.26 33.99
CA TYR A 85 -3.68 15.31 32.89
C TYR A 85 -5.05 15.12 32.30
N GLU A 86 -6.03 14.90 33.17
CA GLU A 86 -7.39 14.57 32.75
C GLU A 86 -7.98 15.73 32.02
N LEU A 87 -7.99 16.91 32.66
CA LEU A 87 -8.48 18.15 32.07
C LEU A 87 -7.84 18.41 30.74
N SER A 88 -6.52 18.24 30.70
CA SER A 88 -5.78 18.40 29.46
C SER A 88 -6.14 17.35 28.38
N ALA A 89 -6.33 16.09 28.77
CA ALA A 89 -6.81 15.04 27.84
C ALA A 89 -8.21 15.34 27.26
N GLU A 90 -9.13 15.74 28.13
CA GLU A 90 -10.45 16.07 27.67
C GLU A 90 -10.38 17.23 26.73
N TYR A 91 -9.50 18.18 27.01
CA TYR A 91 -9.44 19.35 26.14
C TYR A 91 -8.95 18.94 24.76
N GLU A 92 -7.97 18.08 24.71
CA GLU A 92 -7.44 17.64 23.45
C GLU A 92 -8.47 16.77 22.73
N GLY A 93 -9.23 15.95 23.46
CA GLY A 93 -10.26 15.13 22.81
C GLY A 93 -11.32 15.92 22.06
N LYS A 94 -12.01 16.77 22.80
CA LYS A 94 -13.20 17.44 22.27
C LYS A 94 -12.99 18.94 22.05
N HIS A 95 -11.87 19.49 22.51
CA HIS A 95 -11.52 20.89 22.28
C HIS A 95 -12.55 21.84 22.84
N ASP A 96 -13.16 21.46 23.97
CA ASP A 96 -14.06 22.33 24.74
C ASP A 96 -13.24 23.37 25.52
N PRO A 97 -13.32 24.66 25.17
CA PRO A 97 -12.47 25.65 25.84
C PRO A 97 -12.74 25.84 27.35
N LYS A 98 -13.89 25.39 27.85
CA LYS A 98 -14.16 25.39 29.30
C LYS A 98 -13.07 24.57 29.99
N LYS A 99 -12.71 23.45 29.36
CA LYS A 99 -11.69 22.58 29.90
C LYS A 99 -10.30 23.24 30.01
N LEU A 100 -9.93 24.09 29.04
CA LEU A 100 -8.65 24.82 29.06
C LEU A 100 -8.65 25.88 30.17
N GLU A 101 -9.79 26.54 30.32
CA GLU A 101 -9.97 27.50 31.37
C GLU A 101 -9.85 26.85 32.78
N GLU A 102 -10.45 25.68 32.98
CA GLU A 102 -10.31 24.95 34.26
C GLU A 102 -8.84 24.63 34.57
N LEU A 103 -8.12 24.09 33.60
CA LEU A 103 -6.69 23.81 33.74
C LEU A 103 -5.88 25.10 34.05
N GLY A 104 -6.27 26.21 33.41
CA GLY A 104 -5.71 27.49 33.74
C GLY A 104 -5.87 27.80 35.23
N SER A 105 -7.11 27.73 35.72
CA SER A 105 -7.40 28.04 37.12
C SER A 105 -6.57 27.21 38.07
N LEU A 106 -6.53 25.92 37.77
CA LEU A 106 -5.76 25.02 38.59
C LEU A 106 -4.29 25.47 38.56
N LEU A 107 -3.72 25.66 37.36
CA LEU A 107 -2.29 25.95 37.27
C LEU A 107 -1.84 27.33 37.80
N THR A 108 -2.61 28.41 37.58
CA THR A 108 -2.23 29.69 38.21
C THR A 108 -2.33 29.75 39.71
N SER A 109 -3.06 28.82 40.31
CA SER A 109 -3.23 28.81 41.76
C SER A 109 -2.04 28.19 42.50
N LEU A 110 -1.14 27.52 41.78
CA LEU A 110 -0.07 26.76 42.40
C LEU A 110 1.07 27.65 42.84
N ASP A 111 1.55 27.45 44.06
CA ASP A 111 2.72 28.21 44.47
C ASP A 111 3.94 27.80 43.64
N THR A 112 5.00 28.56 43.75
CA THR A 112 6.22 28.29 43.07
C THR A 112 6.66 26.85 43.19
N GLY A 113 6.63 26.32 44.42
CA GLY A 113 7.14 24.95 44.68
C GLY A 113 6.32 23.83 44.03
N ASP A 114 5.00 23.89 44.20
CA ASP A 114 4.07 22.98 43.54
C ASP A 114 4.22 23.10 42.01
N SER A 115 4.39 24.32 41.57
CA SER A 115 4.46 24.59 40.16
C SER A 115 5.68 23.91 39.54
N ILE A 116 6.79 23.86 40.25
CA ILE A 116 7.99 23.20 39.74
C ILE A 116 7.78 21.69 39.66
N VAL A 117 7.18 21.13 40.69
CA VAL A 117 6.91 19.70 40.70
C VAL A 117 6.01 19.31 39.53
N ILE A 118 4.98 20.09 39.28
CA ILE A 118 4.09 19.81 38.16
C ILE A 118 4.82 19.91 36.83
N ALA A 119 5.59 20.98 36.66
CA ALA A 119 6.32 21.13 35.42
C ALA A 119 7.33 20.01 35.25
N LYS A 120 7.99 19.63 36.31
CA LYS A 120 8.92 18.52 36.26
C LYS A 120 8.19 17.23 35.86
N ALA A 121 7.01 17.03 36.44
CA ALA A 121 6.27 15.79 36.23
C ALA A 121 5.85 15.66 34.76
N PHE A 122 5.24 16.71 34.26
CA PHE A 122 4.83 16.65 32.87
C PHE A 122 6.00 16.61 31.90
N SER A 123 7.12 17.29 32.17
CA SER A 123 8.29 17.08 31.25
C SER A 123 8.74 15.61 31.21
N HIS A 124 8.73 14.99 32.38
CA HIS A 124 9.20 13.66 32.51
C HIS A 124 8.26 12.75 31.86
N MET A 125 6.95 12.99 31.97
CA MET A 125 6.03 12.21 31.19
C MET A 125 6.35 12.23 29.73
N LEU A 126 6.72 13.41 29.23
CA LEU A 126 7.01 13.48 27.82
C LEU A 126 8.17 12.57 27.54
N ASN A 127 9.19 12.59 28.38
CA ASN A 127 10.38 11.81 28.07
C ASN A 127 10.02 10.34 28.07
N LEU A 128 9.14 9.97 28.98
CA LEU A 128 8.59 8.63 29.01
C LEU A 128 7.81 8.23 27.72
N ALA A 129 6.94 9.12 27.25
CA ALA A 129 6.15 8.81 26.08
C ALA A 129 7.01 8.68 24.86
N ASN A 130 8.14 9.41 24.82
CA ASN A 130 9.13 9.33 23.70
C ASN A 130 9.88 8.00 23.74
N LEU A 131 10.28 7.55 24.91
CA LEU A 131 10.87 6.24 25.05
C LEU A 131 9.91 5.18 24.58
N ALA A 132 8.63 5.28 24.95
CA ALA A 132 7.64 4.27 24.56
C ALA A 132 7.41 4.30 23.03
N GLU A 133 7.39 5.50 22.48
CA GLU A 133 7.15 5.62 21.09
C GLU A 133 8.34 4.98 20.34
N GLU A 134 9.56 5.23 20.78
CA GLU A 134 10.73 4.57 20.17
C GLU A 134 10.61 3.06 20.16
N LEU A 135 10.17 2.52 21.26
CA LEU A 135 9.96 1.09 21.37
C LEU A 135 8.94 0.68 20.35
N GLN A 136 7.92 1.48 20.16
CA GLN A 136 6.89 1.13 19.20
C GLN A 136 7.44 1.15 17.79
N ILE A 137 8.25 2.15 17.45
CA ILE A 137 8.80 2.22 16.12
C ILE A 137 9.74 1.02 15.94
N ALA A 138 10.50 0.70 16.96
CA ALA A 138 11.45 -0.41 16.86
C ALA A 138 10.79 -1.73 16.45
N TYR A 139 9.67 -2.03 17.07
CA TYR A 139 9.00 -3.32 16.85
C TYR A 139 7.81 -3.26 15.92
N ARG A 140 7.56 -2.16 15.26
CA ARG A 140 6.38 -2.13 14.39
C ARG A 140 6.63 -3.04 13.18
N ARG A 141 5.60 -3.79 12.77
CA ARG A 141 5.77 -4.77 11.71
C ARG A 141 5.89 -4.15 10.31
N ARG A 142 6.86 -4.64 9.54
CA ARG A 142 7.09 -4.18 8.12
C ARG A 142 6.00 -4.71 7.23
N ILE A 143 5.63 -3.97 6.18
CA ILE A 143 4.73 -4.51 5.15
C ILE A 143 5.54 -5.47 4.23
N LYS A 144 4.96 -6.62 3.95
CA LYS A 144 5.63 -7.67 3.20
C LYS A 144 5.69 -7.23 1.75
N LEU A 145 4.55 -6.95 1.12
CA LEU A 145 4.46 -6.52 -0.30
C LEU A 145 4.41 -5.00 -0.50
N LYS A 146 5.43 -4.45 -1.16
CA LYS A 146 5.49 -3.00 -1.36
C LYS A 146 4.99 -2.63 -2.79
N SER A 147 4.19 -1.55 -2.88
CA SER A 147 3.62 -1.11 -4.16
C SER A 147 4.69 -0.59 -5.12
N GLY A 148 5.84 -0.18 -4.57
CA GLY A 148 6.91 0.36 -5.39
C GLY A 148 6.81 1.85 -5.63
N ASP A 149 5.63 2.48 -5.45
CA ASP A 149 5.58 3.94 -5.52
C ASP A 149 6.62 4.56 -4.56
N PHE A 150 7.17 5.72 -4.93
CA PHE A 150 8.13 6.40 -4.09
C PHE A 150 7.54 6.75 -2.71
N ALA A 151 6.22 6.98 -2.59
CA ALA A 151 5.55 7.22 -1.28
C ALA A 151 5.90 6.17 -0.20
N ASP A 152 6.14 4.95 -0.63
CA ASP A 152 6.60 3.91 0.27
C ASP A 152 7.83 4.31 1.05
N GLU A 153 8.67 5.15 0.47
CA GLU A 153 9.91 5.50 1.15
C GLU A 153 9.73 6.62 2.16
N ALA A 154 8.53 7.17 2.31
CA ALA A 154 8.24 8.15 3.39
C ALA A 154 8.01 7.48 4.74
N ASN A 155 7.83 6.15 4.76
CA ASN A 155 7.33 5.45 5.94
C ASN A 155 8.24 4.29 6.42
N ALA A 156 8.64 4.26 7.68
CA ALA A 156 9.53 3.19 8.20
C ALA A 156 9.04 1.79 7.90
N THR A 157 7.74 1.57 7.94
CA THR A 157 7.20 0.25 7.76
C THR A 157 7.17 -0.20 6.29
N THR A 158 7.24 0.72 5.34
CA THR A 158 7.26 0.38 3.94
C THR A 158 8.61 0.68 3.23
N GLU A 159 9.53 1.43 3.83
CA GLU A 159 10.70 1.85 3.09
C GLU A 159 11.61 0.68 2.73
N SER A 160 12.43 0.86 1.71
CA SER A 160 13.33 -0.18 1.26
C SER A 160 14.52 -0.27 2.16
N ASP A 161 14.87 -1.51 2.52
CA ASP A 161 16.10 -1.74 3.24
C ASP A 161 17.21 -1.87 2.19
N ILE A 162 18.41 -2.15 2.65
CA ILE A 162 19.55 -2.07 1.77
C ILE A 162 19.43 -3.13 0.69
N GLU A 163 19.07 -4.34 1.07
CA GLU A 163 18.87 -5.38 0.09
C GLU A 163 17.81 -5.01 -0.94
N GLU A 164 16.69 -4.53 -0.51
CA GLU A 164 15.65 -4.16 -1.48
C GLU A 164 16.10 -3.02 -2.39
N THR A 165 16.95 -2.14 -1.90
CA THR A 165 17.47 -1.08 -2.74
C THR A 165 18.37 -1.70 -3.80
N PHE A 166 19.27 -2.59 -3.38
CA PHE A 166 20.12 -3.37 -4.32
C PHE A 166 19.24 -3.98 -5.41
N LYS A 167 18.20 -4.69 -4.99
CA LYS A 167 17.37 -5.44 -5.96
C LYS A 167 16.57 -4.54 -6.91
N ARG A 168 16.16 -3.35 -6.46
CA ARG A 168 15.48 -2.46 -7.38
C ARG A 168 16.50 -1.96 -8.40
N LEU A 169 17.74 -1.70 -7.97
CA LEU A 169 18.74 -1.15 -8.88
C LEU A 169 19.15 -2.19 -9.94
N VAL A 170 19.33 -3.43 -9.50
CA VAL A 170 19.62 -4.53 -10.43
C VAL A 170 18.45 -4.87 -11.38
N HIS A 171 17.26 -5.02 -10.85
CA HIS A 171 16.19 -5.54 -11.64
C HIS A 171 15.36 -4.45 -12.28
N LYS A 172 15.26 -3.27 -11.70
CA LYS A 172 14.47 -2.24 -12.31
C LYS A 172 15.31 -1.21 -13.10
N LEU A 173 16.53 -0.94 -12.70
CA LEU A 173 17.38 0.01 -13.41
C LEU A 173 18.50 -0.66 -14.21
N ASN A 174 18.44 -1.99 -14.30
CA ASN A 174 19.45 -2.79 -15.03
C ASN A 174 20.91 -2.51 -14.69
N LYS A 175 21.24 -2.41 -13.41
CA LYS A 175 22.62 -2.34 -13.00
C LYS A 175 23.07 -3.74 -12.71
N SER A 176 24.32 -4.02 -12.97
CA SER A 176 24.83 -5.33 -12.63
C SER A 176 25.11 -5.27 -11.12
N PRO A 177 25.06 -6.39 -10.42
CA PRO A 177 25.45 -6.41 -9.05
C PRO A 177 26.83 -5.80 -8.83
N GLU A 178 27.78 -6.04 -9.72
CA GLU A 178 29.12 -5.48 -9.59
C GLU A 178 29.05 -3.95 -9.64
N GLU A 179 28.19 -3.39 -10.48
CA GLU A 179 28.13 -1.94 -10.63
C GLU A 179 27.62 -1.33 -9.31
N VAL A 180 26.62 -1.99 -8.72
CA VAL A 180 26.05 -1.52 -7.49
C VAL A 180 27.09 -1.55 -6.42
N PHE A 181 27.80 -2.64 -6.35
CA PHE A 181 28.87 -2.86 -5.38
C PHE A 181 29.96 -1.80 -5.50
N ASP A 182 30.34 -1.54 -6.74
CA ASP A 182 31.38 -0.57 -7.00
C ASP A 182 30.95 0.86 -6.56
N ALA A 183 29.73 1.25 -6.86
CA ALA A 183 29.20 2.55 -6.41
C ALA A 183 29.22 2.62 -4.88
N LEU A 184 28.73 1.60 -4.19
CA LEU A 184 28.76 1.62 -2.73
C LEU A 184 30.17 1.71 -2.21
N LYS A 185 31.12 1.01 -2.85
CA LYS A 185 32.48 1.11 -2.36
C LYS A 185 33.00 2.54 -2.42
N ASN A 186 32.52 3.35 -3.36
CA ASN A 186 33.08 4.67 -3.56
C ASN A 186 32.23 5.69 -2.92
N GLN A 187 31.21 5.26 -2.21
CA GLN A 187 30.23 6.17 -1.65
C GLN A 187 30.70 6.68 -0.26
N THR A 188 30.22 7.85 0.11
CA THR A 188 30.54 8.54 1.36
C THR A 188 29.24 9.11 1.93
N VAL A 189 28.90 8.72 3.16
CA VAL A 189 27.82 9.32 3.92
C VAL A 189 28.37 9.93 5.25
N GLU A 190 28.18 11.23 5.41
CA GLU A 190 28.77 11.95 6.51
C GLU A 190 27.63 12.62 7.27
N LEU A 191 27.49 12.25 8.53
CA LEU A 191 26.46 12.85 9.39
C LEU A 191 27.12 13.80 10.32
N VAL A 192 26.65 15.04 10.38
CA VAL A 192 27.28 16.08 11.19
C VAL A 192 26.36 16.39 12.33
N LEU A 193 26.81 16.10 13.54
CA LEU A 193 26.00 16.29 14.74
C LEU A 193 26.08 17.71 15.31
N THR A 194 24.92 18.33 15.56
CA THR A 194 24.86 19.69 16.12
C THR A 194 24.29 19.67 17.55
N ALA A 195 24.55 20.73 18.29
CA ALA A 195 24.04 20.85 19.66
C ALA A 195 22.50 20.78 19.70
N HIS A 196 21.97 20.17 20.75
CA HIS A 196 20.57 20.35 21.11
C HIS A 196 20.35 21.81 21.33
N PRO A 197 19.41 22.38 20.61
CA PRO A 197 19.21 23.80 20.76
C PRO A 197 18.70 24.24 22.16
N THR A 198 18.11 23.34 22.94
CA THR A 198 17.49 23.69 24.23
C THR A 198 18.06 22.96 25.44
N GLN A 199 18.68 21.82 25.28
CA GLN A 199 19.03 21.03 26.43
C GLN A 199 19.69 19.71 26.01
N SER A 200 21.02 19.68 25.99
CA SER A 200 21.78 18.43 25.77
C SER A 200 21.56 17.46 26.96
N VAL A 201 20.98 16.30 26.71
CA VAL A 201 20.67 15.36 27.79
C VAL A 201 22.00 14.80 28.32
N ARG A 202 22.22 14.86 29.62
CA ARG A 202 23.46 14.33 30.18
C ARG A 202 23.63 12.80 30.11
N ARG A 203 24.87 12.34 30.05
CA ARG A 203 25.17 10.94 29.87
C ARG A 203 24.47 10.02 30.88
N SER A 204 24.51 10.41 32.15
CA SER A 204 23.84 9.64 33.21
C SER A 204 22.35 9.44 32.98
N LEU A 205 21.66 10.50 32.59
CA LEU A 205 20.19 10.44 32.42
C LEU A 205 19.80 9.61 31.20
N LEU A 206 20.59 9.73 30.15
CA LEU A 206 20.31 9.05 28.91
C LEU A 206 20.41 7.55 29.14
N GLN A 207 21.29 7.15 30.02
CA GLN A 207 21.41 5.72 30.31
C GLN A 207 20.24 5.26 31.08
N LYS A 208 19.74 6.13 31.96
CA LYS A 208 18.52 5.78 32.71
C LYS A 208 17.34 5.62 31.77
N HIS A 209 17.24 6.52 30.81
CA HIS A 209 16.18 6.44 29.81
C HIS A 209 16.25 5.13 29.03
N GLY A 210 17.45 4.73 28.68
CA GLY A 210 17.71 3.44 28.04
C GLY A 210 17.21 2.28 28.85
N ARG A 211 17.44 2.29 30.15
CA ARG A 211 17.06 1.15 31.01
C ARG A 211 15.55 1.10 31.21
N ILE A 212 14.90 2.27 31.23
CA ILE A 212 13.43 2.33 31.36
C ILE A 212 12.87 1.63 30.15
N ARG A 213 13.32 2.04 29.00
CA ARG A 213 12.92 1.46 27.74
C ARG A 213 13.14 -0.06 27.68
N ASN A 214 14.31 -0.51 28.07
CA ASN A 214 14.58 -1.93 28.12
C ASN A 214 13.68 -2.68 29.07
N CYS A 215 13.45 -2.13 30.26
CA CYS A 215 12.57 -2.81 31.20
C CYS A 215 11.18 -2.92 30.62
N LEU A 216 10.72 -1.82 30.02
CA LEU A 216 9.46 -1.85 29.34
C LEU A 216 9.48 -2.95 28.25
N ALA A 217 10.50 -2.95 27.40
CA ALA A 217 10.59 -3.95 26.34
C ALA A 217 10.46 -5.38 26.91
N GLN A 218 11.18 -5.63 27.99
CA GLN A 218 11.24 -6.98 28.56
C GLN A 218 9.94 -7.39 29.18
N LEU A 219 9.16 -6.42 29.65
CA LEU A 219 7.87 -6.73 30.20
C LEU A 219 6.93 -7.32 29.16
N TYR A 220 7.16 -7.05 27.88
CA TYR A 220 6.33 -7.66 26.82
C TYR A 220 7.02 -8.78 26.05
N ALA A 221 7.94 -9.53 26.68
CA ALA A 221 8.69 -10.62 25.99
C ALA A 221 7.81 -11.83 25.81
N ASP A 223 7.43 -16.93 27.59
CA ASP A 223 8.64 -16.30 28.14
C ASP A 223 8.45 -15.79 29.62
N ILE A 224 7.51 -14.87 29.83
CA ILE A 224 7.40 -14.15 31.12
C ILE A 224 6.84 -15.00 32.31
N THR A 225 7.74 -15.39 33.20
CA THR A 225 7.33 -15.98 34.49
C THR A 225 6.72 -14.87 35.32
N PRO A 226 5.74 -15.17 36.19
CA PRO A 226 5.16 -14.13 37.10
C PRO A 226 6.15 -13.33 37.99
N ASP A 227 7.16 -14.03 38.56
CA ASP A 227 8.22 -13.41 39.39
C ASP A 227 9.12 -12.47 38.56
N ASP A 228 9.42 -12.86 37.31
CA ASP A 228 10.14 -12.01 36.36
C ASP A 228 9.37 -10.74 36.13
N LYS A 229 8.06 -10.86 35.97
CA LYS A 229 7.21 -9.70 35.73
C LYS A 229 7.23 -8.82 36.99
N GLN A 230 6.94 -9.40 38.14
CA GLN A 230 7.05 -8.69 39.42
C GLN A 230 8.42 -7.98 39.58
N GLU A 231 9.53 -8.73 39.29
CA GLU A 231 10.86 -8.10 39.31
C GLU A 231 11.13 -7.03 38.30
N LEU A 232 10.70 -7.24 37.06
CA LEU A 232 10.82 -6.19 36.07
C LEU A 232 9.94 -5.00 36.43
N ASP A 233 8.73 -5.26 36.93
CA ASP A 233 7.84 -4.18 37.35
C ASP A 233 8.55 -3.30 38.37
N GLU A 234 9.11 -3.92 39.38
CA GLU A 234 9.84 -3.19 40.39
C GLU A 234 11.09 -2.49 39.80
N ALA A 235 11.75 -3.08 38.79
CA ALA A 235 12.91 -2.45 38.19
C ALA A 235 12.46 -1.25 37.39
N LEU A 236 11.34 -1.39 36.67
CA LEU A 236 10.82 -0.26 35.89
C LEU A 236 10.51 0.91 36.79
N HIS A 237 9.82 0.60 37.86
CA HIS A 237 9.42 1.57 38.83
C HIS A 237 10.61 2.31 39.33
N ARG A 238 11.64 1.58 39.66
CA ARG A 238 12.84 2.15 40.23
C ARG A 238 13.59 3.05 39.21
N GLU A 239 13.66 2.64 37.95
CA GLU A 239 14.31 3.51 36.94
C GLU A 239 13.56 4.79 36.60
N ILE A 240 12.24 4.74 36.56
CA ILE A 240 11.43 5.91 36.33
C ILE A 240 11.77 6.92 37.42
N GLN A 241 11.73 6.46 38.69
CA GLN A 241 12.11 7.31 39.81
C GLN A 241 13.53 7.86 39.72
N ALA A 242 14.48 7.02 39.35
CA ALA A 242 15.88 7.46 39.30
C ALA A 242 15.98 8.64 38.30
N ALA A 243 15.29 8.48 37.17
CA ALA A 243 15.35 9.46 36.11
C ALA A 243 14.67 10.75 36.63
N PHE A 244 13.53 10.61 37.28
CA PHE A 244 12.80 11.77 37.76
C PHE A 244 13.62 12.59 38.77
N ARG A 245 14.46 11.91 39.55
CA ARG A 245 15.22 12.57 40.63
C ARG A 245 16.62 12.95 40.19
N THR A 246 16.90 12.85 38.90
CA THR A 246 18.08 13.46 38.34
C THR A 246 17.61 14.76 37.81
N ASP A 247 17.46 15.75 38.68
CA ASP A 247 16.70 16.95 38.33
C ASP A 247 17.30 18.20 38.93
N GLU A 248 18.62 18.26 39.07
CA GLU A 248 19.23 19.50 39.46
C GLU A 248 19.11 20.37 38.22
N ILE A 249 18.58 21.58 38.42
CA ILE A 249 18.81 22.66 37.47
C ILE A 249 19.73 23.62 38.25
N ARG A 250 20.80 24.03 37.60
CA ARG A 250 21.90 24.71 38.25
C ARG A 250 22.01 26.16 37.73
N ARG A 251 22.69 27.03 38.47
CA ARG A 251 22.75 28.44 38.05
C ARG A 251 23.50 28.63 36.69
N THR A 252 24.82 28.36 36.66
CA THR A 252 25.63 28.29 35.42
C THR A 252 25.08 27.33 34.35
N PRO A 253 24.62 27.88 33.20
CA PRO A 253 24.49 27.00 32.01
C PRO A 253 25.79 26.21 31.73
N PRO A 254 25.74 25.21 30.84
CA PRO A 254 26.83 24.23 30.76
C PRO A 254 27.97 24.72 29.88
N THR A 255 29.20 24.34 30.20
CA THR A 255 30.35 24.73 29.41
C THR A 255 30.25 24.09 28.01
N PRO A 256 30.68 24.77 26.93
CA PRO A 256 30.64 24.10 25.59
C PRO A 256 31.36 22.77 25.59
N GLN A 257 32.44 22.68 26.37
CA GLN A 257 33.13 21.41 26.55
C GLN A 257 32.18 20.33 27.05
N ASP A 258 31.36 20.68 28.05
CA ASP A 258 30.41 19.73 28.67
C ASP A 258 29.28 19.46 27.74
N GLU A 259 28.83 20.49 27.03
CA GLU A 259 27.83 20.32 25.99
C GLU A 259 28.37 19.32 24.92
N MET A 260 29.64 19.46 24.52
CA MET A 260 30.25 18.55 23.60
C MET A 260 30.25 17.14 24.18
N ARG A 261 30.76 16.94 25.40
CA ARG A 261 30.73 15.58 25.96
C ARG A 261 29.31 14.96 26.00
N ALA A 262 28.30 15.73 26.37
CA ALA A 262 26.90 15.21 26.37
C ALA A 262 26.46 14.80 24.99
N GLY A 263 26.76 15.65 24.01
CA GLY A 263 26.47 15.29 22.60
C GLY A 263 27.19 14.05 22.04
N MET A 264 28.26 13.58 22.71
CA MET A 264 29.01 12.41 22.27
C MET A 264 28.48 11.12 22.82
N SER A 265 27.59 11.23 23.80
CA SER A 265 27.06 10.08 24.53
C SER A 265 26.47 9.00 23.67
N TYR A 266 25.83 9.39 22.59
CA TYR A 266 25.17 8.39 21.74
C TYR A 266 26.12 7.39 21.08
N PHE A 267 27.40 7.74 21.06
CA PHE A 267 28.36 6.82 20.48
C PHE A 267 28.48 5.61 21.32
N HIS A 268 28.74 5.83 22.59
CA HIS A 268 28.75 4.74 23.54
C HIS A 268 27.44 4.01 23.55
N GLU A 269 26.33 4.70 23.55
CA GLU A 269 25.05 4.05 23.73
C GLU A 269 24.67 3.19 22.51
N THR A 270 24.83 3.69 21.27
CA THR A 270 24.36 2.91 20.11
C THR A 270 25.27 2.87 18.89
N ILE A 271 25.89 3.97 18.54
CA ILE A 271 26.48 4.13 17.21
C ILE A 271 27.77 3.33 17.08
N TRP A 272 28.49 3.23 18.18
CA TRP A 272 29.75 2.54 18.21
C TRP A 272 29.60 1.14 17.78
N LYS A 273 28.63 0.44 18.33
CA LYS A 273 28.34 -0.94 17.93
C LYS A 273 27.51 -0.99 16.66
N GLY A 274 26.64 0.01 16.47
CA GLY A 274 25.69 -0.01 15.36
C GLY A 274 26.36 0.05 13.99
N VAL A 275 27.44 0.79 13.86
CA VAL A 275 28.13 0.83 12.59
C VAL A 275 28.52 -0.56 12.08
N PRO A 276 29.15 -1.38 12.93
CA PRO A 276 29.51 -2.74 12.43
C PRO A 276 28.34 -3.66 12.20
N LYS A 277 27.29 -3.55 13.03
CA LYS A 277 26.07 -4.29 12.77
C LYS A 277 25.60 -3.88 11.41
N PHE A 278 25.58 -2.61 11.07
CA PHE A 278 25.03 -2.27 9.76
C PHE A 278 25.94 -2.72 8.59
N LEU A 279 27.24 -2.59 8.76
CA LEU A 279 28.14 -2.98 7.68
C LEU A 279 28.00 -4.49 7.47
N ARG A 280 27.82 -5.26 8.55
CA ARG A 280 27.60 -6.70 8.42
C ARG A 280 26.33 -7.00 7.63
N ARG A 281 25.24 -6.24 7.86
CA ARG A 281 24.07 -6.43 7.05
C ARG A 281 24.36 -6.09 5.59
N VAL A 282 25.23 -5.12 5.31
CA VAL A 282 25.57 -4.81 3.92
C VAL A 282 26.20 -6.05 3.29
N ASP A 283 27.08 -6.71 4.06
CA ASP A 283 27.68 -7.97 3.60
C ASP A 283 26.61 -8.96 3.23
N THR A 284 25.65 -9.15 4.10
CA THR A 284 24.60 -10.13 3.87
C THR A 284 23.76 -9.79 2.63
N ALA A 285 23.47 -8.50 2.44
CA ALA A 285 22.69 -8.06 1.28
C ALA A 285 23.51 -8.25 0.01
N LEU A 286 24.80 -7.96 0.08
CA LEU A 286 25.67 -8.16 -1.07
C LEU A 286 25.66 -9.64 -1.49
N LYS A 287 25.73 -10.52 -0.50
CA LYS A 287 25.74 -11.92 -0.75
C LYS A 287 24.46 -12.31 -1.37
N ASN A 288 23.35 -11.72 -0.91
CA ASN A 288 22.09 -12.13 -1.50
C ASN A 288 21.84 -11.60 -2.94
N ILE A 289 22.71 -10.78 -3.51
CA ILE A 289 22.52 -10.36 -4.90
C ILE A 289 23.60 -10.95 -5.79
N GLY A 290 24.38 -11.87 -5.21
CA GLY A 290 25.37 -12.62 -5.95
C GLY A 290 26.81 -12.14 -5.84
N ILE A 291 27.07 -11.18 -4.96
CA ILE A 291 28.46 -10.72 -4.72
C ILE A 291 29.03 -11.59 -3.60
N ASN A 292 30.18 -12.19 -3.85
CA ASN A 292 30.76 -13.14 -2.93
C ASN A 292 31.99 -12.54 -2.29
N GLU A 293 31.88 -11.30 -1.89
CA GLU A 293 32.88 -10.75 -1.03
C GLU A 293 32.19 -9.79 -0.09
N ARG A 294 32.83 -9.57 1.04
CA ARG A 294 32.36 -8.65 2.03
C ARG A 294 32.71 -7.27 1.61
N PHE A 295 31.95 -6.31 2.11
CA PHE A 295 32.20 -4.92 1.87
C PHE A 295 33.53 -4.54 2.51
N PRO A 296 34.44 -3.92 1.75
CA PRO A 296 35.77 -3.77 2.31
C PRO A 296 35.75 -2.93 3.60
N TYR A 297 36.48 -3.42 4.60
CA TYR A 297 36.49 -2.86 5.95
C TYR A 297 36.94 -1.43 5.98
N ASN A 298 37.70 -1.00 4.98
CA ASN A 298 38.21 0.37 4.98
C ASN A 298 37.56 1.29 3.93
N ALA A 299 36.46 0.88 3.35
CA ALA A 299 35.69 1.80 2.50
C ALA A 299 35.10 2.81 3.47
N PRO A 300 35.38 4.09 3.29
CA PRO A 300 34.88 5.13 4.22
C PRO A 300 33.42 5.46 3.96
N LEU A 301 32.56 4.50 4.16
CA LEU A 301 31.16 4.64 3.80
C LEU A 301 30.45 5.60 4.75
N ILE A 302 30.75 5.45 6.05
CA ILE A 302 30.13 6.18 7.14
C ILE A 302 31.20 7.01 7.84
N GLN A 303 30.91 8.29 8.01
CA GLN A 303 31.80 9.22 8.72
C GLN A 303 30.88 10.09 9.58
N PHE A 304 31.31 10.39 10.80
CA PHE A 304 30.62 11.29 11.63
C PHE A 304 31.42 12.52 11.86
N SER A 305 30.77 13.67 11.99
CA SER A 305 31.46 14.93 12.26
C SER A 305 30.65 15.72 13.25
N SER A 306 31.17 16.85 13.68
CA SER A 306 30.53 17.61 14.74
C SER A 306 30.76 19.12 14.58
N TRP A 307 29.81 19.92 15.06
CA TRP A 307 29.92 21.38 15.18
C TRP A 307 30.12 21.81 16.61
N MET A 308 30.17 20.85 17.53
CA MET A 308 30.15 21.18 18.96
C MET A 308 31.53 21.61 19.46
N GLY A 309 31.66 22.92 19.72
CA GLY A 309 32.96 23.57 20.04
C GLY A 309 33.70 24.06 18.79
N GLY A 310 33.04 23.97 17.63
CA GLY A 310 33.60 24.31 16.35
C GLY A 310 32.85 25.47 15.75
N ASP A 311 31.53 25.45 15.90
CA ASP A 311 30.71 26.60 15.50
C ASP A 311 30.80 27.74 16.47
N ARG A 312 31.46 28.84 16.10
CA ARG A 312 31.43 30.05 16.97
C ARG A 312 30.63 31.17 16.38
N ASP A 313 29.78 30.86 15.40
CA ASP A 313 28.98 31.87 14.71
C ASP A 313 27.96 32.54 15.63
N GLY A 314 28.13 33.82 15.88
CA GLY A 314 27.26 34.54 16.79
C GLY A 314 27.40 34.01 18.20
N ASN A 315 28.57 33.50 18.53
CA ASN A 315 28.73 32.83 19.80
C ASN A 315 30.15 32.94 20.37
N PRO A 316 30.45 34.06 21.04
CA PRO A 316 31.83 34.29 21.48
C PRO A 316 32.33 33.40 22.62
N ARG A 317 31.45 32.59 23.21
CA ARG A 317 31.85 31.60 24.22
C ARG A 317 32.63 30.43 23.64
N VAL A 318 32.49 30.17 22.34
CA VAL A 318 33.27 29.15 21.62
C VAL A 318 34.60 29.85 21.21
N THR A 319 35.59 29.72 22.09
CA THR A 319 36.86 30.38 21.99
C THR A 319 37.82 29.40 21.30
N PRO A 320 38.98 29.89 20.92
CA PRO A 320 40.05 28.97 20.49
C PRO A 320 40.34 27.86 21.50
N GLU A 321 40.35 28.16 22.78
CA GLU A 321 40.64 27.18 23.82
C GLU A 321 39.56 26.12 23.85
N VAL A 322 38.31 26.52 23.66
CA VAL A 322 37.24 25.55 23.61
C VAL A 322 37.51 24.55 22.46
N THR A 323 37.86 25.09 21.29
CA THR A 323 38.08 24.26 20.12
C THR A 323 39.20 23.29 20.34
N ARG A 324 40.27 23.76 20.90
CA ARG A 324 41.38 22.90 21.22
C ARG A 324 40.91 21.82 22.17
N ASP A 325 40.15 22.21 23.18
CA ASP A 325 39.67 21.26 24.14
C ASP A 325 38.79 20.17 23.53
N VAL A 326 37.83 20.50 22.68
CA VAL A 326 36.95 19.42 22.19
C VAL A 326 37.70 18.52 21.24
N CYS A 327 38.75 19.03 20.58
CA CYS A 327 39.54 18.15 19.70
C CYS A 327 40.28 17.15 20.52
N LEU A 328 40.88 17.61 21.61
CA LEU A 328 41.59 16.71 22.49
C LEU A 328 40.62 15.75 23.20
N LEU A 329 39.45 16.23 23.59
CA LEU A 329 38.42 15.34 24.15
C LEU A 329 38.02 14.27 23.15
N ALA A 330 37.70 14.65 21.91
CA ALA A 330 37.33 13.68 20.85
C ALA A 330 38.45 12.65 20.73
N ARG A 331 39.69 13.09 20.76
CA ARG A 331 40.84 12.16 20.65
C ARG A 331 40.93 11.21 21.85
N MET A 332 40.65 11.74 23.03
CA MET A 332 40.78 11.05 24.29
C MET A 332 39.70 9.96 24.31
N MET A 333 38.47 10.33 23.96
CA MET A 333 37.33 9.43 24.05
C MET A 333 37.49 8.29 23.07
N THR A 334 37.92 8.60 21.86
CA THR A 334 38.05 7.60 20.85
C THR A 334 39.10 6.58 21.33
N SER A 335 40.27 7.05 21.77
CA SER A 335 41.32 6.07 22.15
C SER A 335 40.80 5.24 23.31
N ASN A 336 40.02 5.91 24.15
CA ASN A 336 39.49 5.25 25.33
C ASN A 336 38.52 4.16 24.91
N MET A 337 37.69 4.44 23.91
CA MET A 337 36.75 3.41 23.50
C MET A 337 37.48 2.21 22.92
N TYR A 338 38.55 2.44 22.15
CA TYR A 338 39.29 1.34 21.56
C TYR A 338 39.95 0.58 22.66
N PHE A 339 40.54 1.32 23.59
CA PHE A 339 41.27 0.72 24.69
C PHE A 339 40.40 -0.20 25.50
N SER A 340 39.17 0.21 25.71
CA SER A 340 38.30 -0.50 26.66
C SER A 340 37.55 -1.64 26.02
N GLN A 341 37.77 -1.90 24.74
CA GLN A 341 37.25 -3.10 24.11
C GLN A 341 38.41 -4.02 23.70
N ILE A 342 39.65 -3.55 23.73
CA ILE A 342 40.78 -4.34 23.18
C ILE A 342 41.03 -5.57 24.03
N GLU A 343 40.73 -5.47 25.32
CA GLU A 343 40.93 -6.59 26.22
C GLU A 343 39.97 -7.72 25.86
N ASP A 344 38.73 -7.39 25.53
CA ASP A 344 37.79 -8.42 25.06
C ASP A 344 38.26 -9.08 23.76
N LEU A 345 38.78 -8.29 22.85
CA LEU A 345 39.31 -8.91 21.64
C LEU A 345 40.48 -9.80 21.96
N MET A 346 41.33 -9.37 22.90
CA MET A 346 42.48 -10.20 23.30
C MET A 346 42.05 -11.54 23.92
N ILE A 347 41.05 -11.54 24.78
CA ILE A 347 40.59 -12.81 25.36
C ILE A 347 40.17 -13.75 24.25
N GLU A 348 39.33 -13.29 23.37
CA GLU A 348 38.80 -14.08 22.29
C GLU A 348 39.89 -14.57 21.36
N MET A 349 40.98 -13.82 21.23
CA MET A 349 42.01 -14.18 20.26
C MET A 349 43.11 -15.01 20.92
N SER A 350 42.66 -16.20 21.34
CA SER A 350 43.49 -17.21 22.00
C SER A 350 44.34 -18.04 21.02
N MET A 351 43.93 -18.06 19.73
CA MET A 351 44.55 -18.91 18.68
C MET A 351 46.05 -18.91 18.72
N TRP A 352 46.61 -20.07 18.43
CA TRP A 352 48.06 -20.29 18.48
C TRP A 352 48.71 -20.36 17.11
N ARG A 353 47.91 -20.64 16.07
CA ARG A 353 48.42 -20.74 14.70
C ARG A 353 48.52 -19.37 14.06
N CYS A 354 49.74 -18.92 13.80
CA CYS A 354 49.90 -17.68 13.07
C CYS A 354 50.82 -17.85 11.91
N ASN A 355 50.74 -16.92 10.96
CA ASN A 355 51.63 -16.92 9.79
C ASN A 355 53.02 -16.41 10.21
N SER A 356 54.03 -16.65 9.39
CA SER A 356 55.39 -16.26 9.84
C SER A 356 55.56 -14.70 9.93
N GLU A 357 54.83 -13.95 9.12
CA GLU A 357 54.89 -12.50 9.23
C GLU A 357 54.49 -12.00 10.63
N LEU A 358 53.44 -12.58 11.19
CA LEU A 358 53.00 -12.19 12.53
C LEU A 358 53.87 -12.85 13.61
N ARG A 359 54.29 -14.08 13.33
CA ARG A 359 55.23 -14.78 14.20
C ARG A 359 56.43 -13.88 14.45
N VAL A 360 57.07 -13.42 13.37
CA VAL A 360 58.26 -12.58 13.47
C VAL A 360 57.98 -11.36 14.35
N ARG A 361 56.89 -10.65 14.05
CA ARG A 361 56.53 -9.43 14.80
C ARG A 361 56.31 -9.72 16.28
N ALA A 362 55.67 -10.85 16.55
CA ALA A 362 55.42 -11.25 17.95
C ALA A 362 56.73 -11.44 18.70
N GLU A 363 57.71 -12.08 18.06
CA GLU A 363 59.03 -12.37 18.70
C GLU A 363 59.74 -11.08 19.11
N GLU A 364 59.79 -10.10 18.19
CA GLU A 364 60.36 -8.77 18.51
C GLU A 364 59.78 -8.24 19.82
N LEU A 365 58.45 -8.21 19.91
CA LEU A 365 57.75 -7.53 21.01
C LEU A 365 57.93 -8.25 22.34
N TYR A 366 57.96 -9.57 22.29
CA TYR A 366 58.26 -10.37 23.46
C TYR A 366 59.65 -10.06 24.13
N ARG A 367 60.60 -9.53 23.33
CA ARG A 367 61.89 -9.13 23.86
C ARG A 367 61.76 -7.76 24.54
N THR A 368 61.26 -6.76 23.82
CA THR A 368 61.11 -5.38 24.32
C THR A 368 59.86 -5.22 25.20
N HIS A 375 49.09 -2.62 34.98
CA HIS A 375 48.13 -1.88 35.80
C HIS A 375 46.75 -1.89 35.14
N TYR A 376 46.47 -2.96 34.41
CA TYR A 376 45.23 -3.08 33.57
C TYR A 376 44.24 -4.08 34.19
N ILE A 377 42.97 -4.06 33.75
CA ILE A 377 41.97 -5.06 34.25
C ILE A 377 42.36 -6.54 33.98
N GLU A 378 42.82 -6.85 32.77
CA GLU A 378 42.91 -8.26 32.36
C GLU A 378 44.30 -8.87 32.17
N PHE A 379 45.15 -8.31 31.33
CA PHE A 379 46.41 -9.02 31.04
C PHE A 379 47.56 -8.25 31.62
N TRP A 380 47.81 -8.53 32.87
CA TRP A 380 48.66 -7.71 33.69
C TRP A 380 50.00 -8.35 33.93
N LYS A 381 50.09 -9.66 33.67
CA LYS A 381 51.37 -10.34 33.51
C LYS A 381 51.80 -10.23 32.04
N ARG A 382 53.11 -10.44 31.80
CA ARG A 382 53.67 -10.57 30.45
C ARG A 382 52.95 -11.66 29.66
N ILE A 383 52.57 -11.32 28.42
CA ILE A 383 51.92 -12.30 27.54
C ILE A 383 52.97 -13.33 27.06
N PRO A 384 52.62 -14.62 27.03
CA PRO A 384 53.57 -15.61 26.52
C PRO A 384 53.58 -15.59 25.01
N PRO A 385 54.65 -16.11 24.38
CA PRO A 385 54.76 -15.99 22.93
C PRO A 385 53.96 -17.08 22.15
N ASN A 386 53.49 -18.13 22.84
CA ASN A 386 52.60 -19.12 22.24
C ASN A 386 51.17 -18.59 22.08
N GLN A 387 50.97 -17.33 22.49
CA GLN A 387 49.73 -16.56 22.31
C GLN A 387 49.99 -15.36 21.38
N PRO A 388 50.33 -15.63 20.12
CA PRO A 388 50.86 -14.56 19.23
C PRO A 388 49.93 -13.36 18.97
N TYR A 389 48.64 -13.63 18.77
CA TYR A 389 47.74 -12.55 18.51
C TYR A 389 47.67 -11.66 19.75
N ARG A 390 47.72 -12.26 20.92
CA ARG A 390 47.70 -11.42 22.11
C ARG A 390 48.95 -10.58 22.25
N VAL A 391 50.09 -11.07 21.78
CA VAL A 391 51.33 -10.29 21.89
C VAL A 391 51.20 -9.03 21.08
N ILE A 392 50.58 -9.12 19.90
CA ILE A 392 50.35 -7.97 18.99
C ILE A 392 49.35 -7.01 19.59
N LEU A 393 48.22 -7.56 20.01
CA LEU A 393 47.14 -6.75 20.51
C LEU A 393 47.54 -6.15 21.85
N GLY A 394 48.34 -6.87 22.63
CA GLY A 394 48.96 -6.28 23.84
C GLY A 394 49.68 -4.98 23.53
N ASP A 395 50.42 -4.96 22.43
CA ASP A 395 51.12 -3.75 22.08
C ASP A 395 50.13 -2.67 21.66
N VAL A 396 49.12 -3.05 20.91
CA VAL A 396 48.12 -2.08 20.51
C VAL A 396 47.42 -1.48 21.72
N ARG A 397 47.10 -2.31 22.68
CA ARG A 397 46.56 -1.80 23.90
C ARG A 397 47.42 -0.69 24.55
N ASP A 398 48.69 -0.98 24.77
CA ASP A 398 49.61 -0.06 25.43
C ASP A 398 49.58 1.25 24.66
N LYS A 399 49.68 1.17 23.34
CA LYS A 399 49.72 2.38 22.51
C LYS A 399 48.44 3.21 22.62
N LEU A 400 47.31 2.53 22.68
CA LEU A 400 46.04 3.17 22.84
C LEU A 400 46.02 3.92 24.17
N TYR A 401 46.51 3.27 25.21
CA TYR A 401 46.55 3.85 26.55
C TYR A 401 47.36 5.12 26.52
N ASN A 402 48.51 5.08 25.87
CA ASN A 402 49.41 6.22 25.80
C ASN A 402 48.78 7.35 24.97
N THR A 403 48.03 6.99 23.93
CA THR A 403 47.37 7.98 23.11
C THR A 403 46.32 8.65 23.92
N ARG A 404 45.60 7.85 24.70
CA ARG A 404 44.54 8.42 25.51
C ARG A 404 45.16 9.31 26.57
N GLU A 405 46.25 8.86 27.21
CA GLU A 405 46.86 9.67 28.27
C GLU A 405 47.47 10.99 27.77
N ARG A 406 48.08 11.00 26.60
CA ARG A 406 48.64 12.24 26.07
C ARG A 406 47.57 13.28 25.96
N SER A 407 46.48 12.93 25.29
CA SER A 407 45.37 13.85 25.22
C SER A 407 44.93 14.32 26.59
N ARG A 408 44.90 13.44 27.60
CA ARG A 408 44.40 13.86 28.90
C ARG A 408 45.33 14.90 29.53
N HIS A 409 46.64 14.67 29.42
CA HIS A 409 47.64 15.61 29.95
C HIS A 409 47.66 16.90 29.16
N LEU A 410 47.68 16.80 27.85
CA LEU A 410 47.54 17.97 27.01
C LEU A 410 46.35 18.79 27.47
N LEU A 411 45.30 18.13 27.92
CA LEU A 411 44.08 18.80 28.27
C LEU A 411 44.13 19.45 29.64
N VAL A 412 44.53 18.69 30.66
CA VAL A 412 44.50 19.19 32.05
C VAL A 412 45.83 19.89 32.47
N ASP A 413 46.97 19.57 31.81
CA ASP A 413 48.28 20.18 32.12
C ASP A 413 48.59 21.36 31.22
N GLY A 414 48.50 21.16 29.91
CA GLY A 414 49.00 22.14 28.97
C GLY A 414 50.02 21.46 28.11
N LYS A 415 50.66 20.42 28.63
CA LYS A 415 51.59 19.62 27.81
C LYS A 415 51.83 18.22 28.40
N SER A 416 52.47 17.37 27.60
CA SER A 416 52.90 16.07 28.03
C SER A 416 54.26 15.81 27.42
N ASP A 417 55.06 15.07 28.17
CA ASP A 417 56.37 14.63 27.72
C ASP A 417 56.28 13.38 26.82
N ILE A 418 55.07 12.81 26.65
CA ILE A 418 54.87 11.54 25.95
C ILE A 418 55.12 11.69 24.44
N PRO A 419 56.01 10.84 23.89
CA PRO A 419 56.48 11.07 22.53
C PRO A 419 55.66 10.37 21.49
N ASP A 420 55.78 10.86 20.26
CA ASP A 420 55.02 10.37 19.09
C ASP A 420 55.06 8.84 18.84
N GLU A 421 56.19 8.21 19.14
CA GLU A 421 56.37 6.80 18.83
C GLU A 421 55.67 5.92 19.87
N ALA A 422 55.40 6.46 21.05
CA ALA A 422 54.66 5.75 22.11
C ALA A 422 53.09 5.74 21.91
N VAL A 423 52.62 6.29 20.78
CA VAL A 423 51.23 6.75 20.64
C VAL A 423 50.78 6.60 19.19
N TYR A 424 49.49 6.60 18.91
CA TYR A 424 49.06 6.65 17.52
C TYR A 424 48.81 8.09 17.10
N THR A 425 49.49 8.53 16.03
CA THR A 425 49.32 9.89 15.45
C THR A 425 48.58 9.83 14.09
N ASN A 426 48.37 8.61 13.58
CA ASN A 426 47.65 8.47 12.33
C ASN A 426 46.97 7.12 12.27
N VAL A 427 45.84 7.06 11.61
CA VAL A 427 44.92 5.94 11.78
C VAL A 427 45.54 4.67 11.21
N GLU A 428 46.46 4.82 10.27
CA GLU A 428 47.04 3.68 9.59
C GLU A 428 47.92 2.93 10.55
N GLN A 429 48.54 3.62 11.49
CA GLN A 429 49.35 2.95 12.47
C GLN A 429 48.49 1.99 13.33
N LEU A 430 47.22 2.30 13.53
CA LEU A 430 46.36 1.43 14.40
C LEU A 430 45.79 0.29 13.60
N LEU A 431 45.38 0.58 12.38
CA LEU A 431 44.98 -0.46 11.44
C LEU A 431 46.09 -1.50 11.18
N GLU A 432 47.30 -1.04 10.98
CA GLU A 432 48.35 -1.92 10.50
C GLU A 432 48.43 -3.24 11.29
N PRO A 433 48.49 -3.18 12.62
CA PRO A 433 48.68 -4.44 13.32
C PRO A 433 47.40 -5.26 13.34
N LEU A 434 46.27 -4.59 13.23
CA LEU A 434 44.99 -5.30 13.12
C LEU A 434 44.83 -5.99 11.76
N GLU A 435 45.29 -5.32 10.69
CA GLU A 435 45.35 -5.96 9.35
C GLU A 435 46.25 -7.20 9.36
N LEU A 436 47.34 -7.12 10.11
CA LEU A 436 48.25 -8.23 10.26
C LEU A 436 47.57 -9.41 10.92
N CYS A 437 46.81 -9.17 11.99
CA CYS A 437 46.09 -10.26 12.61
C CYS A 437 45.09 -10.85 11.62
N TYR A 438 44.37 -9.98 10.90
CA TYR A 438 43.37 -10.43 9.92
C TYR A 438 44.02 -11.38 8.89
N ARG A 439 45.13 -10.94 8.33
CA ARG A 439 45.81 -11.73 7.31
C ARG A 439 46.31 -13.08 7.85
N SER A 440 46.86 -13.04 9.06
CA SER A 440 47.45 -14.22 9.68
C SER A 440 46.38 -15.29 9.88
N LEU A 441 45.21 -14.89 10.35
CA LEU A 441 44.10 -15.83 10.48
C LEU A 441 43.70 -16.38 9.15
N CYS A 442 43.62 -15.53 8.14
CA CYS A 442 43.25 -15.97 6.80
C CYS A 442 44.27 -16.98 6.28
N ASP A 443 45.55 -16.64 6.39
CA ASP A 443 46.64 -17.48 5.89
C ASP A 443 46.71 -18.80 6.63
N CYS A 444 46.26 -18.84 7.89
CA CYS A 444 46.28 -20.09 8.67
C CYS A 444 44.96 -20.88 8.51
N GLY A 445 44.07 -20.47 7.59
CA GLY A 445 42.79 -21.21 7.34
C GLY A 445 41.57 -20.73 8.14
N ASP A 446 41.70 -19.65 8.90
CA ASP A 446 40.63 -19.18 9.82
C ASP A 446 39.94 -17.88 9.35
N HIS A 447 39.74 -17.77 8.04
CA HIS A 447 39.03 -16.64 7.49
C HIS A 447 37.82 -16.33 8.30
N VAL A 448 37.03 -17.35 8.52
CA VAL A 448 35.73 -17.23 9.16
C VAL A 448 35.87 -16.56 10.52
N ILE A 449 36.94 -16.86 11.26
CA ILE A 449 37.11 -16.27 12.59
C ILE A 449 37.49 -14.79 12.48
N ALA A 450 38.34 -14.52 11.49
CA ALA A 450 38.77 -13.19 11.19
C ALA A 450 37.60 -12.29 11.02
N ASP A 451 36.52 -12.81 10.41
CA ASP A 451 35.41 -11.96 9.99
C ASP A 451 34.47 -11.77 11.14
N GLY A 452 34.88 -12.12 12.36
CA GLY A 452 34.02 -11.85 13.52
C GLY A 452 34.42 -10.53 14.13
N SER A 453 34.69 -10.55 15.44
CA SER A 453 35.09 -9.37 16.18
C SER A 453 36.18 -8.55 15.56
N LEU A 454 37.19 -9.24 14.99
CA LEU A 454 38.32 -8.56 14.37
C LEU A 454 37.82 -7.70 13.20
N LEU A 455 36.95 -8.24 12.37
CA LEU A 455 36.43 -7.42 11.29
C LEU A 455 35.56 -6.25 11.86
N ASP A 456 34.73 -6.51 12.86
CA ASP A 456 34.03 -5.39 13.50
C ASP A 456 35.00 -4.26 13.91
N PHE A 457 36.09 -4.63 14.59
CA PHE A 457 37.03 -3.66 15.14
C PHE A 457 37.70 -2.86 14.00
N LEU A 458 38.10 -3.59 12.96
CA LEU A 458 38.69 -2.99 11.77
C LEU A 458 37.75 -1.90 11.24
N ARG A 459 36.47 -2.20 11.17
CA ARG A 459 35.46 -1.25 10.69
C ARG A 459 35.27 -0.02 11.61
N GLN A 460 35.31 -0.27 12.91
CA GLN A 460 35.21 0.81 13.87
C GLN A 460 36.39 1.68 13.73
N VAL A 461 37.56 1.09 13.56
CA VAL A 461 38.76 1.89 13.40
C VAL A 461 38.67 2.71 12.10
N SER A 462 38.11 2.14 11.06
CA SER A 462 38.14 2.80 9.78
C SER A 462 37.09 3.90 9.70
N THR A 463 36.00 3.70 10.40
CA THR A 463 34.95 4.65 10.46
C THR A 463 35.27 5.79 11.45
N PHE A 464 35.67 5.46 12.68
CA PHE A 464 35.92 6.51 13.70
C PHE A 464 37.33 7.04 13.77
N GLY A 465 38.28 6.35 13.17
CA GLY A 465 39.63 6.88 13.15
C GLY A 465 40.16 7.16 14.54
N LEU A 466 41.07 8.11 14.65
CA LEU A 466 41.58 8.51 15.94
C LEU A 466 40.70 9.56 16.62
N SER A 467 39.84 10.23 15.88
CA SER A 467 38.87 11.16 16.45
C SER A 467 37.47 10.81 15.95
N LEU A 468 36.69 10.25 16.85
CA LEU A 468 35.29 9.90 16.61
C LEU A 468 34.53 10.77 15.57
N VAL A 469 34.63 12.08 15.79
CA VAL A 469 34.08 13.09 14.93
C VAL A 469 35.17 14.05 14.55
N LYS A 470 35.12 14.46 13.30
CA LYS A 470 35.94 15.52 12.81
C LYS A 470 35.14 16.75 13.09
N LEU A 471 35.79 17.80 13.56
CA LEU A 471 35.15 19.04 13.89
C LEU A 471 35.11 20.05 12.71
N ASP A 472 33.95 20.63 12.43
CA ASP A 472 33.84 21.76 11.51
C ASP A 472 34.01 23.04 12.30
N ILE A 473 34.69 24.02 11.73
CA ILE A 473 34.77 25.32 12.34
C ILE A 473 33.79 26.15 11.61
N ARG A 474 33.06 27.02 12.30
CA ARG A 474 32.24 27.97 11.56
C ARG A 474 32.30 29.36 12.15
N GLN A 475 32.47 30.33 11.26
CA GLN A 475 32.47 31.73 11.66
C GLN A 475 31.90 32.59 10.48
N GLU A 476 31.34 33.75 10.80
CA GLU A 476 30.68 34.55 9.78
C GLU A 476 31.67 35.37 8.98
N SER A 477 31.32 35.63 7.72
CA SER A 477 32.16 36.36 6.77
C SER A 477 32.63 37.70 7.29
N ASP A 478 31.73 38.42 7.96
CA ASP A 478 32.09 39.78 8.39
C ASP A 478 33.25 39.80 9.44
N ARG A 479 33.41 38.70 10.17
CA ARG A 479 34.52 38.62 11.09
C ARG A 479 35.86 38.57 10.33
N HIS A 480 35.89 37.85 9.24
CA HIS A 480 37.06 37.79 8.41
C HIS A 480 37.33 39.12 7.80
N THR A 481 36.28 39.79 7.36
CA THR A 481 36.45 41.14 6.82
C THR A 481 37.10 42.04 7.85
N GLU A 482 36.61 41.98 9.09
CA GLU A 482 37.12 42.80 10.19
C GLU A 482 38.62 42.50 10.37
N VAL A 483 38.98 41.22 10.32
CA VAL A 483 40.35 40.82 10.54
C VAL A 483 41.22 41.36 9.43
N LEU A 484 40.82 41.17 8.18
CA LEU A 484 41.60 41.71 7.05
C LEU A 484 41.65 43.25 7.04
N ASP A 485 40.58 43.89 7.49
CA ASP A 485 40.56 45.36 7.49
C ASP A 485 41.58 45.87 8.50
N ALA A 486 41.69 45.21 9.63
CA ALA A 486 42.71 45.60 10.60
C ALA A 486 44.11 45.53 9.99
N ILE A 487 44.35 44.46 9.22
CA ILE A 487 45.64 44.21 8.62
C ILE A 487 45.91 45.30 7.59
N THR A 488 44.97 45.55 6.67
CA THR A 488 45.21 46.52 5.61
C THR A 488 45.42 47.93 6.14
N GLN A 489 44.63 48.35 7.12
CA GLN A 489 44.84 49.67 7.68
C GLN A 489 46.23 49.77 8.36
N HIS A 490 46.58 48.76 9.15
CA HIS A 490 47.84 48.76 9.85
C HIS A 490 48.98 48.76 8.87
N LEU A 491 48.83 48.14 7.70
CA LEU A 491 49.88 48.16 6.69
C LEU A 491 49.88 49.49 5.89
N GLY A 492 48.93 50.39 6.14
CA GLY A 492 48.85 51.65 5.43
C GLY A 492 48.39 51.57 3.97
N ILE A 493 47.79 50.44 3.56
CA ILE A 493 47.31 50.31 2.16
C ILE A 493 45.79 50.48 1.98
N GLY A 494 45.11 51.00 3.00
CA GLY A 494 43.69 51.34 2.87
C GLY A 494 42.85 50.34 3.66
N SER A 495 41.57 50.27 3.33
CA SER A 495 40.62 49.56 4.15
C SER A 495 39.97 48.49 3.32
N TYR A 496 40.31 47.25 3.62
CA TYR A 496 39.71 46.14 2.97
C TYR A 496 38.18 46.24 2.99
N ARG A 497 37.63 46.70 4.08
CA ARG A 497 36.18 46.77 4.20
C ARG A 497 35.56 47.72 3.15
N GLU A 498 36.24 48.83 2.91
CA GLU A 498 35.75 49.83 1.95
C GLU A 498 35.92 49.37 0.53
N TRP A 499 36.75 48.37 0.28
CA TRP A 499 37.01 47.99 -1.07
C TRP A 499 35.89 47.23 -1.76
N SER A 500 35.78 47.44 -3.07
CA SER A 500 34.91 46.69 -3.94
C SER A 500 35.30 45.21 -3.98
N GLU A 501 34.38 44.43 -4.48
CA GLU A 501 34.57 43.01 -4.62
C GLU A 501 35.74 42.70 -5.55
N GLU A 502 35.87 43.43 -6.66
CA GLU A 502 36.98 43.23 -7.61
C GLU A 502 38.34 43.54 -6.97
N LYS A 503 38.37 44.58 -6.14
CA LYS A 503 39.59 44.99 -5.49
C LYS A 503 39.94 43.99 -4.41
N ARG A 504 38.94 43.57 -3.64
CA ARG A 504 39.17 42.51 -2.70
C ARG A 504 39.85 41.31 -3.38
N GLN A 505 39.28 40.86 -4.49
CA GLN A 505 39.81 39.67 -5.16
C GLN A 505 41.20 39.90 -5.64
N GLU A 506 41.45 41.04 -6.25
CA GLU A 506 42.76 41.31 -6.76
C GLU A 506 43.84 41.25 -5.62
N TRP A 507 43.55 41.87 -4.49
CA TRP A 507 44.49 41.93 -3.39
C TRP A 507 44.69 40.57 -2.73
N LEU A 508 43.59 39.84 -2.56
CA LEU A 508 43.66 38.53 -2.03
C LEU A 508 44.51 37.56 -2.91
N LEU A 509 44.36 37.61 -4.24
CA LEU A 509 45.10 36.71 -5.13
C LEU A 509 46.56 37.09 -5.13
N ALA A 510 46.88 38.38 -5.06
CA ALA A 510 48.32 38.76 -4.95
C ALA A 510 48.91 38.22 -3.64
N GLU A 511 48.24 38.41 -2.51
CA GLU A 511 48.77 37.94 -1.25
C GLU A 511 48.74 36.42 -1.12
N LEU A 512 47.81 35.75 -1.81
CA LEU A 512 47.81 34.29 -1.78
C LEU A 512 49.05 33.73 -2.49
N SER A 513 49.67 34.50 -3.37
CA SER A 513 51.00 34.12 -3.88
C SER A 513 52.14 34.97 -3.32
N GLY A 514 51.93 35.59 -2.17
CA GLY A 514 52.87 36.56 -1.59
C GLY A 514 54.13 35.93 -1.07
N LYS A 515 55.13 36.75 -0.96
CA LYS A 515 56.41 36.21 -0.65
C LYS A 515 56.79 36.49 0.82
N ARG A 516 55.97 37.29 1.52
CA ARG A 516 56.20 37.54 2.95
C ARG A 516 54.96 37.46 3.71
N PRO A 517 55.06 37.29 5.02
CA PRO A 517 53.80 37.20 5.78
C PRO A 517 53.17 38.58 5.94
N LEU A 518 51.89 38.56 6.27
CA LEU A 518 51.06 39.75 6.44
C LEU A 518 51.11 40.31 7.84
N ILE A 519 51.19 39.43 8.83
CA ILE A 519 50.91 39.84 10.23
C ILE A 519 52.20 40.05 10.96
N GLY A 520 52.49 41.31 11.29
CA GLY A 520 53.60 41.65 12.16
C GLY A 520 53.22 41.61 13.63
N PRO A 521 54.20 41.58 14.54
CA PRO A 521 53.97 41.53 15.99
C PRO A 521 53.19 42.71 16.55
N ASP A 522 53.34 43.86 15.91
CA ASP A 522 52.68 45.08 16.35
C ASP A 522 51.25 45.29 15.79
N LEU A 523 50.70 44.31 15.08
CA LEU A 523 49.31 44.45 14.59
C LEU A 523 48.38 44.66 15.77
N PRO A 524 47.65 45.78 15.80
CA PRO A 524 46.68 45.95 16.87
C PRO A 524 45.40 45.18 16.60
N LYS A 525 44.88 44.62 17.67
CA LYS A 525 43.85 43.58 17.63
C LYS A 525 42.73 43.85 18.65
N THR A 526 41.52 44.11 18.16
CA THR A 526 40.34 44.04 19.01
C THR A 526 40.19 42.60 19.53
N GLU A 527 39.46 42.45 20.62
CA GLU A 527 39.29 41.12 21.18
C GLU A 527 38.67 40.15 20.14
N GLU A 528 37.80 40.66 19.28
CA GLU A 528 37.13 39.80 18.29
C GLU A 528 38.10 39.35 17.20
N VAL A 529 39.00 40.25 16.80
CA VAL A 529 39.96 40.00 15.76
C VAL A 529 40.96 39.01 16.31
N LYS A 530 41.42 39.22 17.52
CA LYS A 530 42.30 38.27 18.19
C LYS A 530 41.68 36.86 18.26
N ASP A 531 40.46 36.79 18.75
CA ASP A 531 39.73 35.52 18.87
C ASP A 531 39.69 34.80 17.51
N CYS A 532 39.46 35.54 16.44
CA CYS A 532 39.40 34.91 15.12
C CYS A 532 40.82 34.47 14.64
N LEU A 533 41.84 35.32 14.84
CA LEU A 533 43.22 34.92 14.49
C LEU A 533 43.72 33.70 15.27
N ASP A 534 43.40 33.65 16.57
CA ASP A 534 43.92 32.59 17.40
C ASP A 534 43.23 31.28 17.08
N THR A 535 42.07 31.35 16.46
CA THR A 535 41.42 30.15 15.98
C THR A 535 42.31 29.49 14.93
N PHE A 536 42.84 30.29 14.01
CA PHE A 536 43.72 29.71 13.00
C PHE A 536 44.99 29.15 13.63
N LYS A 537 45.45 29.78 14.71
CA LYS A 537 46.61 29.26 15.46
C LYS A 537 46.29 27.81 15.88
N VAL A 538 45.11 27.63 16.46
CA VAL A 538 44.70 26.31 16.90
C VAL A 538 44.60 25.30 15.74
N LEU A 539 44.05 25.73 14.62
CA LEU A 539 44.11 24.87 13.43
C LEU A 539 45.52 24.51 13.00
N ALA A 540 46.46 25.45 13.12
CA ALA A 540 47.85 25.18 12.71
C ALA A 540 48.54 24.09 13.50
N GLU A 541 48.08 23.87 14.73
CA GLU A 541 48.84 23.13 15.70
C GLU A 541 48.29 21.76 15.93
N LEU A 542 47.01 21.57 15.72
CA LEU A 542 46.42 20.28 16.03
C LEU A 542 46.49 19.43 14.77
N PRO A 543 46.48 18.11 14.92
CA PRO A 543 46.56 17.26 13.74
C PRO A 543 45.36 17.48 12.84
N SER A 544 45.59 17.33 11.55
CA SER A 544 44.58 17.60 10.55
C SER A 544 43.39 16.63 10.56
N ASP A 545 43.59 15.41 11.07
CA ASP A 545 42.45 14.48 11.28
C ASP A 545 41.50 14.92 12.41
N CYS A 546 41.79 16.00 13.13
CA CYS A 546 40.77 16.55 14.06
C CYS A 546 39.67 17.29 13.32
N PHE A 547 39.89 17.77 12.09
CA PHE A 547 38.98 18.74 11.47
C PHE A 547 38.38 18.29 10.17
N GLY A 548 37.28 18.94 9.83
CA GLY A 548 36.66 18.80 8.55
C GLY A 548 36.70 20.15 7.86
N ALA A 549 35.56 20.86 7.83
CA ALA A 549 35.36 22.08 7.01
C ALA A 549 35.47 23.38 7.82
N TYR A 550 35.80 24.45 7.12
CA TYR A 550 35.67 25.78 7.66
C TYR A 550 34.46 26.33 6.94
N ILE A 551 33.35 26.44 7.65
CA ILE A 551 32.13 26.96 7.07
C ILE A 551 32.10 28.48 7.27
N ILE A 552 31.76 29.22 6.23
CA ILE A 552 31.62 30.65 6.34
C ILE A 552 30.12 30.95 6.37
N SER A 553 29.65 31.37 7.54
CA SER A 553 28.28 31.85 7.70
C SER A 553 28.13 33.19 6.97
N MET A 554 26.92 33.43 6.43
CA MET A 554 26.58 34.67 5.79
C MET A 554 27.49 34.88 4.62
N ALA A 555 27.89 33.83 3.92
CA ALA A 555 28.75 34.04 2.77
C ALA A 555 27.96 34.73 1.65
N THR A 556 28.61 35.62 0.89
CA THR A 556 28.00 36.26 -0.28
C THR A 556 28.91 36.29 -1.48
N SER A 557 30.23 36.15 -1.29
CA SER A 557 31.21 36.45 -2.33
C SER A 557 32.29 35.44 -2.54
N THR A 558 32.85 35.45 -3.74
CA THR A 558 34.15 34.89 -4.00
C THR A 558 35.17 35.34 -2.94
N SER A 559 35.21 36.63 -2.63
CA SER A 559 36.22 37.13 -1.71
C SER A 559 36.03 36.59 -0.32
N ASP A 560 34.78 36.32 0.07
CA ASP A 560 34.56 35.74 1.42
C ASP A 560 35.33 34.45 1.58
N VAL A 561 35.35 33.62 0.52
CA VAL A 561 36.03 32.29 0.52
C VAL A 561 37.52 32.48 0.47
N LEU A 562 38.01 33.38 -0.39
CA LEU A 562 39.45 33.64 -0.52
C LEU A 562 40.05 34.20 0.77
N ALA A 563 39.28 35.02 1.46
CA ALA A 563 39.69 35.59 2.75
C ALA A 563 40.11 34.53 3.77
N VAL A 564 39.32 33.45 3.88
CA VAL A 564 39.64 32.35 4.77
C VAL A 564 40.84 31.60 4.26
N GLU A 565 40.95 31.40 2.95
CA GLU A 565 42.09 30.73 2.41
C GLU A 565 43.36 31.55 2.69
N LEU A 566 43.31 32.86 2.59
CA LEU A 566 44.49 33.69 2.90
C LEU A 566 44.90 33.60 4.38
N LEU A 567 43.94 33.61 5.28
CA LEU A 567 44.27 33.49 6.69
C LEU A 567 44.88 32.11 7.00
N GLN A 568 44.42 31.07 6.33
CA GLN A 568 45.05 29.75 6.55
C GLN A 568 46.47 29.72 6.04
N ARG A 569 46.75 30.36 4.90
CA ARG A 569 48.07 30.28 4.35
C ARG A 569 48.97 31.11 5.25
N GLU A 570 48.43 32.18 5.79
CA GLU A 570 49.25 33.03 6.64
C GLU A 570 49.71 32.30 7.88
N TYR A 571 48.83 31.49 8.48
CA TYR A 571 49.22 30.57 9.55
C TYR A 571 49.95 29.30 9.10
N HIS A 572 50.27 29.16 7.82
CA HIS A 572 51.07 28.02 7.34
C HIS A 572 50.48 26.67 7.75
N ILE A 573 49.16 26.52 7.71
CA ILE A 573 48.50 25.24 8.11
C ILE A 573 48.86 24.17 7.06
N LYS A 574 49.52 23.11 7.48
CA LYS A 574 50.09 22.16 6.56
C LYS A 574 48.97 21.59 5.67
N HIS A 575 47.79 21.36 6.27
CA HIS A 575 46.63 20.79 5.56
C HIS A 575 45.43 21.67 5.83
N PRO A 576 45.28 22.73 5.03
CA PRO A 576 44.23 23.66 5.20
C PRO A 576 42.90 23.00 5.11
N LEU A 577 41.98 23.40 5.98
CA LEU A 577 40.59 22.93 5.91
C LEU A 577 39.97 23.42 4.60
N ARG A 578 39.10 22.60 4.00
CA ARG A 578 38.35 23.07 2.84
C ARG A 578 37.42 24.24 3.26
N VAL A 579 37.22 25.21 2.38
CA VAL A 579 36.41 26.38 2.72
C VAL A 579 35.02 26.24 2.03
N VAL A 580 33.98 26.35 2.83
CA VAL A 580 32.64 26.00 2.46
C VAL A 580 31.73 27.21 2.77
N PRO A 581 31.21 27.89 1.75
CA PRO A 581 30.33 28.99 2.00
C PRO A 581 28.95 28.53 2.31
N LEU A 582 28.34 29.18 3.31
CA LEU A 582 26.91 29.01 3.63
C LEU A 582 26.22 30.28 3.09
N PHE A 583 25.50 30.15 1.97
CA PHE A 583 24.70 31.28 1.47
C PHE A 583 23.30 31.21 2.09
N GLU A 584 22.92 32.23 2.84
CA GLU A 584 21.72 32.25 3.67
C GLU A 584 20.49 32.97 3.10
N LYS A 585 20.59 34.23 2.75
CA LYS A 585 19.41 34.94 2.20
C LYS A 585 19.09 34.54 0.76
N LEU A 586 17.86 34.76 0.36
CA LEU A 586 17.49 34.51 -1.01
C LEU A 586 18.45 35.23 -1.97
N ALA A 587 18.70 36.52 -1.75
CA ALA A 587 19.61 37.29 -2.62
C ALA A 587 21.03 36.64 -2.66
N ASP A 588 21.46 36.04 -1.55
CA ASP A 588 22.77 35.40 -1.48
C ASP A 588 22.77 34.15 -2.30
N LEU A 589 21.68 33.37 -2.18
CA LEU A 589 21.50 32.15 -2.99
C LEU A 589 21.53 32.49 -4.51
N GLU A 590 20.86 33.59 -4.87
CA GLU A 590 20.86 34.11 -6.24
C GLU A 590 22.24 34.56 -6.70
N ALA A 591 23.07 35.10 -5.81
CA ALA A 591 24.46 35.51 -6.19
C ALA A 591 25.49 34.34 -6.08
N ALA A 592 25.07 33.17 -5.60
CA ALA A 592 26.03 32.08 -5.38
C ALA A 592 26.60 31.57 -6.66
N PRO A 593 25.78 31.31 -7.67
CA PRO A 593 26.32 30.85 -8.97
C PRO A 593 27.49 31.69 -9.51
N ALA A 594 27.30 33.00 -9.64
CA ALA A 594 28.40 33.85 -10.14
C ALA A 594 29.63 33.78 -9.23
N ALA A 595 29.42 33.66 -7.92
CA ALA A 595 30.51 33.54 -6.98
C ALA A 595 31.32 32.23 -7.15
N MET A 596 30.63 31.13 -7.42
CA MET A 596 31.31 29.85 -7.61
C MET A 596 32.01 29.78 -8.97
N THR A 597 31.33 30.32 -9.99
CA THR A 597 31.93 30.49 -11.28
C THR A 597 33.27 31.20 -11.19
N ARG A 598 33.31 32.30 -10.46
CA ARG A 598 34.52 33.06 -10.33
C ARG A 598 35.57 32.25 -9.54
N LEU A 599 35.21 31.68 -8.41
CA LEU A 599 36.17 30.82 -7.70
C LEU A 599 36.73 29.76 -8.61
N PHE A 600 35.85 29.10 -9.35
CA PHE A 600 36.30 27.99 -10.17
C PHE A 600 37.09 28.50 -11.35
N SER A 601 37.00 29.79 -11.68
CA SER A 601 37.77 30.35 -12.81
C SER A 601 39.18 30.69 -12.43
N MET A 602 39.47 30.78 -11.11
CA MET A 602 40.79 31.26 -10.60
C MET A 602 41.74 30.10 -10.48
N ASP A 603 42.87 30.19 -11.19
CA ASP A 603 43.93 29.14 -11.20
C ASP A 603 44.36 28.77 -9.78
N TRP A 604 44.56 29.77 -8.94
CA TRP A 604 45.09 29.52 -7.62
C TRP A 604 44.09 28.66 -6.86
N TYR A 605 42.81 28.98 -6.97
CA TYR A 605 41.77 28.25 -6.21
C TYR A 605 41.54 26.84 -6.73
N ARG A 606 41.49 26.68 -8.04
CA ARG A 606 41.30 25.36 -8.67
C ARG A 606 42.38 24.43 -8.30
N ASN A 607 43.59 24.97 -8.29
CA ASN A 607 44.75 24.20 -7.92
C ASN A 607 44.66 23.78 -6.45
N ARG A 608 44.25 24.72 -5.60
CA ARG A 608 44.04 24.46 -4.18
C ARG A 608 42.94 23.43 -3.87
N ILE A 609 41.89 23.45 -4.67
CA ILE A 609 40.67 22.66 -4.40
C ILE A 609 40.79 21.22 -4.89
N ASP A 610 41.71 20.99 -5.83
CA ASP A 610 42.01 19.66 -6.33
C ASP A 610 40.77 18.84 -6.70
N GLY A 611 39.91 19.46 -7.49
CA GLY A 611 38.73 18.79 -8.07
C GLY A 611 37.50 18.66 -7.18
N LYS A 612 37.49 19.30 -6.01
CA LYS A 612 36.44 19.10 -4.98
C LYS A 612 36.04 20.39 -4.30
N GLN A 613 34.73 20.60 -4.18
CA GLN A 613 34.19 21.71 -3.45
C GLN A 613 32.93 21.35 -2.74
N GLU A 614 32.79 21.90 -1.54
CA GLU A 614 31.59 21.75 -0.75
C GLU A 614 30.93 23.13 -0.60
N VAL A 615 29.60 23.17 -0.73
CA VAL A 615 28.82 24.35 -0.50
C VAL A 615 27.74 24.01 0.52
N MET A 616 27.45 24.91 1.44
CA MET A 616 26.41 24.65 2.42
C MET A 616 25.18 25.44 2.16
N ILE A 617 24.00 24.82 2.42
CA ILE A 617 22.68 25.48 2.35
C ILE A 617 22.01 25.34 3.69
N GLY A 618 21.22 26.32 4.09
CA GLY A 618 20.54 26.30 5.38
C GLY A 618 19.06 26.65 5.23
N TYR A 619 18.22 25.63 5.32
CA TYR A 619 16.81 25.79 5.03
C TYR A 619 16.15 26.77 5.99
N SER A 620 16.49 26.68 7.27
CA SER A 620 15.84 27.48 8.30
C SER A 620 16.28 28.90 8.11
N ASP A 621 17.56 29.08 7.77
CA ASP A 621 18.09 30.41 7.57
C ASP A 621 17.38 31.10 6.41
N SER A 622 17.35 30.44 5.26
CA SER A 622 16.69 31.01 4.08
C SER A 622 15.21 31.26 4.29
N GLY A 623 14.60 30.37 5.01
CA GLY A 623 13.19 30.53 5.32
C GLY A 623 12.87 31.68 6.24
N LYS A 624 13.84 32.08 7.05
CA LYS A 624 13.70 33.29 7.89
C LYS A 624 13.67 34.55 7.01
N ASP A 625 14.47 34.56 5.95
CA ASP A 625 14.56 35.70 5.01
C ASP A 625 13.34 35.82 4.08
N ALA A 626 12.79 34.68 3.66
CA ALA A 626 11.96 34.69 2.49
C ALA A 626 10.71 33.83 2.62
N GLY A 627 10.57 33.11 3.74
CA GLY A 627 9.43 32.24 3.94
C GLY A 627 9.86 30.86 3.47
N ARG A 628 9.32 29.84 4.11
CA ARG A 628 9.75 28.49 3.88
C ARG A 628 9.45 27.96 2.44
N PHE A 629 8.29 28.32 1.85
CA PHE A 629 7.99 27.90 0.49
C PHE A 629 9.00 28.43 -0.51
N SER A 630 9.25 29.71 -0.45
CA SER A 630 10.14 30.30 -1.43
C SER A 630 11.57 29.86 -1.19
N ALA A 631 11.95 29.58 0.07
CA ALA A 631 13.29 29.03 0.32
C ALA A 631 13.34 27.64 -0.25
N ALA A 632 12.26 26.88 -0.10
CA ALA A 632 12.35 25.46 -0.54
C ALA A 632 12.59 25.44 -2.06
N TRP A 633 11.78 26.21 -2.80
CA TRP A 633 11.91 26.23 -4.21
C TRP A 633 13.24 26.82 -4.61
N GLN A 634 13.63 27.95 -4.03
CA GLN A 634 14.88 28.53 -4.44
C GLN A 634 16.02 27.53 -4.17
N LEU A 635 15.96 26.76 -3.08
CA LEU A 635 17.08 25.92 -2.75
C LEU A 635 17.18 24.81 -3.75
N TYR A 636 16.03 24.36 -4.23
CA TYR A 636 15.99 23.35 -5.28
C TYR A 636 16.69 23.87 -6.52
N LYS A 637 16.36 25.09 -6.93
CA LYS A 637 16.94 25.66 -8.14
C LYS A 637 18.42 25.95 -7.99
N THR A 638 18.80 26.56 -6.89
CA THR A 638 20.20 26.89 -6.68
C THR A 638 21.07 25.65 -6.73
N GLN A 639 20.60 24.55 -6.21
CA GLN A 639 21.41 23.35 -6.22
C GLN A 639 21.55 22.85 -7.65
N GLU A 640 20.46 22.82 -8.41
CA GLU A 640 20.55 22.50 -9.84
C GLU A 640 21.66 23.31 -10.48
N GLN A 641 21.61 24.63 -10.25
CA GLN A 641 22.51 25.55 -10.99
C GLN A 641 23.96 25.35 -10.59
N ILE A 642 24.23 25.10 -9.31
CA ILE A 642 25.60 24.88 -8.86
C ILE A 642 26.14 23.50 -9.28
N VAL A 643 25.26 22.52 -9.31
CA VAL A 643 25.62 21.23 -9.89
C VAL A 643 26.09 21.43 -11.32
N LYS A 644 25.36 22.19 -12.12
CA LYS A 644 25.68 22.36 -13.51
C LYS A 644 27.05 23.05 -13.61
N ILE A 645 27.23 24.09 -12.83
CA ILE A 645 28.47 24.80 -12.90
C ILE A 645 29.67 23.90 -12.52
N ALA A 646 29.51 23.12 -11.47
CA ALA A 646 30.55 22.19 -11.06
C ALA A 646 30.94 21.26 -12.18
N LYS A 647 29.96 20.71 -12.87
CA LYS A 647 30.21 19.79 -13.98
C LYS A 647 31.04 20.48 -15.02
N GLU A 648 30.57 21.65 -15.42
CA GLU A 648 31.23 22.44 -16.47
C GLU A 648 32.70 22.62 -16.17
N PHE A 649 33.07 22.83 -14.92
CA PHE A 649 34.46 23.07 -14.55
C PHE A 649 35.12 21.76 -14.11
N GLY A 650 34.47 20.61 -14.24
CA GLY A 650 35.10 19.36 -13.79
C GLY A 650 35.42 19.34 -12.29
N VAL A 651 34.50 19.87 -11.48
CA VAL A 651 34.61 19.86 -10.03
C VAL A 651 33.52 19.02 -9.42
N LYS A 652 33.90 18.12 -8.50
CA LYS A 652 32.94 17.30 -7.76
C LYS A 652 32.39 18.15 -6.66
N LEU A 653 31.08 18.24 -6.60
CA LEU A 653 30.38 19.15 -5.69
C LEU A 653 29.70 18.35 -4.55
N VAL A 654 29.92 18.76 -3.28
CA VAL A 654 29.17 18.23 -2.17
C VAL A 654 28.26 19.34 -1.67
N ILE A 655 26.93 19.08 -1.61
CA ILE A 655 25.99 19.97 -0.99
C ILE A 655 25.84 19.50 0.43
N PHE A 656 26.17 20.37 1.37
CA PHE A 656 26.04 20.07 2.79
C PHE A 656 24.74 20.65 3.26
N HIS A 657 23.89 19.79 3.80
CA HIS A 657 22.57 20.20 4.19
C HIS A 657 22.50 20.60 5.60
N GLY A 658 22.34 21.91 5.81
CA GLY A 658 22.13 22.48 7.12
C GLY A 658 20.78 22.18 7.64
N ARG A 659 20.49 22.68 8.80
CA ARG A 659 19.25 22.33 9.42
C ARG A 659 18.01 22.90 8.76
N GLY A 660 16.88 22.28 9.09
CA GLY A 660 15.57 22.77 8.67
C GLY A 660 14.98 22.10 7.45
N GLY A 661 15.71 21.27 6.75
CA GLY A 661 15.13 20.57 5.59
C GLY A 661 14.29 19.32 5.88
N THR A 662 13.63 18.84 4.84
CA THR A 662 12.87 17.61 4.91
C THR A 662 13.77 16.44 5.26
N VAL A 663 15.01 16.60 4.88
CA VAL A 663 16.04 15.56 5.02
C VAL A 663 16.45 15.44 6.49
N GLY A 664 16.14 16.47 7.28
CA GLY A 664 16.43 16.48 8.68
C GLY A 664 15.31 15.94 9.57
N ARG A 665 14.26 15.36 9.01
CA ARG A 665 13.15 14.91 9.84
C ARG A 665 13.47 13.67 10.66
N GLY A 666 14.34 12.85 10.12
CA GLY A 666 14.61 11.54 10.70
C GLY A 666 13.50 10.55 10.41
N GLY A 667 13.79 9.29 10.57
CA GLY A 667 12.81 8.26 10.30
C GLY A 667 12.57 8.04 8.82
N GLY A 668 11.47 7.41 8.52
CA GLY A 668 11.05 7.18 7.16
C GLY A 668 11.10 8.41 6.30
N PRO A 669 10.59 9.54 6.83
CA PRO A 669 10.51 10.71 5.95
C PRO A 669 11.82 11.15 5.40
N THR A 670 12.88 10.91 6.15
CA THR A 670 14.19 11.25 5.68
C THR A 670 14.58 10.48 4.43
N HIS A 671 14.11 9.28 4.33
CA HIS A 671 14.43 8.44 3.20
C HIS A 671 13.87 9.02 1.91
N LEU A 672 12.56 9.32 1.82
CA LEU A 672 12.02 9.97 0.60
C LEU A 672 12.62 11.36 0.40
N ALA A 673 12.89 12.04 1.52
CA ALA A 673 13.51 13.40 1.43
C ALA A 673 14.80 13.35 0.59
N LEU A 674 15.69 12.44 0.97
CA LEU A 674 16.91 12.21 0.20
C LEU A 674 16.66 11.83 -1.28
N LEU A 675 15.69 10.97 -1.55
CA LEU A 675 15.48 10.54 -2.93
C LEU A 675 14.87 11.66 -3.76
N SER A 676 14.36 12.68 -3.08
CA SER A 676 13.72 13.88 -3.71
C SER A 676 14.67 14.91 -4.20
N GLN A 677 15.90 14.82 -3.73
CA GLN A 677 16.94 15.72 -4.16
C GLN A 677 17.00 15.87 -5.64
N PRO A 678 17.30 17.07 -6.08
CA PRO A 678 17.56 17.24 -7.48
C PRO A 678 18.66 16.29 -8.03
N PRO A 679 18.49 15.86 -9.30
CA PRO A 679 19.42 14.96 -9.93
C PRO A 679 20.85 15.40 -9.73
N ASP A 680 21.72 14.45 -9.45
CA ASP A 680 23.19 14.72 -9.34
C ASP A 680 23.70 15.67 -8.22
N THR A 681 22.84 16.01 -7.25
CA THR A 681 23.20 16.82 -6.09
C THR A 681 23.81 15.96 -5.01
N ILE A 682 23.84 14.65 -5.17
CA ILE A 682 24.44 13.75 -4.18
C ILE A 682 25.67 13.10 -4.79
N ASN A 683 25.47 12.41 -5.91
CA ASN A 683 26.56 11.93 -6.67
C ASN A 683 27.59 11.24 -5.81
N GLY A 684 27.16 10.30 -4.99
CA GLY A 684 28.09 9.44 -4.23
C GLY A 684 28.55 9.98 -2.88
N SER A 685 28.22 11.22 -2.56
CA SER A 685 28.69 11.87 -1.36
C SER A 685 27.62 12.70 -0.67
N LEU A 686 27.07 12.17 0.42
CA LEU A 686 26.10 12.85 1.23
C LEU A 686 26.72 13.45 2.46
N ARG A 687 26.31 14.67 2.78
CA ARG A 687 26.77 15.36 3.99
C ARG A 687 25.57 16.09 4.50
N VAL A 688 25.02 15.63 5.63
CA VAL A 688 23.81 16.21 6.24
C VAL A 688 23.95 16.43 7.73
N THR A 689 23.23 17.43 8.20
CA THR A 689 23.08 17.70 9.58
C THR A 689 22.09 16.73 10.24
N VAL A 690 22.53 16.15 11.32
CA VAL A 690 21.60 15.51 12.25
C VAL A 690 21.38 16.51 13.37
N GLN A 691 20.17 17.02 13.45
CA GLN A 691 19.88 18.14 14.31
C GLN A 691 19.78 17.64 15.71
N GLY A 692 20.25 18.44 16.66
CA GLY A 692 20.29 18.00 18.07
C GLY A 692 18.99 17.53 18.62
N GLU A 693 17.89 18.09 18.12
CA GLU A 693 16.57 17.76 18.68
C GLU A 693 16.04 16.47 18.05
N VAL A 694 16.79 15.89 17.12
CA VAL A 694 16.37 14.67 16.46
C VAL A 694 17.35 13.51 16.81
N ILE A 695 18.48 13.80 17.48
CA ILE A 695 19.53 12.79 17.67
C ILE A 695 18.99 11.65 18.49
N GLU A 696 18.21 11.96 19.52
CA GLU A 696 17.65 10.93 20.36
C GLU A 696 16.78 9.97 19.56
N GLN A 697 15.88 10.51 18.74
CA GLN A 697 15.03 9.65 17.88
C GLN A 697 15.83 8.81 16.90
N SER A 698 16.92 9.38 16.38
CA SER A 698 17.63 8.73 15.30
C SER A 698 18.58 7.65 15.85
N PHE A 699 19.16 7.91 17.03
CA PHE A 699 20.20 7.03 17.55
C PHE A 699 20.03 6.53 19.00
N GLY A 700 18.98 6.91 19.73
CA GLY A 700 18.88 6.41 21.12
C GLY A 700 18.59 4.93 21.27
N GLU A 701 17.88 4.33 20.33
CA GLU A 701 17.46 2.95 20.43
C GLU A 701 18.17 2.18 19.36
N GLU A 702 18.64 0.98 19.67
CA GLU A 702 19.60 0.29 18.76
C GLU A 702 19.03 0.00 17.36
N HIS A 703 17.76 -0.38 17.28
CA HIS A 703 17.11 -0.66 15.99
C HIS A 703 16.94 0.61 15.22
N LEU A 704 16.58 1.71 15.88
CA LEU A 704 16.36 2.94 15.14
C LEU A 704 17.71 3.44 14.63
N CYS A 705 18.75 3.15 15.40
CA CYS A 705 20.08 3.54 14.99
C CYS A 705 20.48 2.88 13.71
N PHE A 706 20.35 1.56 13.73
CA PHE A 706 20.59 0.72 12.59
C PHE A 706 19.80 1.26 11.40
N ARG A 707 18.52 1.56 11.59
CA ARG A 707 17.73 1.96 10.44
C ARG A 707 18.00 3.37 9.92
N THR A 708 18.46 4.24 10.80
CA THR A 708 18.93 5.54 10.38
C THR A 708 20.16 5.33 9.50
N LEU A 709 21.11 4.54 9.95
CA LEU A 709 22.32 4.39 9.14
C LEU A 709 21.94 3.77 7.81
N GLN A 710 21.04 2.81 7.83
CA GLN A 710 20.66 2.11 6.61
C GLN A 710 20.02 3.05 5.57
N ARG A 711 19.10 3.92 6.00
CA ARG A 711 18.39 4.72 5.02
C ARG A 711 19.29 5.82 4.49
N PHE A 712 20.18 6.36 5.31
CA PHE A 712 21.13 7.29 4.75
C PHE A 712 22.01 6.61 3.70
N CYS A 713 22.39 5.34 3.91
CA CYS A 713 23.24 4.65 2.92
C CYS A 713 22.45 4.18 1.68
N ALA A 714 21.23 3.70 1.91
CA ALA A 714 20.40 3.18 0.84
C ALA A 714 19.99 4.32 -0.10
N ALA A 715 19.55 5.42 0.49
CA ALA A 715 19.03 6.53 -0.27
C ALA A 715 20.14 7.16 -1.10
N THR A 716 21.33 7.27 -0.55
CA THR A 716 22.43 7.91 -1.21
C THR A 716 22.83 7.08 -2.42
N LEU A 717 22.93 5.78 -2.25
CA LEU A 717 23.31 4.92 -3.35
C LEU A 717 22.29 5.02 -4.44
N GLU A 718 21.00 4.91 -4.08
CA GLU A 718 19.98 4.87 -5.07
C GLU A 718 19.85 6.16 -5.90
N HIS A 719 19.97 7.30 -5.22
CA HIS A 719 19.70 8.55 -5.85
C HIS A 719 20.62 8.81 -7.01
N GLY A 720 21.87 8.36 -6.90
CA GLY A 720 22.90 8.54 -7.95
C GLY A 720 22.61 7.74 -9.22
N MET A 721 21.79 6.69 -9.12
CA MET A 721 21.39 5.81 -10.24
C MET A 721 19.93 5.87 -10.59
N ASN A 722 19.15 6.59 -9.78
CA ASN A 722 17.68 6.61 -9.96
C ASN A 722 17.12 7.92 -9.48
N PRO A 723 17.41 9.00 -10.21
CA PRO A 723 16.97 10.34 -9.84
C PRO A 723 15.46 10.49 -9.85
N PRO A 724 14.91 11.40 -9.03
CA PRO A 724 13.46 11.62 -9.13
C PRO A 724 13.16 12.26 -10.48
N ILE A 725 11.91 12.18 -10.93
CA ILE A 725 11.53 12.84 -12.19
C ILE A 725 11.85 14.28 -12.05
N SER A 726 12.20 14.90 -13.16
CA SER A 726 12.41 16.34 -13.18
C SER A 726 11.05 17.00 -13.41
N PRO A 727 10.89 18.19 -12.87
CA PRO A 727 9.62 18.85 -12.95
C PRO A 727 9.23 19.23 -14.39
N ARG A 728 7.95 19.08 -14.69
CA ARG A 728 7.37 19.56 -15.91
C ARG A 728 7.46 21.07 -15.95
N PRO A 729 7.56 21.65 -17.13
CA PRO A 729 7.75 23.11 -17.21
C PRO A 729 6.62 23.94 -16.58
N GLU A 730 5.39 23.43 -16.62
CA GLU A 730 4.23 24.10 -16.04
C GLU A 730 4.43 24.20 -14.56
N TRP A 731 4.95 23.15 -13.97
CA TRP A 731 5.21 23.13 -12.57
C TRP A 731 6.21 24.18 -12.17
N ARG A 732 7.34 24.30 -12.89
CA ARG A 732 8.33 25.35 -12.58
C ARG A 732 7.72 26.73 -12.64
N GLU A 733 6.99 26.97 -13.72
CA GLU A 733 6.36 28.27 -13.93
C GLU A 733 5.45 28.58 -12.76
N LEU A 734 4.60 27.62 -12.40
CA LEU A 734 3.72 27.85 -11.27
C LEU A 734 4.57 28.06 -9.99
N MET A 735 5.58 27.22 -9.78
CA MET A 735 6.39 27.38 -8.57
C MET A 735 7.01 28.77 -8.54
N ASP A 736 7.52 29.24 -9.66
CA ASP A 736 8.06 30.61 -9.69
C ASP A 736 6.98 31.65 -9.33
N GLN A 737 5.81 31.51 -9.94
CA GLN A 737 4.77 32.48 -9.67
C GLN A 737 4.42 32.40 -8.19
N MET A 738 4.37 31.20 -7.63
CA MET A 738 3.96 31.05 -6.25
C MET A 738 5.02 31.59 -5.29
N ALA A 739 6.28 31.48 -5.66
CA ALA A 739 7.36 31.99 -4.83
C ALA A 739 7.24 33.50 -4.66
N VAL A 740 6.95 34.21 -5.74
CA VAL A 740 6.86 35.66 -5.68
C VAL A 740 5.81 36.00 -4.65
N VAL A 741 4.63 35.39 -4.76
CA VAL A 741 3.55 35.71 -3.85
C VAL A 741 3.83 35.26 -2.41
N ALA A 742 4.45 34.11 -2.20
CA ALA A 742 4.69 33.66 -0.81
C ALA A 742 5.64 34.58 -0.11
N THR A 743 6.71 34.95 -0.77
CA THR A 743 7.70 35.85 -0.24
C THR A 743 7.08 37.26 0.05
N GLU A 744 6.21 37.74 -0.80
CA GLU A 744 5.54 39.00 -0.54
C GLU A 744 4.69 38.89 0.77
N GLU A 745 3.96 37.80 0.93
CA GLU A 745 3.10 37.73 2.09
C GLU A 745 4.02 37.63 3.30
N TYR A 746 4.96 36.68 3.29
CA TYR A 746 5.84 36.46 4.45
C TYR A 746 6.60 37.74 4.84
N ARG A 747 7.23 38.37 3.89
CA ARG A 747 7.98 39.59 4.20
C ARG A 747 7.07 40.73 4.64
N SER A 748 5.84 40.80 4.14
CA SER A 748 5.00 41.93 4.51
C SER A 748 4.55 41.81 5.96
N VAL A 749 4.33 40.59 6.42
CA VAL A 749 4.04 40.31 7.83
C VAL A 749 5.27 40.47 8.70
N VAL A 750 6.40 39.89 8.30
CA VAL A 750 7.52 39.73 9.20
C VAL A 750 8.40 40.96 9.26
N PHE A 751 8.49 41.70 8.17
CA PHE A 751 9.44 42.81 8.09
C PHE A 751 8.86 44.19 7.87
N LYS A 752 7.71 44.29 7.21
CA LYS A 752 7.12 45.59 6.85
C LYS A 752 6.07 46.02 7.84
N GLU A 753 5.32 45.10 8.42
CA GLU A 753 4.45 45.44 9.54
C GLU A 753 5.22 46.01 10.70
N PRO A 754 4.97 47.28 11.02
CA PRO A 754 5.86 47.96 11.95
C PRO A 754 5.76 47.41 13.36
N ARG A 755 4.62 46.83 13.68
CA ARG A 755 4.38 46.33 15.02
C ARG A 755 4.56 44.81 15.12
N PHE A 756 5.15 44.21 14.09
CA PHE A 756 5.27 42.75 14.12
C PHE A 756 6.25 42.35 15.22
N VAL A 757 7.38 43.02 15.26
CA VAL A 757 8.37 42.63 16.25
C VAL A 757 7.73 42.75 17.63
N GLU A 758 7.05 43.86 17.87
CA GLU A 758 6.42 44.13 19.17
C GLU A 758 5.41 43.04 19.56
N TYR A 759 4.62 42.59 18.57
CA TYR A 759 3.74 41.45 18.75
C TYR A 759 4.50 40.20 19.13
N PHE A 760 5.53 39.91 18.37
CA PHE A 760 6.36 38.74 18.58
C PHE A 760 6.91 38.70 20.02
N ARG A 761 7.34 39.84 20.54
CA ARG A 761 7.94 39.86 21.87
C ARG A 761 6.93 39.66 22.99
N LEU A 762 5.65 39.94 22.72
CA LEU A 762 4.60 39.67 23.70
C LEU A 762 3.96 38.28 23.52
N ALA A 763 3.71 37.86 22.27
CA ALA A 763 2.94 36.57 22.05
C ALA A 763 3.74 35.29 22.32
N THR A 764 5.03 35.46 22.45
CA THR A 764 6.00 34.43 22.32
C THR A 764 7.01 34.62 23.44
N PRO A 765 7.61 33.53 23.92
CA PRO A 765 8.65 33.62 24.95
C PRO A 765 10.05 33.90 24.44
N GLU A 766 10.14 34.48 23.28
CA GLU A 766 11.42 34.76 22.68
C GLU A 766 12.41 35.47 23.61
N LEU A 767 11.98 36.55 24.24
CA LEU A 767 12.88 37.38 25.04
C LEU A 767 13.42 36.58 26.22
N GLU A 768 12.55 35.78 26.86
CA GLU A 768 12.94 35.01 28.02
C GLU A 768 13.87 33.87 27.60
N PHE A 769 13.73 33.42 26.36
CA PHE A 769 14.64 32.43 25.83
C PHE A 769 16.09 32.94 25.82
N GLY A 770 16.34 34.25 25.64
CA GLY A 770 17.66 34.85 25.99
C GLY A 770 18.11 34.54 27.42
N ARG A 771 18.61 33.28 27.65
CA ARG A 771 18.85 32.57 28.97
C ARG A 771 18.67 31.03 28.97
N GLY A 785 19.11 45.57 15.31
CA GLY A 785 18.09 45.17 14.33
C GLY A 785 16.96 44.36 14.96
N GLY A 786 16.02 43.89 14.12
CA GLY A 786 14.85 43.10 14.54
C GLY A 786 14.94 41.64 14.10
N ILE A 787 13.95 41.10 13.40
CA ILE A 787 13.95 39.69 12.96
C ILE A 787 15.11 39.25 12.05
N GLU A 788 15.55 40.13 11.15
CA GLU A 788 16.70 39.87 10.28
C GLU A 788 17.90 39.47 11.16
N SER A 789 17.99 40.10 12.32
CA SER A 789 19.14 39.98 13.16
C SER A 789 19.00 38.81 14.13
N LEU A 790 17.79 38.35 14.33
CA LEU A 790 17.54 37.26 15.23
C LEU A 790 17.97 35.99 14.48
N ARG A 791 18.56 35.05 15.22
CA ARG A 791 19.03 33.77 14.61
C ARG A 791 17.85 32.84 14.35
N ALA A 792 18.06 31.91 13.43
CA ALA A 792 17.04 31.00 13.00
C ALA A 792 16.48 30.07 14.10
N ILE A 793 17.34 29.59 14.99
CA ILE A 793 16.88 28.67 16.01
C ILE A 793 15.83 29.34 16.93
N PRO A 794 16.13 30.55 17.44
CA PRO A 794 15.17 31.23 18.33
C PRO A 794 13.88 31.62 17.61
N TRP A 795 14.00 31.92 16.32
CA TRP A 795 12.82 32.17 15.49
C TRP A 795 11.93 30.99 15.43
N ILE A 796 12.42 29.83 14.99
CA ILE A 796 11.54 28.63 14.97
C ILE A 796 11.05 28.28 16.38
N PHE A 797 11.96 28.29 17.32
CA PHE A 797 11.64 27.85 18.67
C PHE A 797 10.48 28.68 19.30
N SER A 798 10.55 30.00 19.18
CA SER A 798 9.66 30.86 19.88
C SER A 798 8.21 30.61 19.45
N TRP A 799 8.01 30.42 18.15
CA TRP A 799 6.69 30.06 17.64
C TRP A 799 6.28 28.62 17.88
N THR A 800 7.25 27.73 17.98
CA THR A 800 6.95 26.35 18.34
C THR A 800 6.43 26.33 19.82
N GLN A 801 7.01 27.13 20.68
CA GLN A 801 6.53 27.14 22.06
C GLN A 801 5.06 27.57 22.23
N THR A 802 4.54 28.23 21.22
CA THR A 802 3.18 28.75 21.23
C THR A 802 2.18 27.84 20.52
N ARG A 803 2.71 26.78 19.93
CA ARG A 803 1.94 25.81 19.17
C ARG A 803 1.38 26.44 17.93
N PHE A 804 2.05 27.47 17.44
CA PHE A 804 1.52 28.23 16.35
C PHE A 804 2.35 28.11 15.08
N HIS A 805 3.66 28.01 15.19
CA HIS A 805 4.55 27.64 14.06
C HIS A 805 4.54 28.52 12.87
N LEU A 806 4.24 29.79 13.07
CA LEU A 806 4.21 30.74 11.96
C LEU A 806 5.38 30.58 10.97
N PRO A 807 6.60 30.36 11.45
CA PRO A 807 7.72 30.35 10.49
C PRO A 807 7.72 29.22 9.45
N VAL A 808 6.93 28.20 9.72
CA VAL A 808 6.94 27.04 8.87
C VAL A 808 5.95 27.19 7.76
N TRP A 809 4.73 27.69 8.05
CA TRP A 809 3.65 27.75 7.03
C TRP A 809 3.39 29.06 6.39
N LEU A 810 3.92 30.17 6.95
CA LEU A 810 3.55 31.52 6.50
C LEU A 810 4.08 31.77 5.14
N GLY A 811 3.15 32.11 4.27
CA GLY A 811 3.44 32.25 2.85
C GLY A 811 2.82 31.15 1.99
N PHE A 812 2.64 29.94 2.53
CA PHE A 812 2.04 28.89 1.72
C PHE A 812 0.59 29.24 1.38
N GLY A 813 -0.09 29.87 2.34
CA GLY A 813 -1.47 30.30 2.12
C GLY A 813 -1.65 31.16 0.90
N ALA A 814 -0.93 32.27 0.85
CA ALA A 814 -1.04 33.20 -0.27
C ALA A 814 -0.63 32.52 -1.61
N ALA A 815 0.42 31.70 -1.56
CA ALA A 815 0.87 30.95 -2.74
C ALA A 815 -0.28 30.11 -3.34
N PHE A 816 -0.94 29.33 -2.51
CA PHE A 816 -1.99 28.47 -3.00
C PHE A 816 -3.23 29.22 -3.43
N LYS A 817 -3.69 30.15 -2.59
CA LYS A 817 -4.86 30.92 -2.88
C LYS A 817 -4.69 31.60 -4.22
N HIS A 818 -3.56 32.26 -4.40
CA HIS A 818 -3.30 33.00 -5.64
C HIS A 818 -3.24 32.06 -6.84
N ALA A 819 -2.51 30.96 -6.73
CA ALA A 819 -2.51 29.98 -7.81
C ALA A 819 -3.92 29.55 -8.20
N ILE A 820 -4.72 29.19 -7.20
CA ILE A 820 -6.05 28.62 -7.46
C ILE A 820 -6.99 29.68 -8.03
N GLN A 821 -6.88 30.91 -7.53
CA GLN A 821 -7.71 31.99 -8.04
C GLN A 821 -7.33 32.48 -9.43
N LYS A 822 -6.04 32.36 -9.79
CA LYS A 822 -5.57 32.78 -11.13
C LYS A 822 -6.15 31.85 -12.15
N ASP A 823 -6.25 30.57 -11.79
CA ASP A 823 -6.75 29.57 -12.69
C ASP A 823 -7.21 28.34 -11.93
N SER A 824 -8.51 28.02 -12.01
CA SER A 824 -9.09 26.92 -11.23
C SER A 824 -8.38 25.60 -11.49
N LYS A 825 -7.93 25.41 -12.73
CA LYS A 825 -7.13 24.24 -13.14
C LYS A 825 -5.76 24.04 -12.38
N ASN A 826 -5.29 25.06 -11.65
CA ASN A 826 -4.07 24.93 -10.89
C ASN A 826 -4.25 24.00 -9.68
N LEU A 827 -5.46 23.95 -9.13
CA LEU A 827 -5.69 23.04 -8.01
C LEU A 827 -5.26 21.63 -8.40
N GLN A 828 -5.76 21.19 -9.54
CA GLN A 828 -5.44 19.86 -10.04
C GLN A 828 -3.95 19.74 -10.38
N MET A 829 -3.33 20.77 -10.94
CA MET A 829 -1.91 20.71 -11.17
C MET A 829 -1.19 20.49 -9.83
N LEU A 830 -1.51 21.30 -8.82
CA LEU A 830 -0.91 21.15 -7.48
C LEU A 830 -1.09 19.77 -6.89
N GLN A 831 -2.26 19.17 -7.12
CA GLN A 831 -2.53 17.84 -6.61
C GLN A 831 -1.69 16.80 -7.33
N GLU A 832 -1.47 17.00 -8.64
CA GLU A 832 -0.66 16.09 -9.41
C GLU A 832 0.78 16.21 -8.96
N MET A 833 1.20 17.42 -8.68
CA MET A 833 2.53 17.64 -8.18
C MET A 833 2.70 16.88 -6.87
N TYR A 834 1.70 16.98 -5.99
CA TYR A 834 1.73 16.27 -4.75
C TYR A 834 1.83 14.77 -4.96
N LYS A 835 1.10 14.20 -5.91
CA LYS A 835 1.11 12.72 -6.06
C LYS A 835 2.37 12.22 -6.79
N THR A 836 3.02 13.11 -7.52
CA THR A 836 3.97 12.72 -8.58
C THR A 836 5.36 13.34 -8.49
N TRP A 837 5.49 14.39 -7.73
CA TRP A 837 6.75 15.07 -7.65
C TRP A 837 7.37 14.96 -6.27
N PRO A 838 8.42 14.15 -6.12
CA PRO A 838 8.86 13.91 -4.76
C PRO A 838 9.13 15.17 -3.96
N PHE A 839 9.88 16.05 -4.56
CA PHE A 839 10.20 17.31 -3.90
C PHE A 839 8.93 18.01 -3.35
N PHE A 840 7.86 18.04 -4.11
CA PHE A 840 6.67 18.79 -3.69
C PHE A 840 5.96 18.03 -2.57
N ARG A 841 5.82 16.74 -2.76
CA ARG A 841 5.23 15.88 -1.72
C ARG A 841 5.90 16.06 -0.32
N VAL A 842 7.19 15.91 -0.32
CA VAL A 842 8.02 15.94 0.89
C VAL A 842 7.94 17.36 1.52
N THR A 843 7.89 18.38 0.67
CA THR A 843 7.77 19.77 1.17
C THR A 843 6.42 19.99 1.87
N ILE A 844 5.35 19.49 1.25
CA ILE A 844 4.04 19.60 1.84
C ILE A 844 3.97 18.74 3.11
N ASP A 845 4.52 17.54 3.07
CA ASP A 845 4.39 16.65 4.23
C ASP A 845 5.00 17.27 5.50
N LEU A 846 6.13 17.98 5.37
CA LEU A 846 6.79 18.44 6.57
C LEU A 846 5.84 19.45 7.20
N VAL A 847 5.27 20.33 6.39
CA VAL A 847 4.33 21.36 6.86
C VAL A 847 3.07 20.73 7.43
N GLU A 848 2.61 19.67 6.84
CA GLU A 848 1.46 18.95 7.40
C GLU A 848 1.77 18.41 8.80
N MET A 849 3.00 17.90 8.98
CA MET A 849 3.44 17.35 10.28
C MET A 849 3.46 18.47 11.27
N VAL A 850 3.84 19.67 10.83
CA VAL A 850 3.92 20.82 11.74
C VAL A 850 2.55 21.27 12.21
N PHE A 851 1.60 21.27 11.29
CA PHE A 851 0.24 21.61 11.66
C PHE A 851 -0.35 20.62 12.65
N ALA A 852 -0.01 19.34 12.56
CA ALA A 852 -0.48 18.36 13.57
C ALA A 852 -0.02 18.76 14.98
N LYS A 853 1.06 19.54 15.05
CA LYS A 853 1.65 19.94 16.33
C LYS A 853 1.10 21.31 16.76
N GLY A 854 0.18 21.82 15.96
CA GLY A 854 -0.33 23.16 16.15
C GLY A 854 -1.63 23.13 16.93
N ASN A 855 -1.91 24.23 17.61
CA ASN A 855 -3.17 24.38 18.31
C ASN A 855 -3.52 25.83 18.50
N PRO A 856 -4.35 26.38 17.61
CA PRO A 856 -4.60 27.84 17.64
C PRO A 856 -5.23 28.34 18.94
N GLY A 857 -5.83 27.45 19.70
CA GLY A 857 -6.28 27.73 21.05
C GLY A 857 -5.20 28.11 22.04
N ILE A 858 -4.04 27.47 21.95
CA ILE A 858 -2.93 27.84 22.80
C ILE A 858 -2.43 29.18 22.40
N ALA A 859 -2.35 29.41 21.10
CA ALA A 859 -1.95 30.73 20.62
C ALA A 859 -2.90 31.84 21.08
N ALA A 860 -4.21 31.57 20.94
CA ALA A 860 -5.24 32.47 21.40
C ALA A 860 -5.10 32.73 22.91
N LEU A 861 -4.81 31.69 23.68
CA LEU A 861 -4.67 31.94 25.11
C LEU A 861 -3.48 32.86 25.41
N ASN A 862 -2.35 32.62 24.76
CA ASN A 862 -1.18 33.45 24.99
C ASN A 862 -1.51 34.93 24.65
N ASP A 863 -2.30 35.15 23.60
CA ASP A 863 -2.77 36.51 23.26
C ASP A 863 -3.59 37.12 24.39
N LYS A 864 -4.61 36.40 24.88
CA LYS A 864 -5.44 36.92 25.99
C LYS A 864 -4.61 37.34 27.18
N LEU A 865 -3.54 36.58 27.49
CA LEU A 865 -2.82 36.80 28.73
C LEU A 865 -1.71 37.79 28.58
N LEU A 866 -1.15 37.87 27.38
CA LEU A 866 0.11 38.56 27.23
C LEU A 866 0.18 39.66 26.21
N VAL A 867 -0.76 39.70 25.28
CA VAL A 867 -0.74 40.74 24.26
C VAL A 867 -1.69 41.83 24.63
N SER A 868 -1.27 43.07 24.43
CA SER A 868 -2.10 44.25 24.71
C SER A 868 -3.26 44.30 23.71
N GLU A 869 -4.36 44.94 24.13
CA GLU A 869 -5.62 44.93 23.36
C GLU A 869 -5.45 45.32 21.92
N ASP A 870 -4.71 46.40 21.69
CA ASP A 870 -4.57 46.93 20.34
C ASP A 870 -3.76 46.02 19.41
N LEU A 871 -3.05 45.03 19.95
CA LEU A 871 -2.36 44.06 19.11
C LEU A 871 -3.13 42.75 18.92
N ARG A 872 -4.11 42.48 19.77
CA ARG A 872 -4.85 41.21 19.65
C ARG A 872 -5.47 40.90 18.26
N PRO A 873 -5.92 41.93 17.51
CA PRO A 873 -6.58 41.63 16.25
C PRO A 873 -5.58 41.23 15.21
N PHE A 874 -4.38 41.72 15.37
CA PHE A 874 -3.30 41.24 14.54
C PHE A 874 -3.07 39.73 14.73
N GLY A 875 -3.03 39.31 16.00
CA GLY A 875 -2.98 37.90 16.32
C GLY A 875 -4.14 37.14 15.75
N GLU A 876 -5.31 37.73 15.88
CA GLU A 876 -6.47 37.11 15.32
C GLU A 876 -6.36 36.90 13.81
N SER A 877 -5.84 37.89 13.11
CA SER A 877 -5.79 37.76 11.67
C SER A 877 -4.69 36.71 11.24
N LEU A 878 -3.64 36.57 12.03
CA LEU A 878 -2.67 35.49 11.77
C LEU A 878 -3.34 34.11 11.99
N ARG A 879 -4.16 33.98 13.01
CA ARG A 879 -4.87 32.74 13.16
C ARG A 879 -5.79 32.41 11.96
N ALA A 880 -6.34 33.41 11.29
CA ALA A 880 -7.25 33.15 10.15
C ALA A 880 -6.39 32.69 9.00
N ASN A 881 -5.20 33.28 8.92
CA ASN A 881 -4.21 32.87 7.93
C ASN A 881 -3.78 31.37 8.14
N TYR A 882 -3.55 31.02 9.40
CA TYR A 882 -3.27 29.61 9.77
C TYR A 882 -4.38 28.64 9.32
N GLU A 883 -5.63 28.98 9.58
CA GLU A 883 -6.76 28.15 9.13
C GLU A 883 -6.79 28.03 7.62
N GLU A 884 -6.70 29.15 6.95
CA GLU A 884 -6.85 29.12 5.52
C GLU A 884 -5.66 28.37 4.89
N THR A 885 -4.47 28.61 5.40
CA THR A 885 -3.30 27.92 4.94
C THR A 885 -3.40 26.42 5.17
N LYS A 886 -3.76 26.02 6.38
CA LYS A 886 -3.92 24.60 6.65
C LYS A 886 -4.92 23.98 5.68
N ASN A 887 -6.06 24.62 5.53
CA ASN A 887 -7.09 24.04 4.66
C ASN A 887 -6.65 23.92 3.20
N TYR A 888 -5.88 24.90 2.72
CA TYR A 888 -5.38 24.83 1.38
C TYR A 888 -4.44 23.63 1.29
N LEU A 889 -3.58 23.47 2.29
CA LEU A 889 -2.64 22.37 2.24
C LEU A 889 -3.37 21.01 2.20
N LEU A 890 -4.39 20.86 3.02
CA LEU A 890 -5.18 19.66 3.03
C LEU A 890 -5.77 19.41 1.65
N LYS A 891 -6.27 20.45 1.01
CA LYS A 891 -6.97 20.25 -0.26
C LYS A 891 -5.93 19.81 -1.27
N ILE A 892 -4.77 20.43 -1.26
CA ILE A 892 -3.73 20.01 -2.15
C ILE A 892 -3.24 18.58 -1.86
N ALA A 893 -3.26 18.12 -0.62
CA ALA A 893 -2.74 16.79 -0.31
C ALA A 893 -3.76 15.73 -0.55
N GLY A 894 -4.98 16.10 -0.89
CA GLY A 894 -6.08 15.14 -0.96
C GLY A 894 -6.51 14.53 0.39
N HIS A 895 -6.40 15.28 1.51
CA HIS A 895 -6.73 14.78 2.87
C HIS A 895 -7.88 15.55 3.48
N LYS A 896 -8.74 14.89 4.28
CA LYS A 896 -9.67 15.60 5.17
C LYS A 896 -8.97 16.00 6.45
N ASP A 897 -8.23 15.07 7.08
CA ASP A 897 -7.65 15.31 8.42
C ASP A 897 -6.14 15.42 8.33
N LEU A 898 -5.53 16.18 9.22
CA LEU A 898 -4.10 16.28 9.22
C LEU A 898 -3.46 14.90 9.40
N LEU A 899 -2.52 14.58 8.53
CA LEU A 899 -1.77 13.34 8.55
C LEU A 899 -2.56 12.07 8.32
N GLU A 900 -3.60 12.10 7.50
CA GLU A 900 -4.33 10.86 7.32
C GLU A 900 -3.50 9.89 6.47
N GLY A 901 -2.56 10.41 5.71
CA GLY A 901 -1.55 9.59 5.03
C GLY A 901 -0.51 8.92 5.94
N ASP A 902 -0.46 9.26 7.25
CA ASP A 902 0.53 8.72 8.13
C ASP A 902 -0.01 8.55 9.54
N PRO A 903 -0.94 7.65 9.70
CA PRO A 903 -1.64 7.52 10.97
C PRO A 903 -0.82 7.08 12.18
N TYR A 904 0.31 6.42 11.95
CA TYR A 904 1.19 6.07 13.04
C TYR A 904 1.93 7.29 13.59
N LEU A 905 2.31 8.21 12.71
CA LEU A 905 2.91 9.49 13.12
C LEU A 905 1.87 10.29 13.85
N LYS A 906 0.68 10.40 13.26
CA LYS A 906 -0.43 11.09 13.90
C LYS A 906 -0.68 10.52 15.27
N GLN A 907 -0.71 9.22 15.43
CA GLN A 907 -0.93 8.73 16.73
C GLN A 907 0.19 9.17 17.71
N GLY A 908 1.45 9.08 17.30
CA GLY A 908 2.55 9.47 18.15
C GLY A 908 2.49 10.89 18.65
N ILE A 909 2.18 11.80 17.74
CA ILE A 909 2.09 13.22 18.08
C ILE A 909 0.88 13.44 18.98
N ARG A 910 -0.19 12.76 18.66
CA ARG A 910 -1.40 12.94 19.44
C ARG A 910 -1.29 12.49 20.92
N LEU A 911 -0.55 11.41 21.17
CA LEU A 911 -0.35 10.95 22.56
C LEU A 911 0.48 11.91 23.42
N ARG A 912 1.23 12.78 22.75
CA ARG A 912 2.06 13.77 23.43
C ARG A 912 1.26 15.01 23.88
N ASP A 913 0.24 15.37 23.09
CA ASP A 913 -0.45 16.65 23.24
C ASP A 913 -0.90 16.96 24.68
N PRO A 914 -1.55 16.05 25.36
CA PRO A 914 -1.99 16.38 26.71
C PRO A 914 -0.87 16.88 27.62
N TYR A 915 0.27 16.22 27.52
CA TYR A 915 1.43 16.67 28.28
C TYR A 915 1.92 18.03 27.80
N ILE A 916 1.95 18.23 26.49
CA ILE A 916 2.52 19.46 25.96
C ILE A 916 1.58 20.64 26.32
N THR A 917 0.29 20.37 26.16
CA THR A 917 -0.70 21.34 26.48
C THR A 917 -0.63 21.80 27.95
N THR A 918 -0.45 20.85 28.87
CA THR A 918 -0.36 21.21 30.26
C THR A 918 0.82 22.17 30.44
N LEU A 919 1.95 21.88 29.81
CA LEU A 919 3.07 22.75 29.95
C LEU A 919 2.81 24.10 29.32
N ASN A 920 2.09 24.13 28.19
CA ASN A 920 1.77 25.41 27.51
C ASN A 920 0.98 26.30 28.40
N VAL A 921 -0.08 25.76 28.98
CA VAL A 921 -0.93 26.50 29.89
C VAL A 921 -0.14 26.98 31.08
N CYS A 922 0.69 26.10 31.65
CA CYS A 922 1.55 26.50 32.78
C CYS A 922 2.51 27.66 32.41
N GLN A 923 3.18 27.51 31.25
CA GLN A 923 4.08 28.54 30.73
C GLN A 923 3.36 29.87 30.56
N ALA A 924 2.17 29.84 29.96
CA ALA A 924 1.43 31.05 29.63
C ALA A 924 1.18 31.91 30.87
N TYR A 925 0.69 31.29 31.93
CA TYR A 925 0.41 32.04 33.15
C TYR A 925 1.70 32.40 33.87
N THR A 926 2.73 31.58 33.71
CA THR A 926 4.00 31.89 34.32
C THR A 926 4.59 33.15 33.69
N LEU A 927 4.49 33.23 32.37
CA LEU A 927 4.97 34.42 31.69
C LEU A 927 4.12 35.65 32.13
N LYS A 928 2.81 35.48 32.35
CA LYS A 928 2.05 36.61 32.84
C LYS A 928 2.60 37.04 34.17
N ARG A 929 2.87 36.09 35.07
CA ARG A 929 3.37 36.46 36.39
C ARG A 929 4.73 37.09 36.34
N ILE A 930 5.63 36.55 35.52
CA ILE A 930 6.96 37.12 35.43
C ILE A 930 6.85 38.55 34.87
N ARG A 931 6.03 38.75 33.84
CA ARG A 931 6.00 40.00 33.10
C ARG A 931 5.23 41.14 33.78
N ASP A 932 4.18 40.79 34.52
CA ASP A 932 3.19 41.74 35.04
C ASP A 932 3.08 41.61 36.57
N PRO A 933 3.99 42.23 37.34
CA PRO A 933 3.61 42.15 38.79
C PRO A 933 2.38 42.94 39.31
N ASN A 934 1.48 43.42 38.44
CA ASN A 934 0.10 43.74 38.90
C ASN A 934 -0.94 42.61 38.67
N TYR A 935 -0.51 41.49 38.08
CA TYR A 935 -1.34 40.26 38.03
C TYR A 935 -1.17 39.49 39.32
N HIS A 936 -2.29 39.21 39.99
CA HIS A 936 -2.32 38.53 41.31
C HIS A 936 -3.25 37.38 41.18
N VAL A 937 -3.06 36.37 42.02
CA VAL A 937 -3.94 35.20 42.03
C VAL A 937 -4.02 34.64 43.44
N THR A 938 -5.15 34.05 43.83
CA THR A 938 -5.16 33.35 45.12
C THR A 938 -4.50 32.00 44.90
N LEU A 939 -3.33 31.87 45.53
CA LEU A 939 -2.54 30.66 45.54
C LEU A 939 -3.18 29.68 46.53
N ARG A 940 -3.17 28.39 46.19
CA ARG A 940 -3.61 27.33 47.09
C ARG A 940 -2.57 27.08 48.16
N PRO A 941 -3.01 26.64 49.35
CA PRO A 941 -2.00 26.17 50.29
C PRO A 941 -1.17 25.06 49.61
N HIS A 942 0.15 25.15 49.79
CA HIS A 942 1.12 24.16 49.34
C HIS A 942 0.64 22.71 49.40
N ILE A 943 0.73 22.02 48.27
CA ILE A 943 0.20 20.67 48.15
C ILE A 943 1.25 19.59 48.37
N SER A 944 2.50 19.84 47.95
CA SER A 944 3.58 18.81 48.03
C SER A 944 3.99 18.45 49.43
N LYS A 945 4.67 17.32 49.59
CA LYS A 945 5.00 16.73 50.90
C LYS A 945 6.47 16.29 50.81
N GLU A 946 6.97 15.58 51.83
CA GLU A 946 8.33 14.96 51.87
C GLU A 946 8.60 14.16 53.15
N GLY A 970 12.37 31.01 41.67
CA GLY A 970 11.00 30.54 41.61
C GLY A 970 10.35 30.40 40.21
N LEU A 971 9.85 31.50 39.69
CA LEU A 971 9.08 31.47 38.47
C LEU A 971 10.00 31.20 37.29
N GLU A 972 11.22 31.70 37.31
CA GLU A 972 12.11 31.55 36.15
C GLU A 972 12.43 30.08 36.00
N ASP A 973 12.61 29.43 37.15
CA ASP A 973 12.87 28.02 37.20
C ASP A 973 11.69 27.24 36.57
N THR A 974 10.45 27.64 36.88
CA THR A 974 9.29 26.97 36.30
C THR A 974 9.27 27.15 34.80
N LEU A 975 9.61 28.34 34.39
CA LEU A 975 9.60 28.65 32.97
C LEU A 975 10.64 27.84 32.20
N ILE A 976 11.82 27.68 32.78
CA ILE A 976 12.90 26.90 32.15
C ILE A 976 12.44 25.49 31.91
N LEU A 977 11.80 24.89 32.90
CA LEU A 977 11.29 23.51 32.81
C LEU A 977 10.21 23.39 31.74
N THR A 978 9.32 24.37 31.74
CA THR A 978 8.27 24.54 30.77
C THR A 978 8.86 24.59 29.36
N MET A 979 9.82 25.46 29.17
CA MET A 979 10.36 25.65 27.84
C MET A 979 11.02 24.36 27.36
N LYS A 980 11.80 23.72 28.22
CA LYS A 980 12.51 22.48 27.83
C LYS A 980 11.52 21.33 27.56
N GLY A 981 10.52 21.20 28.40
CA GLY A 981 9.46 20.19 28.19
C GLY A 981 8.71 20.39 26.87
N ILE A 982 8.34 21.61 26.54
CA ILE A 982 7.63 21.86 25.29
C ILE A 982 8.58 21.51 24.14
N ALA A 983 9.84 21.91 24.21
CA ALA A 983 10.80 21.62 23.13
C ALA A 983 10.99 20.09 22.95
N ALA A 984 11.00 19.35 24.05
CA ALA A 984 11.21 17.92 23.96
C ALA A 984 10.02 17.28 23.27
N GLY A 985 8.84 17.80 23.51
CA GLY A 985 7.67 17.20 22.87
C GLY A 985 7.40 17.62 21.43
N MET A 986 7.86 18.82 21.10
CA MET A 986 7.74 19.36 19.76
C MET A 986 8.78 18.79 18.79
N GLN A 987 9.94 18.40 19.31
CA GLN A 987 11.02 17.80 18.50
C GLN A 987 11.29 18.65 17.29
N ASN A 988 11.38 18.07 16.09
CA ASN A 988 11.67 18.87 14.90
C ASN A 988 10.42 19.48 14.27
N THR A 989 10.56 20.71 13.80
CA THR A 989 9.53 21.35 13.00
C THR A 989 10.19 22.03 11.81
N GLY A 990 10.51 23.31 11.89
CA GLY A 990 11.13 24.01 10.74
C GLY A 990 12.62 24.26 10.84
N LYS B 32 11.19 -36.07 0.67
CA LYS B 32 9.97 -36.87 0.87
C LYS B 32 8.67 -36.14 0.28
N LEU B 33 7.83 -35.64 1.20
CA LEU B 33 6.95 -34.49 0.99
C LEU B 33 7.81 -33.23 0.79
N ALA B 34 8.92 -33.15 1.55
CA ALA B 34 9.93 -32.08 1.43
C ALA B 34 10.45 -31.96 -0.01
N SER B 35 10.53 -33.10 -0.69
CA SER B 35 11.07 -33.17 -2.05
C SER B 35 10.11 -32.53 -3.08
N ILE B 36 8.82 -32.90 -2.99
CA ILE B 36 7.73 -32.34 -3.83
C ILE B 36 7.53 -30.83 -3.59
N ASP B 37 7.63 -30.44 -2.32
CA ASP B 37 7.58 -29.02 -1.94
C ASP B 37 8.68 -28.20 -2.65
N ALA B 38 9.93 -28.69 -2.56
CA ALA B 38 11.11 -28.12 -3.24
C ALA B 38 10.91 -28.00 -4.76
N GLN B 39 10.41 -29.08 -5.36
CA GLN B 39 10.03 -29.12 -6.79
C GLN B 39 9.08 -28.01 -7.19
N LEU B 40 7.99 -27.88 -6.45
CA LEU B 40 7.01 -26.86 -6.72
C LEU B 40 7.55 -25.41 -6.53
N ARG B 41 8.43 -25.23 -5.54
CA ARG B 41 9.00 -23.91 -5.27
C ARG B 41 9.97 -23.38 -6.35
N LEU B 42 10.45 -24.25 -7.23
CA LEU B 42 11.37 -23.82 -8.28
C LEU B 42 10.60 -22.94 -9.28
N LEU B 43 9.32 -23.28 -9.52
CA LEU B 43 8.43 -22.45 -10.35
C LEU B 43 7.90 -21.18 -9.68
N VAL B 44 7.80 -21.18 -8.34
CA VAL B 44 7.20 -20.06 -7.60
C VAL B 44 7.99 -19.73 -6.33
N PRO B 45 9.15 -19.07 -6.48
CA PRO B 45 10.01 -18.91 -5.33
C PRO B 45 9.86 -17.57 -4.61
N GLY B 46 10.59 -17.43 -3.51
CA GLY B 46 10.67 -16.19 -2.77
C GLY B 46 9.98 -16.25 -1.43
N LYS B 47 9.07 -15.28 -1.22
CA LYS B 47 8.61 -14.83 0.11
C LYS B 47 7.74 -15.80 0.94
N VAL B 48 8.37 -16.89 1.43
CA VAL B 48 7.72 -17.89 2.30
C VAL B 48 7.32 -17.24 3.65
N SER B 49 6.19 -16.52 3.66
CA SER B 49 5.60 -15.91 4.86
C SER B 49 4.64 -16.91 5.52
N GLU B 50 3.91 -16.47 6.54
CA GLU B 50 3.27 -17.44 7.43
C GLU B 50 1.88 -17.81 6.99
N ASP B 51 1.10 -16.83 6.52
CA ASP B 51 -0.19 -17.20 5.94
C ASP B 51 -0.03 -17.69 4.47
N ASP B 52 1.18 -17.70 3.87
CA ASP B 52 1.36 -18.27 2.48
C ASP B 52 1.71 -19.75 2.51
N LYS B 53 0.67 -20.57 2.38
CA LYS B 53 0.79 -21.98 2.51
C LYS B 53 0.46 -22.71 1.20
N LEU B 54 0.28 -21.97 0.11
CA LEU B 54 -0.30 -22.55 -1.08
C LEU B 54 0.60 -23.66 -1.59
N VAL B 55 1.90 -23.40 -1.70
CA VAL B 55 2.80 -24.40 -2.19
C VAL B 55 2.73 -25.64 -1.30
N GLU B 56 2.74 -25.45 0.02
CA GLU B 56 2.59 -26.57 0.97
C GLU B 56 1.33 -27.36 0.76
N TYR B 57 0.21 -26.66 0.63
CA TYR B 57 -1.04 -27.32 0.36
C TYR B 57 -0.89 -28.16 -0.88
N ASP B 58 -0.34 -27.59 -1.95
CA ASP B 58 -0.25 -28.33 -3.20
C ASP B 58 0.65 -29.56 -3.06
N ALA B 59 1.76 -29.39 -2.36
CA ALA B 59 2.66 -30.49 -2.10
C ALA B 59 1.94 -31.62 -1.39
N LEU B 60 1.19 -31.29 -0.36
CA LEU B 60 0.50 -32.28 0.43
C LEU B 60 -0.50 -33.04 -0.44
N LEU B 61 -1.26 -32.34 -1.28
CA LEU B 61 -2.29 -32.97 -2.06
C LEU B 61 -1.66 -33.85 -3.13
N LEU B 62 -0.70 -33.30 -3.85
CA LEU B 62 -0.01 -34.03 -4.87
C LEU B 62 0.61 -35.31 -4.24
N ASP B 63 1.23 -35.19 -3.06
CA ASP B 63 1.86 -36.35 -2.40
C ASP B 63 0.84 -37.48 -2.17
N LYS B 64 -0.26 -37.13 -1.51
CA LYS B 64 -1.32 -38.09 -1.28
C LYS B 64 -1.91 -38.64 -2.57
N PHE B 65 -2.03 -37.81 -3.60
CA PHE B 65 -2.60 -38.31 -4.81
C PHE B 65 -1.63 -39.25 -5.57
N LEU B 66 -0.35 -38.97 -5.51
CA LEU B 66 0.59 -39.91 -6.12
C LEU B 66 0.49 -41.32 -5.44
N ASP B 67 0.30 -41.37 -4.12
CA ASP B 67 0.13 -42.67 -3.47
C ASP B 67 -1.12 -43.35 -3.99
N ILE B 68 -2.22 -42.62 -4.04
CA ILE B 68 -3.47 -43.17 -4.52
C ILE B 68 -3.28 -43.77 -5.90
N LEU B 69 -2.47 -43.10 -6.71
CA LEU B 69 -2.29 -43.60 -8.07
C LEU B 69 -1.51 -44.90 -8.05
N GLN B 70 -0.50 -44.97 -7.21
CA GLN B 70 0.23 -46.19 -7.06
C GLN B 70 -0.68 -47.35 -6.67
N ASP B 71 -1.54 -47.13 -5.66
CA ASP B 71 -2.44 -48.16 -5.13
C ASP B 71 -3.43 -48.63 -6.15
N LEU B 72 -4.00 -47.68 -6.87
CA LEU B 72 -5.03 -47.98 -7.80
C LEU B 72 -4.46 -48.51 -9.13
N HIS B 73 -3.33 -47.98 -9.59
CA HIS B 73 -2.81 -48.25 -10.95
C HIS B 73 -1.40 -48.75 -11.06
N GLY B 74 -0.68 -48.83 -9.94
CA GLY B 74 0.66 -49.43 -9.94
C GLY B 74 1.78 -48.42 -9.94
N GLU B 75 2.94 -48.83 -9.41
CA GLU B 75 4.13 -47.98 -9.33
C GLU B 75 4.55 -47.40 -10.66
N ASP B 76 4.45 -48.18 -11.74
CA ASP B 76 4.97 -47.72 -13.01
C ASP B 76 4.17 -46.53 -13.51
N LEU B 77 2.86 -46.62 -13.36
CA LEU B 77 1.98 -45.55 -13.73
C LEU B 77 2.24 -44.32 -12.88
N LYS B 78 2.42 -44.51 -11.58
CA LYS B 78 2.83 -43.40 -10.73
C LYS B 78 4.10 -42.76 -11.27
N GLU B 79 5.12 -43.56 -11.53
CA GLU B 79 6.35 -43.01 -12.11
C GLU B 79 6.08 -42.30 -13.44
N ALA B 80 5.21 -42.84 -14.28
CA ALA B 80 4.91 -42.15 -15.54
C ALA B 80 4.30 -40.78 -15.27
N VAL B 81 3.31 -40.72 -14.38
CA VAL B 81 2.68 -39.44 -14.05
C VAL B 81 3.75 -38.47 -13.51
N GLN B 82 4.62 -38.99 -12.68
CA GLN B 82 5.63 -38.15 -12.07
C GLN B 82 6.52 -37.63 -13.18
N GLN B 83 6.84 -38.46 -14.15
CA GLN B 83 7.73 -38.00 -15.19
C GLN B 83 7.07 -36.97 -16.11
N CYS B 84 5.80 -37.13 -16.43
CA CYS B 84 5.14 -36.10 -17.19
C CYS B 84 5.19 -34.81 -16.43
N TYR B 85 4.92 -34.87 -15.15
CA TYR B 85 4.90 -33.64 -14.32
C TYR B 85 6.26 -32.96 -14.39
N GLU B 86 7.33 -33.76 -14.26
CA GLU B 86 8.68 -33.24 -14.13
C GLU B 86 9.03 -32.54 -15.43
N LEU B 87 8.96 -33.29 -16.52
CA LEU B 87 9.22 -32.77 -17.87
C LEU B 87 8.44 -31.47 -18.08
N SER B 88 7.18 -31.49 -17.72
CA SER B 88 6.35 -30.36 -17.91
C SER B 88 6.79 -29.18 -17.04
N ALA B 89 7.19 -29.45 -15.79
CA ALA B 89 7.76 -28.40 -14.86
C ALA B 89 9.05 -27.78 -15.45
N GLU B 90 9.92 -28.63 -15.95
CA GLU B 90 11.15 -28.13 -16.53
C GLU B 90 10.85 -27.28 -17.74
N TYR B 91 9.84 -27.65 -18.51
CA TYR B 91 9.56 -26.85 -19.70
C TYR B 91 9.04 -25.47 -19.29
N GLU B 92 8.20 -25.43 -18.24
CA GLU B 92 7.68 -24.19 -17.75
C GLU B 92 8.78 -23.36 -17.08
N GLY B 93 9.72 -24.00 -16.38
CA GLY B 93 10.85 -23.27 -15.77
C GLY B 93 11.75 -22.51 -16.75
N LYS B 94 12.33 -23.25 -17.68
CA LYS B 94 13.36 -22.73 -18.55
C LYS B 94 12.90 -22.59 -20.00
N HIS B 95 11.74 -23.11 -20.35
CA HIS B 95 11.20 -22.98 -21.73
C HIS B 95 12.08 -23.55 -22.78
N ASP B 96 12.78 -24.63 -22.45
CA ASP B 96 13.52 -25.38 -23.44
C ASP B 96 12.56 -26.25 -24.30
N PRO B 97 12.36 -25.92 -25.60
CA PRO B 97 11.43 -26.71 -26.43
C PRO B 97 11.79 -28.20 -26.64
N LYS B 98 13.04 -28.58 -26.36
CA LYS B 98 13.42 -29.98 -26.32
C LYS B 98 12.60 -30.72 -25.24
N LYS B 99 12.36 -30.06 -24.11
CA LYS B 99 11.57 -30.63 -23.04
C LYS B 99 10.11 -30.89 -23.45
N LEU B 100 9.55 -30.01 -24.27
CA LEU B 100 8.17 -30.19 -24.74
C LEU B 100 8.09 -31.38 -25.67
N GLU B 101 9.10 -31.51 -26.53
CA GLU B 101 9.22 -32.62 -27.47
C GLU B 101 9.36 -33.96 -26.72
N GLU B 102 10.16 -34.00 -25.65
CA GLU B 102 10.28 -35.23 -24.84
C GLU B 102 8.92 -35.64 -24.25
N LEU B 103 8.22 -34.69 -23.64
CA LEU B 103 6.92 -34.95 -23.09
C LEU B 103 5.97 -35.43 -24.20
N GLY B 104 6.08 -34.80 -25.36
CA GLY B 104 5.37 -35.30 -26.52
C GLY B 104 5.63 -36.79 -26.78
N SER B 105 6.91 -37.16 -26.88
CA SER B 105 7.29 -38.55 -27.17
C SER B 105 6.69 -39.50 -26.18
N LEU B 106 6.82 -39.12 -24.92
CA LEU B 106 6.29 -39.94 -23.88
C LEU B 106 4.78 -40.05 -24.15
N LEU B 107 4.10 -38.93 -24.32
CA LEU B 107 2.65 -38.99 -24.36
C LEU B 107 2.09 -39.70 -25.63
N THR B 108 2.67 -39.49 -26.81
CA THR B 108 2.15 -40.24 -27.99
C THR B 108 2.34 -41.72 -27.93
N SER B 109 3.23 -42.18 -27.04
CA SER B 109 3.55 -43.59 -26.96
C SER B 109 2.54 -44.34 -26.12
N LEU B 110 1.69 -43.62 -25.39
CA LEU B 110 0.75 -44.26 -24.49
C LEU B 110 -0.48 -44.84 -25.19
N ASP B 111 -0.86 -46.07 -24.85
CA ASP B 111 -2.07 -46.62 -25.47
C ASP B 111 -3.28 -45.84 -24.97
N THR B 112 -4.42 -46.06 -25.63
CA THR B 112 -5.63 -45.39 -25.28
C THR B 112 -5.92 -45.46 -23.79
N GLY B 113 -5.75 -46.64 -23.18
CA GLY B 113 -6.08 -46.84 -21.76
C GLY B 113 -5.20 -46.05 -20.79
N ASP B 114 -3.88 -46.15 -20.97
CA ASP B 114 -2.88 -45.38 -20.20
C ASP B 114 -3.11 -43.86 -20.41
N SER B 115 -3.44 -43.52 -21.64
CA SER B 115 -3.65 -42.15 -22.00
C SER B 115 -4.86 -41.53 -21.23
N ILE B 116 -5.92 -42.30 -21.01
CA ILE B 116 -7.06 -41.81 -20.27
C ILE B 116 -6.67 -41.61 -18.82
N VAL B 117 -5.91 -42.53 -18.26
CA VAL B 117 -5.52 -42.43 -16.87
C VAL B 117 -4.68 -41.20 -16.66
N ILE B 118 -3.74 -40.96 -17.57
CA ILE B 118 -2.92 -39.75 -17.45
C ILE B 118 -3.75 -38.49 -17.58
N ALA B 119 -4.64 -38.44 -18.54
CA ALA B 119 -5.53 -37.25 -18.65
C ALA B 119 -6.38 -37.09 -17.44
N LYS B 120 -6.89 -38.19 -16.90
CA LYS B 120 -7.70 -38.12 -15.70
C LYS B 120 -6.86 -37.57 -14.51
N ALA B 121 -5.62 -38.05 -14.43
CA ALA B 121 -4.73 -37.73 -13.31
C ALA B 121 -4.44 -36.22 -13.32
N PHE B 122 -4.01 -35.72 -14.46
CA PHE B 122 -3.69 -34.31 -14.51
C PHE B 122 -4.92 -33.41 -14.39
N SER B 123 -6.09 -33.79 -14.91
CA SER B 123 -7.30 -32.99 -14.63
C SER B 123 -7.60 -32.91 -13.14
N HIS B 124 -7.42 -34.05 -12.47
CA HIS B 124 -7.69 -34.09 -11.07
C HIS B 124 -6.66 -33.31 -10.30
N MET B 125 -5.40 -33.37 -10.67
CA MET B 125 -4.44 -32.50 -10.05
C MET B 125 -4.87 -31.03 -10.19
N LEU B 126 -5.43 -30.64 -11.35
CA LEU B 126 -5.86 -29.26 -11.45
C LEU B 126 -6.94 -28.97 -10.45
N ASN B 127 -7.92 -29.86 -10.33
CA ASN B 127 -9.03 -29.54 -9.44
C ASN B 127 -8.47 -29.41 -8.02
N LEU B 128 -7.51 -30.24 -7.68
CA LEU B 128 -6.83 -30.15 -6.40
C LEU B 128 -6.13 -28.78 -6.19
N ALA B 129 -5.40 -28.32 -7.20
CA ALA B 129 -4.66 -27.07 -7.05
C ALA B 129 -5.61 -25.94 -6.89
N ASN B 130 -6.79 -26.03 -7.53
CA ASN B 130 -7.86 -24.99 -7.41
C ASN B 130 -8.50 -24.97 -6.02
N LEU B 131 -8.81 -26.14 -5.44
CA LEU B 131 -9.29 -26.22 -4.08
C LEU B 131 -8.27 -25.60 -3.16
N ALA B 132 -6.98 -25.89 -3.37
CA ALA B 132 -5.89 -25.37 -2.49
C ALA B 132 -5.83 -23.83 -2.61
N GLU B 133 -5.89 -23.37 -3.83
CA GLU B 133 -5.84 -21.97 -4.04
C GLU B 133 -7.03 -21.28 -3.37
N GLU B 134 -8.25 -21.81 -3.48
CA GLU B 134 -9.39 -21.23 -2.78
C GLU B 134 -9.18 -21.11 -1.28
N LEU B 135 -8.64 -22.17 -0.69
CA LEU B 135 -8.31 -22.15 0.72
C LEU B 135 -7.32 -21.04 0.99
N GLN B 136 -6.36 -20.85 0.10
CA GLN B 136 -5.38 -19.77 0.33
C GLN B 136 -6.02 -18.40 0.24
N ILE B 137 -6.89 -18.19 -0.73
CA ILE B 137 -7.54 -16.90 -0.85
C ILE B 137 -8.48 -16.71 0.37
N ALA B 138 -9.16 -17.77 0.81
CA ALA B 138 -10.04 -17.66 1.98
C ALA B 138 -9.31 -17.17 3.24
N TYR B 139 -8.08 -17.63 3.45
CA TYR B 139 -7.37 -17.29 4.69
C TYR B 139 -6.25 -16.32 4.50
N ARG B 140 -6.13 -15.72 3.34
CA ARG B 140 -5.01 -14.77 3.18
C ARG B 140 -5.24 -13.51 4.03
N ARG B 141 -4.19 -12.97 4.65
CA ARG B 141 -4.35 -11.86 5.57
C ARG B 141 -4.64 -10.51 4.89
N ARG B 142 -5.63 -9.81 5.39
CA ARG B 142 -6.00 -8.45 4.93
C ARG B 142 -4.94 -7.45 5.32
N ILE B 143 -4.69 -6.46 4.49
CA ILE B 143 -3.81 -5.38 4.85
C ILE B 143 -4.62 -4.49 5.82
N LYS B 144 -3.95 -4.11 6.91
CA LYS B 144 -4.57 -3.35 7.96
C LYS B 144 -4.75 -1.91 7.43
N LEU B 145 -3.68 -1.26 7.01
CA LEU B 145 -3.73 0.11 6.50
C LEU B 145 -3.80 0.18 4.98
N LYS B 146 -4.86 0.76 4.46
CA LYS B 146 -5.03 0.88 2.99
C LYS B 146 -4.61 2.30 2.49
N SER B 147 -3.90 2.35 1.36
CA SER B 147 -3.40 3.63 0.82
C SER B 147 -4.55 4.53 0.34
N GLY B 148 -5.69 3.94 0.04
CA GLY B 148 -6.84 4.71 -0.44
C GLY B 148 -6.85 4.91 -1.96
N ASP B 149 -5.75 4.68 -2.70
CA ASP B 149 -5.83 4.64 -4.17
C ASP B 149 -6.88 3.59 -4.62
N PHE B 150 -7.53 3.85 -5.76
CA PHE B 150 -8.57 2.95 -6.26
C PHE B 150 -7.98 1.58 -6.56
N ALA B 151 -6.70 1.49 -6.93
CA ALA B 151 -5.99 0.19 -7.16
C ALA B 151 -6.17 -0.82 -6.02
N ASP B 152 -6.29 -0.33 -4.79
CA ASP B 152 -6.59 -1.18 -3.66
C ASP B 152 -7.80 -2.03 -3.88
N GLU B 153 -8.74 -1.55 -4.69
CA GLU B 153 -9.96 -2.30 -4.83
C GLU B 153 -9.80 -3.41 -5.88
N ALA B 154 -8.65 -3.54 -6.51
CA ALA B 154 -8.43 -4.67 -7.46
C ALA B 154 -8.10 -6.01 -6.75
N ASN B 155 -7.81 -5.94 -5.45
CA ASN B 155 -7.10 -7.04 -4.75
C ASN B 155 -7.86 -7.46 -3.50
N ALA B 156 -8.16 -8.74 -3.35
CA ALA B 156 -8.99 -9.19 -2.20
C ALA B 156 -8.38 -8.77 -0.83
N THR B 157 -7.06 -8.67 -0.72
CA THR B 157 -6.41 -8.39 0.53
C THR B 157 -6.51 -6.90 0.90
N THR B 158 -6.74 -6.01 -0.08
CA THR B 158 -6.79 -4.62 0.20
C THR B 158 -8.18 -4.02 -0.03
N GLU B 159 -9.11 -4.71 -0.70
CA GLU B 159 -10.36 -4.07 -1.04
C GLU B 159 -11.17 -3.65 0.18
N SER B 160 -12.05 -2.68 0.02
CA SER B 160 -12.91 -2.26 1.11
C SER B 160 -14.04 -3.26 1.34
N ASP B 161 -14.29 -3.59 2.59
CA ASP B 161 -15.46 -4.31 2.95
C ASP B 161 -16.64 -3.29 3.10
N ILE B 162 -17.81 -3.80 3.52
CA ILE B 162 -19.00 -3.01 3.49
C ILE B 162 -18.92 -1.87 4.49
N GLU B 163 -18.45 -2.15 5.70
CA GLU B 163 -18.22 -1.10 6.66
C GLU B 163 -17.25 -0.03 6.13
N GLU B 164 -16.11 -0.43 5.59
CA GLU B 164 -15.16 0.53 5.10
C GLU B 164 -15.78 1.33 3.94
N THR B 165 -16.66 0.75 3.17
CA THR B 165 -17.29 1.51 2.14
C THR B 165 -18.23 2.56 2.74
N PHE B 166 -19.03 2.16 3.71
CA PHE B 166 -19.89 3.07 4.44
C PHE B 166 -19.05 4.25 4.93
N LYS B 167 -17.92 3.95 5.56
CA LYS B 167 -17.13 5.04 6.18
C LYS B 167 -16.49 6.00 5.19
N ARG B 168 -16.12 5.51 4.01
CA ARG B 168 -15.56 6.39 3.01
C ARG B 168 -16.68 7.31 2.56
N LEU B 169 -17.90 6.78 2.44
CA LEU B 169 -18.97 7.57 1.91
C LEU B 169 -19.35 8.67 2.90
N VAL B 170 -19.41 8.30 4.18
CA VAL B 170 -19.70 9.28 5.21
C VAL B 170 -18.55 10.32 5.36
N HIS B 171 -17.33 9.89 5.43
CA HIS B 171 -16.22 10.77 5.80
C HIS B 171 -15.60 11.44 4.60
N LYS B 172 -15.58 10.79 3.45
CA LYS B 172 -14.90 11.37 2.31
C LYS B 172 -15.88 12.03 1.35
N LEU B 173 -17.09 11.51 1.23
CA LEU B 173 -18.07 12.08 0.31
C LEU B 173 -19.17 12.83 1.00
N ASN B 174 -19.02 13.04 2.32
CA ASN B 174 -20.00 13.77 3.13
C ASN B 174 -21.45 13.32 3.01
N LYS B 175 -21.68 12.01 3.01
CA LYS B 175 -23.01 11.51 3.09
C LYS B 175 -23.32 11.30 4.56
N SER B 176 -24.55 11.51 4.94
CA SER B 176 -24.91 11.19 6.29
C SER B 176 -25.10 9.68 6.35
N PRO B 177 -24.95 9.08 7.52
CA PRO B 177 -25.24 7.66 7.64
C PRO B 177 -26.65 7.33 7.22
N GLU B 178 -27.60 8.21 7.49
CA GLU B 178 -28.97 7.97 7.08
C GLU B 178 -29.04 7.91 5.53
N GLU B 179 -28.29 8.78 4.85
CA GLU B 179 -28.39 8.80 3.38
C GLU B 179 -27.82 7.48 2.83
N VAL B 180 -26.72 7.03 3.43
CA VAL B 180 -26.09 5.80 3.03
C VAL B 180 -27.10 4.66 3.19
N PHE B 181 -27.74 4.63 4.35
CA PHE B 181 -28.69 3.60 4.72
C PHE B 181 -29.85 3.56 3.73
N ASP B 182 -30.33 4.74 3.42
CA ASP B 182 -31.45 4.89 2.51
C ASP B 182 -31.14 4.39 1.09
N ALA B 183 -29.96 4.73 0.58
CA ALA B 183 -29.52 4.21 -0.71
C ALA B 183 -29.44 2.68 -0.66
N LEU B 184 -28.83 2.12 0.39
CA LEU B 184 -28.77 0.67 0.43
C LEU B 184 -30.15 0.06 0.47
N LYS B 185 -31.07 0.68 1.21
CA LYS B 185 -32.40 0.11 1.23
C LYS B 185 -33.05 0.02 -0.14
N ASN B 186 -32.70 0.92 -1.03
CA ASN B 186 -33.37 1.00 -2.32
C ASN B 186 -32.52 0.30 -3.39
N GLN B 187 -31.43 -0.34 -2.98
CA GLN B 187 -30.47 -0.84 -3.89
C GLN B 187 -30.88 -2.27 -4.28
N THR B 188 -30.46 -2.68 -5.47
CA THR B 188 -30.79 -3.94 -6.07
C THR B 188 -29.53 -4.52 -6.78
N VAL B 189 -29.13 -5.72 -6.37
CA VAL B 189 -28.06 -6.45 -7.02
C VAL B 189 -28.56 -7.81 -7.48
N GLU B 190 -28.41 -8.08 -8.77
CA GLU B 190 -28.97 -9.28 -9.33
C GLU B 190 -27.86 -10.01 -10.05
N LEU B 191 -27.63 -11.26 -9.66
CA LEU B 191 -26.56 -12.07 -10.21
C LEU B 191 -27.19 -13.13 -11.05
N VAL B 192 -26.81 -13.24 -12.32
CA VAL B 192 -27.51 -14.11 -13.27
C VAL B 192 -26.57 -15.22 -13.60
N LEU B 193 -26.93 -16.43 -13.17
CA LEU B 193 -26.04 -17.61 -13.34
C LEU B 193 -26.21 -18.21 -14.71
N THR B 194 -25.10 -18.43 -15.41
CA THR B 194 -25.13 -19.06 -16.74
C THR B 194 -24.43 -20.46 -16.69
N ALA B 195 -24.75 -21.29 -17.66
CA ALA B 195 -24.20 -22.63 -17.77
C ALA B 195 -22.67 -22.59 -17.84
N HIS B 196 -22.03 -23.59 -17.23
CA HIS B 196 -20.62 -23.85 -17.49
C HIS B 196 -20.47 -24.16 -18.98
N PRO B 197 -19.59 -23.44 -19.67
CA PRO B 197 -19.45 -23.69 -21.10
C PRO B 197 -18.93 -25.08 -21.45
N THR B 198 -18.30 -25.79 -20.50
CA THR B 198 -17.75 -27.14 -20.78
C THR B 198 -18.22 -28.29 -19.88
N GLN B 199 -18.71 -28.02 -18.70
CA GLN B 199 -18.81 -29.09 -17.70
C GLN B 199 -19.36 -28.56 -16.40
N SER B 200 -20.67 -28.65 -16.24
CA SER B 200 -21.31 -28.38 -14.96
C SER B 200 -20.87 -29.49 -13.99
N VAL B 201 -20.11 -29.14 -12.96
CA VAL B 201 -19.60 -30.17 -12.03
C VAL B 201 -20.82 -30.74 -11.30
N ARG B 202 -20.95 -32.06 -11.26
CA ARG B 202 -22.12 -32.64 -10.63
C ARG B 202 -22.15 -32.44 -9.10
N ARG B 203 -23.36 -32.45 -8.54
CA ARG B 203 -23.56 -32.20 -7.13
C ARG B 203 -22.70 -33.07 -6.22
N SER B 204 -22.65 -34.37 -6.51
CA SER B 204 -21.85 -35.31 -5.74
C SER B 204 -20.37 -34.92 -5.69
N LEU B 205 -19.81 -34.55 -6.82
CA LEU B 205 -18.39 -34.29 -6.88
C LEU B 205 -18.03 -32.99 -6.20
N LEU B 206 -18.90 -32.01 -6.35
CA LEU B 206 -18.66 -30.69 -5.79
C LEU B 206 -18.60 -30.81 -4.29
N GLN B 207 -19.40 -31.72 -3.72
CA GLN B 207 -19.38 -31.93 -2.28
C GLN B 207 -18.10 -32.59 -1.87
N LYS B 208 -17.59 -33.48 -2.72
CA LYS B 208 -16.33 -34.12 -2.43
C LYS B 208 -15.21 -33.08 -2.45
N HIS B 209 -15.25 -32.18 -3.41
CA HIS B 209 -14.26 -31.13 -3.48
C HIS B 209 -14.26 -30.28 -2.22
N GLY B 210 -15.45 -30.02 -1.73
CA GLY B 210 -15.62 -29.32 -0.49
C GLY B 210 -15.01 -29.99 0.69
N ARG B 211 -15.18 -31.31 0.79
CA ARG B 211 -14.63 -32.06 1.95
C ARG B 211 -13.11 -32.19 1.88
N ILE B 212 -12.55 -32.29 0.66
CA ILE B 212 -11.12 -32.31 0.51
C ILE B 212 -10.58 -31.00 1.11
N ARG B 213 -11.15 -29.90 0.65
CA ARG B 213 -10.75 -28.58 1.09
C ARG B 213 -10.89 -28.42 2.58
N ASN B 214 -12.00 -28.86 3.16
CA ASN B 214 -12.17 -28.81 4.60
C ASN B 214 -11.15 -29.60 5.35
N CYS B 215 -10.89 -30.82 4.88
CA CYS B 215 -9.88 -31.67 5.57
C CYS B 215 -8.51 -30.98 5.51
N LEU B 216 -8.18 -30.40 4.36
CA LEU B 216 -6.97 -29.63 4.26
C LEU B 216 -6.96 -28.47 5.24
N ALA B 217 -8.03 -27.70 5.30
CA ALA B 217 -8.11 -26.59 6.30
C ALA B 217 -7.80 -27.09 7.72
N GLN B 218 -8.45 -28.19 8.07
CA GLN B 218 -8.41 -28.66 9.44
C GLN B 218 -7.06 -29.19 9.78
N LEU B 219 -6.34 -29.69 8.79
CA LEU B 219 -4.97 -30.11 9.04
C LEU B 219 -4.02 -28.97 9.49
N TYR B 220 -4.29 -27.72 9.15
CA TYR B 220 -3.44 -26.62 9.61
C TYR B 220 -4.07 -25.83 10.76
N ALA B 221 -4.90 -26.46 11.61
CA ALA B 221 -5.60 -25.75 12.72
C ALA B 221 -4.69 -25.53 13.91
N ILE B 224 -4.03 -28.92 17.31
CA ILE B 224 -4.14 -30.19 16.56
C ILE B 224 -3.42 -31.34 17.33
N THR B 225 -4.19 -32.30 17.86
CA THR B 225 -3.60 -33.49 18.53
C THR B 225 -3.05 -34.41 17.46
N PRO B 226 -1.97 -35.15 17.73
CA PRO B 226 -1.41 -36.09 16.74
C PRO B 226 -2.39 -37.10 16.14
N ASP B 227 -3.26 -37.68 16.97
CA ASP B 227 -4.27 -38.63 16.50
C ASP B 227 -5.31 -38.00 15.59
N ASP B 228 -5.69 -36.76 15.87
CA ASP B 228 -6.56 -35.97 14.99
C ASP B 228 -5.90 -35.78 13.66
N LYS B 229 -4.60 -35.51 13.66
CA LYS B 229 -3.87 -35.23 12.42
C LYS B 229 -3.85 -36.52 11.60
N GLN B 230 -3.42 -37.61 12.24
CA GLN B 230 -3.44 -38.94 11.63
C GLN B 230 -4.85 -39.26 11.03
N GLU B 231 -5.92 -38.99 11.80
CA GLU B 231 -7.27 -39.20 11.27
C GLU B 231 -7.67 -38.28 10.15
N LEU B 232 -7.33 -37.01 10.26
CA LEU B 232 -7.58 -36.07 9.17
C LEU B 232 -6.76 -36.44 7.98
N ASP B 233 -5.52 -36.81 8.23
CA ASP B 233 -4.68 -37.24 7.16
C ASP B 233 -5.32 -38.40 6.35
N GLU B 234 -5.77 -39.41 7.06
CA GLU B 234 -6.42 -40.53 6.39
C GLU B 234 -7.77 -40.11 5.75
N ALA B 235 -8.48 -39.15 6.34
CA ALA B 235 -9.75 -38.70 5.75
C ALA B 235 -9.46 -37.90 4.45
N LEU B 236 -8.38 -37.11 4.43
CA LEU B 236 -8.00 -36.40 3.23
C LEU B 236 -7.73 -37.39 2.10
N HIS B 237 -6.96 -38.40 2.44
CA HIS B 237 -6.52 -39.41 1.50
C HIS B 237 -7.72 -40.06 0.87
N ARG B 238 -8.66 -40.36 1.70
CA ARG B 238 -9.85 -41.06 1.29
C ARG B 238 -10.72 -40.17 0.38
N GLU B 239 -10.85 -38.88 0.71
CA GLU B 239 -11.67 -37.99 -0.14
C GLU B 239 -11.06 -37.69 -1.51
N ILE B 240 -9.73 -37.59 -1.57
CA ILE B 240 -9.03 -37.41 -2.83
C ILE B 240 -9.36 -38.61 -3.73
N GLN B 241 -9.24 -39.82 -3.19
CA GLN B 241 -9.62 -41.02 -3.92
C GLN B 241 -11.07 -41.05 -4.34
N ALA B 242 -11.97 -40.67 -3.47
CA ALA B 242 -13.41 -40.72 -3.80
C ALA B 242 -13.67 -39.79 -4.96
N ALA B 243 -13.05 -38.63 -4.96
CA ALA B 243 -13.22 -37.67 -6.05
C ALA B 243 -12.67 -38.31 -7.34
N PHE B 244 -11.46 -38.87 -7.28
CA PHE B 244 -10.81 -39.37 -8.46
C PHE B 244 -11.65 -40.48 -9.11
N ARG B 245 -12.36 -41.24 -8.30
CA ARG B 245 -13.11 -42.39 -8.82
C ARG B 245 -14.54 -42.10 -9.10
N THR B 246 -14.91 -40.83 -9.07
CA THR B 246 -16.20 -40.41 -9.60
C THR B 246 -15.93 -39.91 -10.98
N ASP B 247 -15.78 -40.85 -11.90
CA ASP B 247 -15.14 -40.58 -13.21
C ASP B 247 -15.83 -41.30 -14.40
N GLU B 248 -17.15 -41.49 -14.32
CA GLU B 248 -17.99 -41.97 -15.42
C GLU B 248 -18.01 -41.02 -16.65
N THR B 252 -24.67 -39.80 -24.68
CA THR B 252 -24.00 -39.65 -23.42
C THR B 252 -24.28 -38.23 -22.82
N PRO B 253 -24.30 -37.12 -23.62
CA PRO B 253 -24.32 -35.78 -22.95
C PRO B 253 -25.54 -35.44 -22.05
N PRO B 254 -25.40 -34.40 -21.20
CA PRO B 254 -26.41 -34.22 -20.15
C PRO B 254 -27.65 -33.44 -20.66
N THR B 255 -28.83 -33.77 -20.14
CA THR B 255 -30.05 -33.04 -20.49
C THR B 255 -29.97 -31.59 -19.94
N PRO B 256 -30.51 -30.59 -20.64
CA PRO B 256 -30.52 -29.23 -20.05
C PRO B 256 -31.12 -29.19 -18.68
N GLN B 257 -32.13 -30.04 -18.43
CA GLN B 257 -32.73 -30.18 -17.09
C GLN B 257 -31.68 -30.54 -16.05
N ASP B 258 -30.83 -31.50 -16.41
CA ASP B 258 -29.79 -31.97 -15.53
C ASP B 258 -28.70 -30.91 -15.43
N GLU B 259 -28.42 -30.24 -16.52
CA GLU B 259 -27.44 -29.18 -16.52
C GLU B 259 -27.93 -28.10 -15.58
N MET B 260 -29.23 -27.82 -15.62
CA MET B 260 -29.81 -26.87 -14.70
C MET B 260 -29.62 -27.36 -13.27
N ARG B 261 -30.05 -28.57 -12.92
CA ARG B 261 -29.85 -29.03 -11.54
C ARG B 261 -28.38 -28.96 -11.05
N ALA B 262 -27.43 -29.34 -11.90
CA ALA B 262 -26.01 -29.22 -11.54
C ALA B 262 -25.59 -27.75 -11.27
N GLY B 263 -26.03 -26.83 -12.14
CA GLY B 263 -25.81 -25.39 -11.91
C GLY B 263 -26.46 -24.77 -10.66
N MET B 264 -27.44 -25.46 -10.05
CA MET B 264 -28.12 -24.98 -8.86
C MET B 264 -27.45 -25.41 -7.59
N SER B 265 -26.52 -26.36 -7.70
CA SER B 265 -25.86 -26.96 -6.54
C SER B 265 -25.25 -25.96 -5.58
N TYR B 266 -24.67 -24.88 -6.09
CA TYR B 266 -23.99 -23.89 -5.22
C TYR B 266 -24.91 -23.21 -4.21
N PHE B 267 -26.23 -23.32 -4.43
CA PHE B 267 -27.17 -22.76 -3.47
C PHE B 267 -27.12 -23.53 -2.20
N HIS B 268 -27.27 -24.81 -2.31
CA HIS B 268 -27.13 -25.69 -1.18
C HIS B 268 -25.78 -25.56 -0.56
N GLU B 269 -24.74 -25.52 -1.35
CA GLU B 269 -23.41 -25.56 -0.79
C GLU B 269 -23.09 -24.26 -0.06
N THR B 270 -23.45 -23.08 -0.59
CA THR B 270 -23.00 -21.85 0.10
C THR B 270 -23.97 -20.71 0.11
N ILE B 271 -24.67 -20.48 -0.97
CA ILE B 271 -25.36 -19.23 -1.15
C ILE B 271 -26.59 -19.12 -0.23
N TRP B 272 -27.18 -20.25 0.02
CA TRP B 272 -28.36 -20.32 0.80
C TRP B 272 -28.07 -19.79 2.16
N LYS B 273 -26.97 -20.22 2.74
CA LYS B 273 -26.58 -19.73 4.07
C LYS B 273 -25.88 -18.43 3.99
N GLY B 274 -25.17 -18.21 2.91
CA GLY B 274 -24.35 -17.03 2.77
C GLY B 274 -25.13 -15.73 2.73
N VAL B 275 -26.30 -15.74 2.12
CA VAL B 275 -27.10 -14.51 2.06
C VAL B 275 -27.39 -13.93 3.45
N PRO B 276 -27.85 -14.77 4.38
CA PRO B 276 -28.11 -14.24 5.71
C PRO B 276 -26.88 -13.89 6.48
N LYS B 277 -25.81 -14.67 6.35
CA LYS B 277 -24.55 -14.26 6.97
C LYS B 277 -24.21 -12.86 6.47
N PHE B 278 -24.27 -12.61 5.15
CA PHE B 278 -23.86 -11.27 4.69
C PHE B 278 -24.82 -10.11 5.10
N LEU B 279 -26.12 -10.37 5.10
CA LEU B 279 -27.06 -9.39 5.53
C LEU B 279 -26.83 -9.09 7.02
N ARG B 280 -26.53 -10.10 7.81
CA ARG B 280 -26.21 -9.84 9.21
C ARG B 280 -24.97 -8.92 9.35
N ARG B 281 -23.92 -9.16 8.55
CA ARG B 281 -22.78 -8.28 8.59
C ARG B 281 -23.20 -6.88 8.18
N VAL B 282 -24.18 -6.73 7.29
CA VAL B 282 -24.65 -5.36 6.95
C VAL B 282 -25.17 -4.71 8.21
N ASP B 283 -25.95 -5.49 8.97
CA ASP B 283 -26.51 -4.97 10.23
C ASP B 283 -25.39 -4.46 11.12
N THR B 284 -24.33 -5.24 11.25
CA THR B 284 -23.23 -4.84 12.12
C THR B 284 -22.54 -3.59 11.61
N ALA B 285 -22.38 -3.48 10.29
CA ALA B 285 -21.72 -2.34 9.69
C ALA B 285 -22.59 -1.09 9.85
N LEU B 286 -23.90 -1.26 9.72
CA LEU B 286 -24.81 -0.12 9.93
C LEU B 286 -24.70 0.38 11.38
N LYS B 287 -24.66 -0.55 12.31
CA LYS B 287 -24.56 -0.23 13.70
C LYS B 287 -23.27 0.49 13.92
N ASN B 288 -22.20 0.05 13.27
CA ASN B 288 -20.94 0.75 13.50
C ASN B 288 -20.82 2.12 12.84
N ILE B 289 -21.81 2.57 12.07
CA ILE B 289 -21.78 3.96 11.60
C ILE B 289 -22.89 4.82 12.22
N GLY B 290 -23.56 4.26 13.23
CA GLY B 290 -24.51 4.99 14.04
C GLY B 290 -25.97 4.74 13.68
N ILE B 291 -26.25 3.77 12.81
CA ILE B 291 -27.63 3.48 12.45
C ILE B 291 -28.07 2.40 13.40
N ASN B 292 -29.20 2.63 14.06
CA ASN B 292 -29.59 1.80 15.18
C ASN B 292 -30.76 0.97 14.78
N GLU B 293 -30.74 0.47 13.55
CA GLU B 293 -31.72 -0.50 13.15
C GLU B 293 -31.06 -1.46 12.22
N ARG B 294 -31.65 -2.64 12.14
CA ARG B 294 -31.22 -3.68 11.23
C ARG B 294 -31.73 -3.39 9.85
N PHE B 295 -31.02 -3.91 8.86
CA PHE B 295 -31.36 -3.73 7.49
C PHE B 295 -32.65 -4.48 7.23
N PRO B 296 -33.65 -3.83 6.68
CA PRO B 296 -34.97 -4.48 6.72
C PRO B 296 -34.96 -5.80 5.97
N TYR B 297 -35.61 -6.80 6.59
CA TYR B 297 -35.55 -8.19 6.10
C TYR B 297 -36.12 -8.36 4.71
N ASN B 298 -36.96 -7.44 4.28
CA ASN B 298 -37.55 -7.55 2.96
C ASN B 298 -37.02 -6.53 1.97
N ALA B 299 -35.90 -5.87 2.27
CA ALA B 299 -35.23 -5.06 1.22
C ALA B 299 -34.67 -6.05 0.18
N PRO B 300 -35.05 -5.90 -1.08
CA PRO B 300 -34.64 -6.81 -2.16
C PRO B 300 -33.24 -6.50 -2.64
N LEU B 301 -32.29 -6.59 -1.74
CA LEU B 301 -30.94 -6.19 -1.98
C LEU B 301 -30.24 -7.19 -2.90
N ILE B 302 -30.44 -8.50 -2.67
CA ILE B 302 -29.85 -9.59 -3.43
C ILE B 302 -30.91 -10.41 -4.13
N GLN B 303 -30.72 -10.61 -5.45
CA GLN B 303 -31.58 -11.47 -6.23
C GLN B 303 -30.68 -12.35 -7.10
N PHE B 304 -31.04 -13.61 -7.27
CA PHE B 304 -30.37 -14.47 -8.18
C PHE B 304 -31.30 -14.81 -9.29
N SER B 305 -30.72 -15.01 -10.49
CA SER B 305 -31.53 -15.38 -11.63
C SER B 305 -30.72 -16.39 -12.41
N SER B 306 -31.30 -16.88 -13.50
CA SER B 306 -30.68 -17.94 -14.27
C SER B 306 -31.09 -17.90 -15.75
N TRP B 307 -30.15 -18.36 -16.59
CA TRP B 307 -30.37 -18.58 -18.04
C TRP B 307 -30.50 -20.06 -18.35
N MET B 308 -30.42 -20.91 -17.35
CA MET B 308 -30.33 -22.34 -17.55
C MET B 308 -31.71 -22.94 -17.82
N GLY B 309 -31.92 -23.29 -19.09
CA GLY B 309 -33.22 -23.73 -19.63
C GLY B 309 -34.05 -22.56 -20.16
N GLY B 310 -33.44 -21.37 -20.20
CA GLY B 310 -34.11 -20.16 -20.58
C GLY B 310 -33.51 -19.61 -21.85
N ASP B 311 -32.22 -19.68 -21.94
CA ASP B 311 -31.54 -19.28 -23.12
C ASP B 311 -31.66 -20.31 -24.20
N ARG B 312 -32.43 -20.05 -25.25
CA ARG B 312 -32.44 -20.99 -26.40
C ARG B 312 -31.79 -20.44 -27.64
N ASP B 313 -31.01 -19.40 -27.48
CA ASP B 313 -30.39 -18.72 -28.59
C ASP B 313 -29.38 -19.63 -29.28
N GLY B 314 -29.65 -19.98 -30.53
CA GLY B 314 -28.81 -20.85 -31.29
C GLY B 314 -28.83 -22.24 -30.70
N ASN B 315 -29.92 -22.60 -30.05
CA ASN B 315 -29.93 -23.85 -29.30
C ASN B 315 -31.30 -24.50 -29.22
N PRO B 316 -31.67 -25.25 -30.26
CA PRO B 316 -33.00 -25.77 -30.30
C PRO B 316 -33.29 -26.90 -29.33
N ARG B 317 -32.30 -27.39 -28.60
CA ARG B 317 -32.54 -28.35 -27.54
C ARG B 317 -33.27 -27.74 -26.36
N VAL B 318 -33.18 -26.43 -26.20
CA VAL B 318 -33.87 -25.71 -25.13
C VAL B 318 -35.27 -25.37 -25.67
N THR B 319 -36.20 -26.23 -25.34
CA THR B 319 -37.51 -26.26 -25.92
C THR B 319 -38.42 -25.59 -24.92
N PRO B 320 -39.68 -25.39 -25.29
CA PRO B 320 -40.66 -25.01 -24.32
C PRO B 320 -40.74 -25.97 -23.13
N GLU B 321 -40.68 -27.28 -23.37
CA GLU B 321 -40.77 -28.28 -22.33
C GLU B 321 -39.63 -28.15 -21.34
N VAL B 322 -38.43 -27.91 -21.85
CA VAL B 322 -37.28 -27.70 -21.00
C VAL B 322 -37.56 -26.52 -20.08
N THR B 323 -38.10 -25.40 -20.65
CA THR B 323 -38.38 -24.17 -19.87
C THR B 323 -39.40 -24.42 -18.77
N ARG B 324 -40.46 -25.10 -19.11
CA ARG B 324 -41.45 -25.47 -18.13
C ARG B 324 -40.81 -26.33 -17.05
N ASP B 325 -40.01 -27.28 -17.46
CA ASP B 325 -39.39 -28.17 -16.52
C ASP B 325 -38.48 -27.40 -15.56
N VAL B 326 -37.64 -26.48 -16.03
CA VAL B 326 -36.68 -25.87 -15.07
C VAL B 326 -37.40 -24.88 -14.18
N CYS B 327 -38.52 -24.36 -14.62
CA CYS B 327 -39.29 -23.52 -13.71
C CYS B 327 -39.88 -24.38 -12.60
N LEU B 328 -40.42 -25.54 -12.94
CA LEU B 328 -40.98 -26.39 -11.90
C LEU B 328 -39.87 -26.92 -10.98
N LEU B 329 -38.72 -27.26 -11.54
CA LEU B 329 -37.61 -27.72 -10.75
C LEU B 329 -37.17 -26.61 -9.77
N ALA B 330 -36.98 -25.40 -10.25
CA ALA B 330 -36.59 -24.30 -9.37
C ALA B 330 -37.63 -24.18 -8.21
N ARG B 331 -38.91 -24.31 -8.55
CA ARG B 331 -39.96 -24.16 -7.54
C ARG B 331 -39.91 -25.32 -6.52
N MET B 332 -39.61 -26.51 -7.01
CA MET B 332 -39.55 -27.72 -6.24
C MET B 332 -38.40 -27.57 -5.25
N MET B 333 -37.24 -27.18 -5.76
CA MET B 333 -36.06 -27.13 -4.96
C MET B 333 -36.20 -26.07 -3.82
N THR B 334 -36.70 -24.90 -4.17
CA THR B 334 -36.84 -23.83 -3.24
C THR B 334 -37.76 -24.31 -2.12
N SER B 335 -38.92 -24.84 -2.45
CA SER B 335 -39.83 -25.27 -1.36
C SER B 335 -39.15 -26.32 -0.51
N ASN B 336 -38.40 -27.18 -1.18
CA ASN B 336 -37.74 -28.26 -0.51
C ASN B 336 -36.69 -27.70 0.48
N MET B 337 -35.96 -26.66 0.06
CA MET B 337 -34.96 -26.08 0.95
C MET B 337 -35.61 -25.43 2.18
N TYR B 338 -36.75 -24.78 2.00
CA TYR B 338 -37.44 -24.17 3.11
C TYR B 338 -37.94 -25.30 4.02
N PHE B 339 -38.56 -26.30 3.40
CA PHE B 339 -39.15 -27.42 4.14
C PHE B 339 -38.13 -28.12 4.99
N SER B 340 -36.93 -28.26 4.48
CA SER B 340 -35.92 -29.08 5.16
C SER B 340 -35.14 -28.31 6.21
N GLN B 341 -35.44 -27.03 6.42
CA GLN B 341 -34.89 -26.29 7.52
C GLN B 341 -36.00 -25.84 8.50
N ILE B 342 -37.26 -25.99 8.12
CA ILE B 342 -38.37 -25.50 8.97
C ILE B 342 -38.50 -26.31 10.26
N GLU B 343 -38.12 -27.59 10.24
CA GLU B 343 -38.17 -28.41 11.45
C GLU B 343 -37.16 -27.88 12.48
N ASP B 344 -36.00 -27.46 12.02
CA ASP B 344 -35.02 -26.84 12.93
C ASP B 344 -35.56 -25.54 13.55
N LEU B 345 -36.24 -24.75 12.77
CA LEU B 345 -36.78 -23.54 13.30
C LEU B 345 -37.86 -23.87 14.30
N MET B 346 -38.66 -24.88 14.01
CA MET B 346 -39.71 -25.32 14.94
C MET B 346 -39.13 -25.82 16.27
N ILE B 347 -38.03 -26.54 16.24
CA ILE B 347 -37.46 -26.99 17.51
C ILE B 347 -37.07 -25.79 18.35
N GLU B 348 -36.30 -24.92 17.75
CA GLU B 348 -35.76 -23.77 18.42
C GLU B 348 -36.89 -22.87 18.94
N MET B 349 -38.06 -22.89 18.29
CA MET B 349 -39.14 -21.97 18.66
C MET B 349 -40.13 -22.63 19.63
N SER B 350 -39.57 -22.92 20.79
CA SER B 350 -40.25 -23.57 21.92
C SER B 350 -41.08 -22.62 22.77
N MET B 351 -40.76 -21.32 22.70
CA MET B 351 -41.37 -20.28 23.54
C MET B 351 -42.91 -20.40 23.62
N TRP B 352 -43.43 -20.06 24.79
CA TRP B 352 -44.85 -20.18 25.09
C TRP B 352 -45.59 -18.88 25.12
N ARG B 353 -44.86 -17.76 25.26
CA ARG B 353 -45.46 -16.41 25.28
C ARG B 353 -45.87 -15.81 23.91
N ASN B 355 -48.26 -13.17 21.88
CA ASN B 355 -49.24 -12.07 21.53
C ASN B 355 -50.62 -12.55 21.07
N SER B 356 -51.66 -11.75 21.26
CA SER B 356 -53.00 -12.32 21.00
C SER B 356 -53.27 -12.56 19.52
N GLU B 357 -52.68 -11.74 18.66
CA GLU B 357 -52.86 -11.99 17.25
C GLU B 357 -52.41 -13.42 16.87
N LEU B 358 -51.26 -13.85 17.37
CA LEU B 358 -50.76 -15.21 17.07
C LEU B 358 -51.49 -16.27 17.88
N ARG B 359 -51.83 -15.93 19.11
CA ARG B 359 -52.66 -16.77 19.94
C ARG B 359 -53.93 -17.17 19.17
N VAL B 360 -54.66 -16.18 18.68
CA VAL B 360 -55.88 -16.43 17.92
C VAL B 360 -55.62 -17.37 16.73
N ARG B 361 -54.60 -17.05 15.93
CA ARG B 361 -54.29 -17.86 14.75
C ARG B 361 -53.95 -19.30 15.14
N ALA B 362 -53.21 -19.45 16.23
CA ALA B 362 -52.84 -20.78 16.71
C ALA B 362 -54.08 -21.63 17.01
N GLU B 363 -55.05 -21.02 17.67
CA GLU B 363 -56.26 -21.74 18.09
C GLU B 363 -57.01 -22.29 16.87
N GLU B 364 -57.24 -21.45 15.86
CA GLU B 364 -57.89 -21.91 14.61
C GLU B 364 -57.24 -23.22 14.15
N LEU B 365 -55.92 -23.18 14.02
CA LEU B 365 -55.17 -24.25 13.34
C LEU B 365 -55.23 -25.53 14.13
N TYR B 366 -55.19 -25.42 15.44
CA TYR B 366 -55.30 -26.58 16.30
C TYR B 366 -56.57 -27.44 16.15
N LYS B 374 -48.09 -35.95 8.84
CA LYS B 374 -47.67 -37.00 9.78
C LYS B 374 -46.30 -37.65 9.42
N HIS B 375 -46.01 -37.80 8.12
CA HIS B 375 -44.90 -38.68 7.65
C HIS B 375 -43.53 -38.01 7.68
N TYR B 376 -43.26 -37.18 8.71
CA TYR B 376 -42.09 -36.26 8.71
C TYR B 376 -40.98 -36.73 9.66
N ILE B 377 -39.75 -36.21 9.52
CA ILE B 377 -38.64 -36.58 10.47
C ILE B 377 -38.96 -36.23 11.95
N GLU B 378 -39.50 -35.02 12.22
CA GLU B 378 -39.57 -34.52 13.62
C GLU B 378 -40.93 -34.41 14.32
N PHE B 379 -41.86 -33.65 13.78
CA PHE B 379 -43.08 -33.40 14.56
C PHE B 379 -44.19 -34.12 13.89
N TRP B 380 -44.31 -35.38 14.27
CA TRP B 380 -45.15 -36.30 13.55
C TRP B 380 -46.45 -36.56 14.29
N LYS B 381 -46.50 -36.24 15.59
CA LYS B 381 -47.76 -36.13 16.34
C LYS B 381 -48.28 -34.71 16.19
N ARG B 382 -49.56 -34.51 16.45
CA ARG B 382 -50.15 -33.18 16.54
C ARG B 382 -49.44 -32.30 17.57
N ILE B 383 -49.16 -31.07 17.16
CA ILE B 383 -48.53 -30.09 18.06
C ILE B 383 -49.55 -29.60 19.09
N PRO B 384 -49.14 -29.48 20.38
CA PRO B 384 -50.06 -28.93 21.37
C PRO B 384 -50.16 -27.42 21.28
N PRO B 385 -51.23 -26.82 21.83
CA PRO B 385 -51.48 -25.39 21.59
C PRO B 385 -50.69 -24.52 22.57
N ASN B 386 -50.10 -25.09 23.63
CA ASN B 386 -49.19 -24.35 24.52
C ASN B 386 -47.82 -24.11 23.87
N GLN B 387 -47.67 -24.58 22.62
CA GLN B 387 -46.49 -24.35 21.79
C GLN B 387 -46.88 -23.54 20.51
N PRO B 388 -47.30 -22.29 20.69
CA PRO B 388 -47.99 -21.53 19.64
C PRO B 388 -47.18 -21.26 18.37
N TYR B 389 -45.90 -20.93 18.53
CA TYR B 389 -45.06 -20.71 17.37
C TYR B 389 -44.93 -22.02 16.57
N ARG B 390 -44.86 -23.15 17.27
CA ARG B 390 -44.83 -24.40 16.52
C ARG B 390 -46.13 -24.73 15.80
N VAL B 391 -47.27 -24.30 16.30
CA VAL B 391 -48.51 -24.56 15.58
C VAL B 391 -48.45 -23.82 14.27
N ILE B 392 -47.98 -22.57 14.28
CA ILE B 392 -47.92 -21.69 13.06
C ILE B 392 -46.95 -22.26 12.08
N LEU B 393 -45.75 -22.58 12.56
CA LEU B 393 -44.71 -23.07 11.70
C LEU B 393 -45.04 -24.49 11.23
N GLY B 394 -45.69 -25.31 12.06
CA GLY B 394 -46.26 -26.58 11.60
C GLY B 394 -47.14 -26.40 10.37
N ASP B 395 -47.97 -25.37 10.32
CA ASP B 395 -48.79 -25.14 9.13
C ASP B 395 -47.93 -24.72 7.94
N VAL B 396 -46.96 -23.87 8.18
CA VAL B 396 -46.05 -23.46 7.12
C VAL B 396 -45.33 -24.68 6.56
N ARG B 397 -44.87 -25.56 7.43
CA ARG B 397 -44.26 -26.80 6.97
C ARG B 397 -45.16 -27.59 5.99
N ASP B 398 -46.41 -27.86 6.40
CA ASP B 398 -47.33 -28.65 5.62
C ASP B 398 -47.49 -27.99 4.29
N LYS B 399 -47.67 -26.67 4.29
CA LYS B 399 -47.85 -25.94 3.04
C LYS B 399 -46.65 -26.04 2.13
N LEU B 400 -45.46 -25.94 2.73
CA LEU B 400 -44.22 -26.10 1.97
C LEU B 400 -44.14 -27.48 1.33
N TYR B 401 -44.51 -28.50 2.10
CA TYR B 401 -44.51 -29.85 1.59
C TYR B 401 -45.42 -29.97 0.39
N ASN B 402 -46.63 -29.41 0.52
CA ASN B 402 -47.61 -29.51 -0.56
C ASN B 402 -47.14 -28.73 -1.78
N THR B 403 -46.45 -27.60 -1.55
CA THR B 403 -45.91 -26.81 -2.67
C THR B 403 -44.84 -27.59 -3.39
N ARG B 404 -43.99 -28.27 -2.62
CA ARG B 404 -42.95 -29.05 -3.21
C ARG B 404 -43.56 -30.23 -3.97
N GLU B 405 -44.56 -30.91 -3.38
CA GLU B 405 -45.15 -32.06 -4.05
C GLU B 405 -45.89 -31.71 -5.35
N ARG B 406 -46.57 -30.58 -5.38
CA ARG B 406 -47.27 -30.21 -6.60
C ARG B 406 -46.30 -30.10 -7.76
N SER B 407 -45.25 -29.33 -7.54
CA SER B 407 -44.24 -29.21 -8.56
C SER B 407 -43.69 -30.54 -8.97
N ARG B 408 -43.50 -31.48 -8.04
CA ARG B 408 -42.95 -32.78 -8.43
C ARG B 408 -43.92 -33.56 -9.34
N HIS B 409 -45.22 -33.52 -9.02
CA HIS B 409 -46.25 -34.21 -9.83
C HIS B 409 -46.44 -33.52 -11.16
N LEU B 410 -46.55 -32.21 -11.13
CA LEU B 410 -46.57 -31.45 -12.36
C LEU B 410 -45.43 -31.88 -13.26
N LEU B 411 -44.29 -32.18 -12.67
CA LEU B 411 -43.08 -32.49 -13.43
C LEU B 411 -43.08 -33.92 -14.00
N VAL B 412 -43.33 -34.91 -13.16
CA VAL B 412 -43.23 -36.32 -13.57
C VAL B 412 -44.56 -36.87 -14.15
N ASP B 413 -45.70 -36.28 -13.75
CA ASP B 413 -47.05 -36.74 -14.19
C ASP B 413 -47.54 -35.97 -15.39
N GLY B 414 -47.55 -34.64 -15.28
CA GLY B 414 -48.21 -33.80 -16.25
C GLY B 414 -49.26 -32.97 -15.53
N LYS B 415 -49.80 -33.47 -14.43
CA LYS B 415 -50.72 -32.66 -13.61
C LYS B 415 -50.80 -33.18 -12.17
N SER B 416 -51.42 -32.36 -11.33
CA SER B 416 -51.72 -32.73 -9.97
C SER B 416 -53.11 -32.21 -9.67
N ASP B 417 -53.81 -32.95 -8.81
CA ASP B 417 -55.09 -32.53 -8.26
C ASP B 417 -54.95 -31.57 -7.03
N ILE B 418 -53.72 -31.30 -6.60
CA ILE B 418 -53.47 -30.51 -5.38
C ILE B 418 -53.85 -29.04 -5.61
N PRO B 419 -54.70 -28.47 -4.74
CA PRO B 419 -55.30 -27.15 -5.00
C PRO B 419 -54.50 -26.00 -4.44
N ASP B 420 -54.75 -24.82 -4.99
CA ASP B 420 -54.06 -23.57 -4.65
C ASP B 420 -54.01 -23.21 -3.15
N GLU B 421 -55.07 -23.52 -2.42
CA GLU B 421 -55.16 -23.11 -1.01
C GLU B 421 -54.29 -24.01 -0.12
N ALA B 422 -53.97 -25.21 -0.61
CA ALA B 422 -53.06 -26.17 0.05
C ALA B 422 -51.52 -25.84 -0.08
N VAL B 423 -51.19 -24.74 -0.74
CA VAL B 423 -49.90 -24.53 -1.35
C VAL B 423 -49.56 -23.05 -1.38
N TYR B 424 -48.30 -22.69 -1.50
CA TYR B 424 -47.99 -21.26 -1.63
C TYR B 424 -47.91 -20.98 -3.08
N THR B 425 -48.71 -20.01 -3.54
CA THR B 425 -48.66 -19.52 -4.94
C THR B 425 -48.01 -18.13 -4.99
N ASN B 426 -47.73 -17.53 -3.86
CA ASN B 426 -47.10 -16.24 -3.89
C ASN B 426 -46.29 -16.00 -2.62
N VAL B 427 -45.22 -15.24 -2.73
CA VAL B 427 -44.23 -15.23 -1.68
C VAL B 427 -44.81 -14.59 -0.39
N GLU B 428 -45.84 -13.74 -0.52
CA GLU B 428 -46.37 -13.01 0.62
C GLU B 428 -47.09 -13.97 1.51
N GLN B 429 -47.66 -15.01 0.93
CA GLN B 429 -48.35 -15.98 1.75
C GLN B 429 -47.35 -16.67 2.68
N LEU B 430 -46.08 -16.81 2.26
CA LEU B 430 -45.09 -17.51 3.11
C LEU B 430 -44.50 -16.58 4.14
N LEU B 431 -44.18 -15.38 3.72
CA LEU B 431 -43.74 -14.33 4.67
C LEU B 431 -44.77 -14.07 5.78
N GLU B 432 -46.03 -13.98 5.41
CA GLU B 432 -47.02 -13.49 6.35
C GLU B 432 -46.91 -14.20 7.73
N PRO B 433 -46.90 -15.56 7.77
CA PRO B 433 -46.95 -16.17 9.08
C PRO B 433 -45.64 -16.07 9.77
N LEU B 434 -44.58 -15.90 8.99
CA LEU B 434 -43.26 -15.66 9.59
C LEU B 434 -43.15 -14.26 10.22
N GLU B 435 -43.76 -13.28 9.57
CA GLU B 435 -43.80 -11.91 10.12
C GLU B 435 -44.59 -11.89 11.40
N LEU B 436 -45.65 -12.68 11.41
CA LEU B 436 -46.45 -12.83 12.61
C LEU B 436 -45.60 -13.37 13.78
N CYS B 437 -44.79 -14.42 13.54
CA CYS B 437 -43.97 -14.92 14.62
C CYS B 437 -43.01 -13.85 15.06
N TYR B 438 -42.44 -13.13 14.11
CA TYR B 438 -41.47 -12.06 14.39
C TYR B 438 -42.10 -11.00 15.28
N ARG B 439 -43.29 -10.54 14.91
CA ARG B 439 -43.98 -9.51 15.68
C ARG B 439 -44.35 -10.01 17.06
N SER B 440 -44.78 -11.27 17.13
CA SER B 440 -45.27 -11.85 18.42
C SER B 440 -44.11 -11.88 19.40
N LEU B 441 -42.94 -12.31 18.94
CA LEU B 441 -41.75 -12.32 19.80
C LEU B 441 -41.38 -10.92 20.25
N CYS B 442 -41.43 -9.95 19.34
CA CYS B 442 -41.15 -8.55 19.68
C CYS B 442 -42.13 -7.99 20.72
N ASP B 443 -43.44 -8.22 20.49
CA ASP B 443 -44.48 -7.74 21.41
C ASP B 443 -44.40 -8.40 22.78
N CYS B 444 -43.90 -9.64 22.84
CA CYS B 444 -43.79 -10.34 24.12
C CYS B 444 -42.43 -10.02 24.78
N GLY B 445 -41.63 -9.08 24.25
CA GLY B 445 -40.31 -8.73 24.83
C GLY B 445 -39.06 -9.50 24.34
N ASP B 446 -39.21 -10.34 23.30
CA ASP B 446 -38.14 -11.21 22.82
C ASP B 446 -37.54 -10.77 21.45
N HIS B 447 -37.43 -9.46 21.25
CA HIS B 447 -36.84 -8.88 20.06
C HIS B 447 -35.58 -9.62 19.70
N VAL B 448 -34.73 -9.77 20.69
CA VAL B 448 -33.40 -10.34 20.52
C VAL B 448 -33.48 -11.76 19.93
N ILE B 449 -34.49 -12.53 20.34
CA ILE B 449 -34.67 -13.91 19.82
C ILE B 449 -35.18 -13.87 18.36
N ALA B 450 -36.10 -12.98 18.12
CA ALA B 450 -36.63 -12.82 16.80
C ALA B 450 -35.50 -12.61 15.80
N ASP B 451 -34.44 -11.89 16.17
CA ASP B 451 -33.42 -11.48 15.21
C ASP B 451 -32.39 -12.58 15.09
N GLY B 452 -32.69 -13.79 15.54
CA GLY B 452 -31.75 -14.93 15.27
C GLY B 452 -32.19 -15.64 14.01
N SER B 453 -32.37 -16.95 14.10
CA SER B 453 -32.78 -17.80 12.98
C SER B 453 -34.04 -17.37 12.25
N LEU B 454 -35.02 -16.83 13.00
CA LEU B 454 -36.23 -16.36 12.39
C LEU B 454 -35.89 -15.24 11.43
N LEU B 455 -35.05 -14.31 11.83
CA LEU B 455 -34.68 -13.24 10.90
C LEU B 455 -33.92 -13.85 9.70
N ASP B 456 -33.02 -14.76 9.95
CA ASP B 456 -32.35 -15.40 8.83
C ASP B 456 -33.34 -15.97 7.81
N PHE B 457 -34.34 -16.69 8.30
CA PHE B 457 -35.31 -17.35 7.45
C PHE B 457 -36.11 -16.31 6.66
N LEU B 458 -36.54 -15.27 7.36
CA LEU B 458 -37.28 -14.15 6.73
C LEU B 458 -36.47 -13.62 5.52
N ARG B 459 -35.16 -13.48 5.68
CA ARG B 459 -34.28 -13.00 4.61
C ARG B 459 -34.12 -13.97 3.46
N GLN B 460 -34.03 -15.22 3.81
CA GLN B 460 -33.94 -16.22 2.78
C GLN B 460 -35.19 -16.19 1.99
N VAL B 461 -36.32 -16.06 2.67
CA VAL B 461 -37.61 -16.05 1.96
C VAL B 461 -37.69 -14.83 1.05
N SER B 462 -37.18 -13.71 1.51
CA SER B 462 -37.33 -12.47 0.77
C SER B 462 -36.37 -12.44 -0.42
N THR B 463 -35.23 -13.05 -0.26
CA THR B 463 -34.28 -13.12 -1.31
C THR B 463 -34.61 -14.22 -2.34
N PHE B 464 -34.86 -15.45 -1.90
CA PHE B 464 -35.12 -16.51 -2.82
C PHE B 464 -36.55 -16.66 -3.26
N GLY B 465 -37.51 -16.09 -2.57
CA GLY B 465 -38.89 -16.22 -2.99
C GLY B 465 -39.33 -17.68 -3.10
N LEU B 466 -40.29 -17.94 -3.94
CA LEU B 466 -40.74 -19.27 -4.17
C LEU B 466 -39.92 -19.95 -5.25
N SER B 467 -39.18 -19.20 -6.05
CA SER B 467 -38.26 -19.75 -7.04
C SER B 467 -36.86 -19.14 -6.85
N LEU B 468 -35.98 -19.97 -6.31
CA LEU B 468 -34.59 -19.64 -6.09
C LEU B 468 -33.98 -18.60 -7.10
N VAL B 469 -34.18 -18.91 -8.38
CA VAL B 469 -33.77 -18.10 -9.48
C VAL B 469 -34.97 -17.84 -10.35
N LYS B 470 -35.07 -16.61 -10.81
CA LYS B 470 -36.00 -16.23 -11.80
C LYS B 470 -35.27 -16.49 -13.08
N LEU B 471 -35.98 -17.03 -14.05
CA LEU B 471 -35.42 -17.44 -15.34
C LEU B 471 -35.59 -16.38 -16.43
N ASP B 472 -34.51 -16.03 -17.09
CA ASP B 472 -34.54 -15.19 -18.29
C ASP B 472 -34.80 -16.09 -19.49
N ILE B 473 -35.59 -15.61 -20.44
CA ILE B 473 -35.75 -16.29 -21.70
C ILE B 473 -34.89 -15.56 -22.70
N ARG B 474 -34.18 -16.25 -23.58
CA ARG B 474 -33.49 -15.53 -24.64
C ARG B 474 -33.62 -16.19 -25.97
N GLN B 475 -33.90 -15.37 -26.98
CA GLN B 475 -34.00 -15.87 -28.32
C GLN B 475 -33.63 -14.77 -29.31
N GLU B 476 -33.17 -15.15 -30.50
CA GLU B 476 -32.62 -14.14 -31.46
C GLU B 476 -33.70 -13.46 -32.27
N SER B 477 -33.44 -12.19 -32.64
CA SER B 477 -34.44 -11.35 -33.29
C SER B 477 -35.00 -11.98 -34.54
N ASP B 478 -34.14 -12.62 -35.33
CA ASP B 478 -34.60 -13.20 -36.58
C ASP B 478 -35.71 -14.29 -36.40
N ARG B 479 -35.71 -14.96 -35.23
CA ARG B 479 -36.75 -15.94 -34.95
C ARG B 479 -38.10 -15.27 -34.76
N HIS B 480 -38.11 -14.12 -34.11
CA HIS B 480 -39.35 -13.33 -34.02
C HIS B 480 -39.82 -12.83 -35.37
N THR B 481 -38.88 -12.38 -36.20
CA THR B 481 -39.22 -11.96 -37.54
C THR B 481 -39.87 -13.06 -38.31
N GLU B 482 -39.30 -14.24 -38.24
CA GLU B 482 -39.83 -15.41 -38.90
C GLU B 482 -41.30 -15.69 -38.42
N VAL B 483 -41.52 -15.62 -37.11
CA VAL B 483 -42.81 -15.91 -36.56
C VAL B 483 -43.79 -14.89 -37.10
N LEU B 484 -43.45 -13.60 -37.05
CA LEU B 484 -44.35 -12.56 -37.56
C LEU B 484 -44.59 -12.67 -39.09
N ASP B 485 -43.58 -13.11 -39.83
CA ASP B 485 -43.69 -13.21 -41.27
C ASP B 485 -44.62 -14.34 -41.58
N ALA B 486 -44.58 -15.37 -40.78
CA ALA B 486 -45.58 -16.43 -41.01
C ALA B 486 -47.05 -15.90 -40.79
N ILE B 487 -47.23 -15.05 -39.78
CA ILE B 487 -48.52 -14.51 -39.42
C ILE B 487 -48.96 -13.62 -40.52
N THR B 488 -48.09 -12.69 -40.95
CA THR B 488 -48.52 -11.73 -42.02
C THR B 488 -48.86 -12.40 -43.33
N GLN B 489 -48.09 -13.39 -43.73
CA GLN B 489 -48.40 -14.07 -44.98
C GLN B 489 -49.70 -14.81 -44.92
N HIS B 490 -49.90 -15.54 -43.82
CA HIS B 490 -51.12 -16.29 -43.62
C HIS B 490 -52.31 -15.37 -43.57
N LEU B 491 -52.15 -14.17 -43.04
CA LEU B 491 -53.24 -13.23 -43.02
C LEU B 491 -53.48 -12.61 -44.37
N GLY B 492 -52.64 -12.93 -45.37
CA GLY B 492 -52.74 -12.28 -46.71
C GLY B 492 -52.37 -10.80 -46.80
N ILE B 493 -51.69 -10.23 -45.80
CA ILE B 493 -51.35 -8.80 -45.85
C ILE B 493 -49.91 -8.47 -46.27
N GLY B 494 -49.18 -9.46 -46.75
CA GLY B 494 -47.79 -9.28 -47.21
C GLY B 494 -46.80 -9.98 -46.27
N SER B 495 -45.56 -9.57 -46.33
CA SER B 495 -44.49 -10.27 -45.67
C SER B 495 -43.78 -9.30 -44.76
N TYR B 496 -43.93 -9.52 -43.46
CA TYR B 496 -43.25 -8.70 -42.47
C TYR B 496 -41.79 -8.61 -42.74
N ARG B 497 -41.20 -9.71 -43.16
CA ARG B 497 -39.80 -9.73 -43.41
C ARG B 497 -39.36 -8.74 -44.52
N GLU B 498 -40.19 -8.61 -45.53
CA GLU B 498 -39.91 -7.68 -46.62
C GLU B 498 -40.08 -6.25 -46.20
N TRP B 499 -40.73 -5.98 -45.07
CA TRP B 499 -41.06 -4.61 -44.74
C TRP B 499 -39.93 -3.80 -44.17
N SER B 500 -39.94 -2.50 -44.43
CA SER B 500 -39.00 -1.54 -43.86
C SER B 500 -39.21 -1.40 -42.37
N GLU B 501 -38.21 -0.84 -41.73
CA GLU B 501 -38.23 -0.54 -40.31
C GLU B 501 -39.41 0.34 -39.95
N GLU B 502 -39.67 1.38 -40.73
CA GLU B 502 -40.87 2.26 -40.47
C GLU B 502 -42.20 1.51 -40.58
N LYS B 503 -42.31 0.63 -41.54
CA LYS B 503 -43.50 -0.13 -41.74
C LYS B 503 -43.64 -1.12 -40.61
N ARG B 504 -42.55 -1.79 -40.30
CA ARG B 504 -42.60 -2.70 -39.15
C ARG B 504 -43.17 -2.01 -37.91
N GLN B 505 -42.62 -0.84 -37.61
CA GLN B 505 -43.10 -0.09 -36.42
C GLN B 505 -44.51 0.29 -36.53
N GLU B 506 -44.90 0.85 -37.65
CA GLU B 506 -46.30 1.25 -37.82
C GLU B 506 -47.27 0.04 -37.62
N TRP B 507 -46.95 -1.10 -38.22
CA TRP B 507 -47.84 -2.28 -38.14
C TRP B 507 -47.88 -2.88 -36.78
N LEU B 508 -46.74 -2.93 -36.11
CA LEU B 508 -46.66 -3.43 -34.73
C LEU B 508 -47.47 -2.55 -33.76
N LEU B 509 -47.39 -1.23 -33.88
CA LEU B 509 -48.16 -0.32 -32.97
C LEU B 509 -49.62 -0.45 -33.24
N ALA B 510 -50.02 -0.62 -34.48
CA ALA B 510 -51.45 -0.80 -34.76
C ALA B 510 -51.94 -2.13 -34.16
N GLU B 511 -51.21 -3.22 -34.32
CA GLU B 511 -51.65 -4.49 -33.75
C GLU B 511 -51.46 -4.56 -32.24
N LEU B 512 -50.53 -3.80 -31.68
CA LEU B 512 -50.45 -3.74 -30.17
C LEU B 512 -51.69 -3.12 -29.55
N SER B 513 -52.44 -2.35 -30.32
CA SER B 513 -53.80 -1.94 -29.87
C SER B 513 -54.94 -2.59 -30.66
N GLY B 514 -54.66 -3.72 -31.32
CA GLY B 514 -55.66 -4.37 -32.16
C GLY B 514 -56.83 -4.95 -31.34
N LYS B 515 -57.98 -5.14 -31.97
CA LYS B 515 -59.13 -5.63 -31.22
C LYS B 515 -59.37 -7.12 -31.51
N ARG B 516 -58.66 -7.70 -32.49
CA ARG B 516 -58.79 -9.14 -32.84
C ARG B 516 -57.51 -9.82 -32.53
N PRO B 517 -57.52 -11.10 -32.14
CA PRO B 517 -56.21 -11.77 -32.10
C PRO B 517 -55.65 -12.04 -33.49
N LEU B 518 -54.34 -12.21 -33.53
CA LEU B 518 -53.58 -12.38 -34.77
C LEU B 518 -53.54 -13.82 -35.23
N ILE B 519 -53.54 -14.75 -34.29
CA ILE B 519 -53.23 -16.11 -34.62
C ILE B 519 -54.48 -16.94 -34.63
N GLY B 520 -54.88 -17.40 -35.83
CA GLY B 520 -55.91 -18.41 -36.00
C GLY B 520 -55.37 -19.84 -35.93
N PRO B 521 -56.22 -20.83 -35.72
CA PRO B 521 -55.81 -22.25 -35.58
C PRO B 521 -55.11 -22.79 -36.82
N ASP B 522 -55.47 -22.24 -37.96
CA ASP B 522 -54.94 -22.72 -39.22
C ASP B 522 -53.63 -22.07 -39.61
N LEU B 523 -53.05 -21.24 -38.76
CA LEU B 523 -51.72 -20.70 -39.06
C LEU B 523 -50.72 -21.83 -39.29
N PRO B 524 -50.15 -21.92 -40.50
CA PRO B 524 -49.10 -22.88 -40.71
C PRO B 524 -47.75 -22.47 -40.12
N LYS B 525 -47.08 -23.47 -39.56
CA LYS B 525 -45.97 -23.31 -38.65
C LYS B 525 -44.82 -24.30 -38.98
N THR B 526 -43.68 -23.82 -39.40
CA THR B 526 -42.46 -24.61 -39.36
C THR B 526 -42.16 -25.03 -37.90
N GLU B 527 -41.31 -26.01 -37.73
CA GLU B 527 -40.94 -26.42 -36.40
C GLU B 527 -40.35 -25.27 -35.56
N GLU B 528 -39.58 -24.39 -36.20
CA GLU B 528 -38.93 -23.28 -35.49
C GLU B 528 -39.96 -22.25 -35.00
N VAL B 529 -40.94 -21.98 -35.85
CA VAL B 529 -41.98 -20.99 -35.55
C VAL B 529 -42.84 -21.55 -34.44
N LYS B 530 -43.20 -22.82 -34.52
CA LYS B 530 -43.95 -23.46 -33.44
C LYS B 530 -43.21 -23.41 -32.10
N ASP B 531 -41.93 -23.77 -32.12
CA ASP B 531 -41.09 -23.77 -30.92
C ASP B 531 -41.07 -22.35 -30.29
N CYS B 532 -41.05 -21.32 -31.10
CA CYS B 532 -41.03 -19.97 -30.58
C CYS B 532 -42.41 -19.56 -30.02
N LEU B 533 -43.49 -19.86 -30.76
CA LEU B 533 -44.83 -19.56 -30.23
C LEU B 533 -45.16 -20.33 -28.96
N ASP B 534 -44.72 -21.57 -28.86
CA ASP B 534 -45.06 -22.37 -27.69
C ASP B 534 -44.24 -21.97 -26.46
N THR B 535 -43.17 -21.26 -26.67
CA THR B 535 -42.44 -20.65 -25.56
C THR B 535 -43.36 -19.61 -24.88
N PHE B 536 -44.02 -18.77 -25.68
CA PHE B 536 -44.93 -17.80 -25.09
C PHE B 536 -46.09 -18.48 -24.40
N LYS B 537 -46.50 -19.64 -24.92
CA LYS B 537 -47.58 -20.42 -24.27
C LYS B 537 -47.10 -20.75 -22.84
N VAL B 538 -45.89 -21.22 -22.73
CA VAL B 538 -45.38 -21.53 -21.44
C VAL B 538 -45.29 -20.30 -20.54
N LEU B 539 -44.84 -19.18 -21.07
CA LEU B 539 -44.88 -17.94 -20.29
C LEU B 539 -46.28 -17.58 -19.85
N ALA B 540 -47.28 -17.79 -20.68
CA ALA B 540 -48.66 -17.48 -20.30
C ALA B 540 -49.17 -18.32 -19.16
N GLU B 541 -48.60 -19.49 -18.91
CA GLU B 541 -49.22 -20.47 -18.04
C GLU B 541 -48.53 -20.61 -16.71
N LEU B 542 -47.24 -20.33 -16.66
CA LEU B 542 -46.52 -20.49 -15.40
C LEU B 542 -46.61 -19.17 -14.64
N PRO B 543 -46.48 -19.21 -13.33
CA PRO B 543 -46.59 -17.98 -12.54
C PRO B 543 -45.49 -17.00 -12.92
N SER B 544 -45.82 -15.71 -12.85
CA SER B 544 -44.89 -14.71 -13.24
C SER B 544 -43.66 -14.66 -12.39
N ASP B 545 -43.74 -15.05 -11.12
CA ASP B 545 -42.52 -15.09 -10.25
C ASP B 545 -41.50 -16.15 -10.71
N CYS B 546 -41.80 -16.93 -11.74
CA CYS B 546 -40.78 -17.79 -12.34
C CYS B 546 -39.80 -17.02 -13.18
N PHE B 547 -40.18 -15.85 -13.70
CA PHE B 547 -39.41 -15.28 -14.81
C PHE B 547 -38.85 -13.95 -14.53
N GLY B 548 -37.80 -13.61 -15.28
CA GLY B 548 -37.23 -12.28 -15.28
C GLY B 548 -37.42 -11.62 -16.63
N ALA B 549 -36.36 -11.56 -17.44
CA ALA B 549 -36.33 -10.77 -18.70
C ALA B 549 -36.46 -11.64 -19.93
N TYR B 550 -36.95 -11.05 -21.01
CA TYR B 550 -36.96 -11.69 -22.32
C TYR B 550 -35.90 -10.94 -23.08
N ILE B 551 -34.73 -11.55 -23.23
CA ILE B 551 -33.60 -10.95 -23.89
C ILE B 551 -33.70 -11.29 -25.35
N ILE B 552 -33.49 -10.29 -26.20
CA ILE B 552 -33.47 -10.49 -27.61
C ILE B 552 -31.99 -10.44 -28.07
N SER B 553 -31.49 -11.60 -28.48
CA SER B 553 -30.17 -11.72 -29.08
C SER B 553 -30.19 -11.07 -30.45
N MET B 554 -29.05 -10.48 -30.83
CA MET B 554 -28.88 -9.90 -32.15
C MET B 554 -29.91 -8.78 -32.34
N ALA B 555 -30.27 -8.06 -31.28
CA ALA B 555 -31.20 -6.97 -31.51
C ALA B 555 -30.52 -5.88 -32.35
N THR B 556 -31.27 -5.22 -33.22
CA THR B 556 -30.81 -4.03 -33.98
C THR B 556 -31.80 -2.90 -34.01
N SER B 557 -33.08 -3.18 -33.76
CA SER B 557 -34.15 -2.20 -34.00
C SER B 557 -35.13 -2.01 -32.88
N THR B 558 -35.73 -0.84 -32.87
CA THR B 558 -36.99 -0.60 -32.25
C THR B 558 -37.98 -1.75 -32.50
N SER B 559 -38.16 -2.12 -33.76
CA SER B 559 -39.16 -3.14 -34.11
C SER B 559 -38.82 -4.51 -33.51
N ASP B 560 -37.55 -4.82 -33.31
CA ASP B 560 -37.20 -6.11 -32.69
C ASP B 560 -37.84 -6.23 -31.32
N VAL B 561 -37.83 -5.14 -30.56
CA VAL B 561 -38.35 -5.10 -29.20
C VAL B 561 -39.85 -5.13 -29.24
N LEU B 562 -40.44 -4.35 -30.15
CA LEU B 562 -41.89 -4.29 -30.27
C LEU B 562 -42.49 -5.65 -30.71
N ALA B 563 -41.75 -6.37 -31.53
CA ALA B 563 -42.14 -7.69 -31.99
C ALA B 563 -42.44 -8.63 -30.83
N VAL B 564 -41.54 -8.63 -29.85
CA VAL B 564 -41.71 -9.48 -28.71
C VAL B 564 -42.83 -9.00 -27.85
N GLU B 565 -42.99 -7.68 -27.71
CA GLU B 565 -44.12 -7.16 -26.96
C GLU B 565 -45.43 -7.62 -27.62
N LEU B 566 -45.49 -7.61 -28.95
CA LEU B 566 -46.73 -8.03 -29.62
C LEU B 566 -47.05 -9.51 -29.38
N LEU B 567 -46.04 -10.36 -29.40
CA LEU B 567 -46.27 -11.76 -29.15
C LEU B 567 -46.71 -12.01 -27.73
N GLN B 568 -46.15 -11.27 -26.77
CA GLN B 568 -46.64 -11.40 -25.38
C GLN B 568 -48.09 -10.93 -25.23
N ARG B 569 -48.51 -9.85 -25.89
CA ARG B 569 -49.89 -9.42 -25.76
C ARG B 569 -50.81 -10.46 -26.41
N GLU B 570 -50.34 -11.04 -27.49
CA GLU B 570 -51.18 -11.97 -28.24
C GLU B 570 -51.47 -13.17 -27.38
N TYR B 571 -50.46 -13.63 -26.64
CA TYR B 571 -50.68 -14.69 -25.63
C TYR B 571 -51.35 -14.22 -24.33
N HIS B 572 -51.79 -12.97 -24.24
CA HIS B 572 -52.54 -12.49 -23.07
C HIS B 572 -51.79 -12.75 -21.75
N ILE B 573 -50.47 -12.62 -21.73
CA ILE B 573 -49.63 -12.85 -20.51
C ILE B 573 -49.97 -11.78 -19.46
N LYS B 574 -50.45 -12.18 -18.30
CA LYS B 574 -50.96 -11.25 -17.33
C LYS B 574 -49.87 -10.24 -16.96
N HIS B 575 -48.65 -10.73 -16.79
CA HIS B 575 -47.46 -9.92 -16.41
C HIS B 575 -46.34 -10.18 -17.39
N PRO B 576 -46.37 -9.51 -18.54
CA PRO B 576 -45.37 -9.67 -19.58
C PRO B 576 -44.01 -9.46 -19.04
N LEU B 577 -43.08 -10.31 -19.44
CA LEU B 577 -41.67 -10.13 -19.11
C LEU B 577 -41.15 -8.85 -19.72
N ARG B 578 -40.27 -8.14 -19.03
CA ARG B 578 -39.67 -6.88 -19.62
C ARG B 578 -38.83 -7.30 -20.85
N VAL B 579 -38.78 -6.45 -21.88
CA VAL B 579 -38.11 -6.83 -23.12
C VAL B 579 -36.79 -6.11 -23.15
N VAL B 580 -35.71 -6.87 -23.30
CA VAL B 580 -34.37 -6.37 -23.15
C VAL B 580 -33.56 -6.72 -24.43
N PRO B 581 -33.18 -5.71 -25.24
CA PRO B 581 -32.36 -5.97 -26.37
C PRO B 581 -30.89 -6.18 -26.05
N LEU B 582 -30.26 -7.16 -26.70
CA LEU B 582 -28.81 -7.40 -26.62
C LEU B 582 -28.25 -6.92 -27.97
N PHE B 583 -27.62 -5.75 -28.00
CA PHE B 583 -26.94 -5.28 -29.20
C PHE B 583 -25.52 -5.79 -29.17
N GLU B 584 -25.17 -6.61 -30.15
CA GLU B 584 -23.95 -7.35 -30.25
C GLU B 584 -22.81 -6.72 -31.13
N LYS B 585 -23.04 -6.50 -32.42
CA LYS B 585 -21.94 -5.93 -33.27
C LYS B 585 -21.71 -4.45 -33.03
N LEU B 586 -20.52 -3.97 -33.41
CA LEU B 586 -20.23 -2.56 -33.27
C LEU B 586 -21.36 -1.77 -33.93
N ALA B 587 -21.68 -2.10 -35.17
CA ALA B 587 -22.73 -1.33 -35.89
C ALA B 587 -24.07 -1.32 -35.11
N ASP B 588 -24.36 -2.41 -34.39
CA ASP B 588 -25.58 -2.53 -33.64
C ASP B 588 -25.53 -1.61 -32.44
N LEU B 589 -24.39 -1.65 -31.77
CA LEU B 589 -24.15 -0.72 -30.66
C LEU B 589 -24.30 0.78 -31.11
N GLU B 590 -23.75 1.09 -32.28
CA GLU B 590 -23.86 2.43 -32.85
C GLU B 590 -25.30 2.80 -33.19
N ALA B 591 -26.14 1.83 -33.59
CA ALA B 591 -27.54 2.11 -33.87
C ALA B 591 -28.46 2.05 -32.64
N ALA B 592 -27.95 1.62 -31.49
CA ALA B 592 -28.78 1.42 -30.32
C ALA B 592 -29.41 2.70 -29.82
N PRO B 593 -28.61 3.76 -29.63
CA PRO B 593 -29.18 5.05 -29.23
C PRO B 593 -30.45 5.48 -30.00
N ALA B 594 -30.39 5.53 -31.33
CA ALA B 594 -31.57 5.93 -32.14
C ALA B 594 -32.71 4.95 -31.87
N ALA B 595 -32.40 3.67 -31.65
CA ALA B 595 -33.43 2.68 -31.36
C ALA B 595 -34.13 2.88 -30.03
N MET B 596 -33.38 3.25 -29.01
CA MET B 596 -33.97 3.45 -27.66
C MET B 596 -34.75 4.75 -27.65
N THR B 597 -34.16 5.77 -28.28
CA THR B 597 -34.85 7.04 -28.46
C THR B 597 -36.23 6.85 -29.05
N ARG B 598 -36.32 6.07 -30.13
CA ARG B 598 -37.61 5.83 -30.75
C ARG B 598 -38.53 5.04 -29.80
N LEU B 599 -38.04 3.97 -29.22
CA LEU B 599 -38.91 3.26 -28.25
C LEU B 599 -39.44 4.20 -27.20
N PHE B 600 -38.55 5.01 -26.64
CA PHE B 600 -38.95 5.86 -25.53
C PHE B 600 -39.84 6.99 -26.02
N SER B 601 -39.89 7.25 -27.33
CA SER B 601 -40.80 8.27 -27.89
C SER B 601 -42.21 7.79 -28.09
N MET B 602 -42.43 6.47 -28.04
CA MET B 602 -43.75 5.86 -28.36
C MET B 602 -44.58 5.76 -27.11
N ASP B 603 -45.77 6.38 -27.13
CA ASP B 603 -46.70 6.40 -26.01
C ASP B 603 -47.00 4.98 -25.53
N TRP B 604 -47.27 4.07 -26.48
CA TRP B 604 -47.67 2.72 -26.07
C TRP B 604 -46.56 2.09 -25.28
N TYR B 605 -45.33 2.25 -25.73
CA TYR B 605 -44.19 1.59 -25.07
C TYR B 605 -43.88 2.19 -23.73
N ARG B 606 -43.88 3.52 -23.65
CA ARG B 606 -43.60 4.24 -22.37
C ARG B 606 -44.56 3.89 -21.35
N ASN B 607 -45.79 3.78 -21.78
CA ASN B 607 -46.81 3.37 -20.86
C ASN B 607 -46.63 1.92 -20.35
N ARG B 608 -46.29 1.02 -21.25
CA ARG B 608 -46.00 -0.35 -20.89
C ARG B 608 -44.77 -0.50 -19.95
N ILE B 609 -43.76 0.32 -20.14
CA ILE B 609 -42.44 0.11 -19.52
C ILE B 609 -42.45 0.63 -18.12
N ASP B 610 -43.37 1.56 -17.86
CA ASP B 610 -43.56 2.13 -16.52
C ASP B 610 -42.28 2.65 -15.85
N GLY B 611 -41.55 3.48 -16.60
CA GLY B 611 -40.41 4.23 -16.07
C GLY B 611 -39.14 3.42 -16.02
N LYS B 612 -39.09 2.20 -16.58
CA LYS B 612 -37.96 1.25 -16.41
C LYS B 612 -37.61 0.48 -17.66
N GLN B 613 -36.31 0.42 -17.97
CA GLN B 613 -35.83 -0.32 -19.08
C GLN B 613 -34.49 -0.92 -18.78
N GLU B 614 -34.34 -2.15 -19.24
CA GLU B 614 -33.09 -2.83 -19.17
C GLU B 614 -32.53 -3.04 -20.60
N VAL B 615 -31.22 -2.86 -20.76
CA VAL B 615 -30.57 -3.12 -22.00
C VAL B 615 -29.38 -4.01 -21.70
N MET B 616 -29.11 -5.00 -22.57
CA MET B 616 -28.00 -5.94 -22.35
C MET B 616 -26.85 -5.72 -23.31
N ILE B 617 -25.62 -5.85 -22.79
CA ILE B 617 -24.37 -5.72 -23.58
C ILE B 617 -23.61 -6.99 -23.36
N GLY B 618 -22.90 -7.42 -24.39
CA GLY B 618 -22.12 -8.62 -24.36
C GLY B 618 -20.72 -8.35 -24.85
N TYR B 619 -19.78 -8.28 -23.89
CA TYR B 619 -18.41 -7.92 -24.21
C TYR B 619 -17.75 -8.92 -25.23
N SER B 620 -17.96 -10.21 -25.01
CA SER B 620 -17.34 -11.26 -25.81
C SER B 620 -17.94 -11.23 -27.21
N ASP B 621 -19.24 -11.02 -27.28
CA ASP B 621 -19.90 -10.89 -28.56
C ASP B 621 -19.37 -9.68 -29.36
N SER B 622 -19.34 -8.48 -28.77
CA SER B 622 -18.82 -7.31 -29.46
C SER B 622 -17.34 -7.42 -29.82
N GLY B 623 -16.61 -8.06 -28.95
CA GLY B 623 -15.22 -8.34 -29.27
C GLY B 623 -14.97 -9.28 -30.41
N LYS B 624 -15.92 -10.17 -30.69
CA LYS B 624 -15.80 -11.09 -31.82
C LYS B 624 -15.92 -10.32 -33.12
N ASP B 625 -16.79 -9.33 -33.15
CA ASP B 625 -17.03 -8.47 -34.32
C ASP B 625 -15.89 -7.47 -34.60
N ALA B 626 -15.28 -6.93 -33.53
CA ALA B 626 -14.44 -5.75 -33.66
C ALA B 626 -13.13 -5.80 -32.97
N GLY B 627 -12.89 -6.82 -32.15
CA GLY B 627 -11.67 -6.91 -31.38
C GLY B 627 -12.00 -6.38 -30.03
N ARG B 628 -11.33 -6.89 -29.04
CA ARG B 628 -11.65 -6.59 -27.69
C ARG B 628 -11.42 -5.13 -27.26
N PHE B 629 -10.34 -4.51 -27.75
CA PHE B 629 -10.08 -3.12 -27.43
C PHE B 629 -11.23 -2.24 -27.91
N SER B 630 -11.60 -2.40 -29.16
CA SER B 630 -12.58 -1.50 -29.71
C SER B 630 -13.94 -1.79 -29.14
N ALA B 631 -14.21 -3.03 -28.77
CA ALA B 631 -15.49 -3.35 -28.11
C ALA B 631 -15.51 -2.74 -26.73
N ALA B 632 -14.38 -2.74 -26.05
CA ALA B 632 -14.39 -2.16 -24.68
C ALA B 632 -14.72 -0.65 -24.74
N TRP B 633 -14.03 0.08 -25.58
CA TRP B 633 -14.21 1.48 -25.67
C TRP B 633 -15.58 1.76 -26.18
N GLN B 634 -16.00 1.10 -27.25
CA GLN B 634 -17.35 1.39 -27.73
C GLN B 634 -18.36 1.11 -26.64
N LEU B 635 -18.14 0.10 -25.82
CA LEU B 635 -19.16 -0.23 -24.86
C LEU B 635 -19.25 0.84 -23.78
N TYR B 636 -18.09 1.39 -23.41
CA TYR B 636 -18.04 2.47 -22.49
C TYR B 636 -18.89 3.60 -23.04
N LYS B 637 -18.70 3.97 -24.31
CA LYS B 637 -19.37 5.14 -24.87
C LYS B 637 -20.83 4.90 -25.01
N THR B 638 -21.20 3.74 -25.52
CA THR B 638 -22.61 3.46 -25.73
C THR B 638 -23.35 3.58 -24.44
N GLN B 639 -22.75 3.11 -23.35
CA GLN B 639 -23.45 3.12 -22.09
C GLN B 639 -23.66 4.55 -21.64
N GLU B 640 -22.63 5.40 -21.77
CA GLU B 640 -22.82 6.84 -21.55
C GLU B 640 -24.01 7.36 -22.32
N GLN B 641 -24.05 7.04 -23.62
CA GLN B 641 -25.06 7.66 -24.46
C GLN B 641 -26.44 7.21 -24.09
N ILE B 642 -26.59 5.95 -23.71
CA ILE B 642 -27.93 5.44 -23.37
C ILE B 642 -28.40 5.90 -22.00
N VAL B 643 -27.46 6.09 -21.11
CA VAL B 643 -27.77 6.74 -19.86
C VAL B 643 -28.32 8.15 -20.08
N LYS B 644 -27.71 8.91 -20.96
CA LYS B 644 -28.16 10.26 -21.23
C LYS B 644 -29.57 10.21 -21.81
N ILE B 645 -29.78 9.32 -22.74
CA ILE B 645 -31.10 9.24 -23.38
C ILE B 645 -32.16 8.82 -22.37
N ALA B 646 -31.85 7.87 -21.54
CA ALA B 646 -32.80 7.48 -20.48
C ALA B 646 -33.22 8.66 -19.61
N LYS B 647 -32.23 9.43 -19.16
CA LYS B 647 -32.45 10.59 -18.27
C LYS B 647 -33.41 11.54 -18.92
N GLU B 648 -33.06 11.91 -20.15
CA GLU B 648 -33.84 12.83 -20.92
C GLU B 648 -35.30 12.41 -20.91
N PHE B 649 -35.59 11.10 -20.99
CA PHE B 649 -36.95 10.62 -21.09
C PHE B 649 -37.48 10.24 -19.71
N GLY B 650 -36.73 10.49 -18.65
CA GLY B 650 -37.26 10.10 -17.30
C GLY B 650 -37.49 8.58 -17.16
N VAL B 651 -36.57 7.79 -17.74
CA VAL B 651 -36.59 6.32 -17.64
C VAL B 651 -35.38 5.91 -16.85
N LYS B 652 -35.57 5.02 -15.87
CA LYS B 652 -34.50 4.42 -15.14
C LYS B 652 -33.97 3.28 -16.00
N LEU B 653 -32.66 3.26 -16.16
CA LEU B 653 -31.97 2.32 -17.02
C LEU B 653 -31.16 1.34 -16.20
N VAL B 654 -31.32 0.03 -16.48
CA VAL B 654 -30.42 -0.98 -16.03
C VAL B 654 -29.59 -1.52 -17.19
N ILE B 655 -28.26 -1.54 -17.03
CA ILE B 655 -27.36 -2.18 -17.93
C ILE B 655 -27.05 -3.56 -17.41
N PHE B 656 -27.37 -4.57 -18.23
CA PHE B 656 -27.18 -5.95 -17.86
C PHE B 656 -25.93 -6.40 -18.50
N HIS B 657 -24.99 -6.84 -17.70
CA HIS B 657 -23.67 -7.13 -18.18
C HIS B 657 -23.55 -8.56 -18.51
N GLY B 658 -23.49 -8.84 -19.81
CA GLY B 658 -23.27 -10.18 -20.31
C GLY B 658 -21.84 -10.58 -20.11
N ARG B 659 -21.52 -11.76 -20.58
CA ARG B 659 -20.21 -12.28 -20.32
C ARG B 659 -19.01 -11.60 -21.05
N GLY B 660 -17.84 -11.84 -20.50
CA GLY B 660 -16.64 -11.35 -21.08
C GLY B 660 -16.11 -10.06 -20.57
N GLY B 661 -16.85 -9.30 -19.76
CA GLY B 661 -16.26 -8.07 -19.16
C GLY B 661 -15.32 -8.24 -17.97
N THR B 662 -14.64 -7.13 -17.61
CA THR B 662 -13.78 -7.07 -16.43
C THR B 662 -14.54 -7.39 -15.17
N VAL B 663 -15.83 -7.10 -15.23
CA VAL B 663 -16.72 -7.23 -14.13
C VAL B 663 -17.07 -8.73 -13.86
N GLY B 664 -16.81 -9.57 -14.84
CA GLY B 664 -17.04 -10.99 -14.69
C GLY B 664 -15.85 -11.79 -14.22
N ARG B 665 -14.77 -11.15 -13.78
CA ARG B 665 -13.57 -11.89 -13.40
C ARG B 665 -13.72 -12.66 -12.11
N GLY B 666 -14.49 -12.08 -11.22
CA GLY B 666 -14.58 -12.53 -9.84
C GLY B 666 -13.46 -12.06 -8.99
N GLY B 667 -13.64 -12.17 -7.69
CA GLY B 667 -12.59 -11.79 -6.78
C GLY B 667 -12.40 -10.29 -6.69
N GLY B 668 -11.24 -9.92 -6.20
CA GLY B 668 -10.91 -8.50 -6.07
C GLY B 668 -11.13 -7.74 -7.33
N PRO B 669 -10.67 -8.30 -8.46
CA PRO B 669 -10.75 -7.47 -9.66
C PRO B 669 -12.13 -7.04 -10.01
N THR B 670 -13.13 -7.86 -9.71
CA THR B 670 -14.52 -7.48 -9.97
C THR B 670 -14.87 -6.20 -9.23
N HIS B 671 -14.28 -6.01 -8.07
CA HIS B 671 -14.60 -4.83 -7.25
C HIS B 671 -14.16 -3.51 -7.97
N LEU B 672 -12.92 -3.34 -8.36
CA LEU B 672 -12.56 -2.15 -9.13
C LEU B 672 -13.31 -2.09 -10.48
N ALA B 673 -13.53 -3.27 -11.08
CA ALA B 673 -14.19 -3.33 -12.38
C ALA B 673 -15.53 -2.62 -12.23
N LEU B 674 -16.26 -2.96 -11.19
CA LEU B 674 -17.56 -2.28 -10.93
C LEU B 674 -17.45 -0.77 -10.71
N LEU B 675 -16.45 -0.34 -9.95
CA LEU B 675 -16.30 1.09 -9.65
C LEU B 675 -15.78 1.88 -10.86
N SER B 676 -15.32 1.17 -11.89
CA SER B 676 -14.86 1.76 -13.18
C SER B 676 -15.93 2.10 -14.15
N GLN B 677 -17.10 1.51 -13.98
CA GLN B 677 -18.23 1.79 -14.80
C GLN B 677 -18.43 3.31 -15.02
N PRO B 678 -18.93 3.67 -16.20
CA PRO B 678 -19.26 5.05 -16.47
C PRO B 678 -20.27 5.57 -15.50
N PRO B 679 -20.17 6.87 -15.23
CA PRO B 679 -21.03 7.49 -14.23
C PRO B 679 -22.48 7.19 -14.47
N ASP B 680 -23.24 6.91 -13.43
CA ASP B 680 -24.71 6.68 -13.56
C ASP B 680 -25.16 5.45 -14.35
N THR B 681 -24.27 4.52 -14.72
CA THR B 681 -24.62 3.31 -15.40
C THR B 681 -25.11 2.23 -14.43
N ILE B 682 -25.00 2.46 -13.13
CA ILE B 682 -25.43 1.51 -12.13
C ILE B 682 -26.66 2.07 -11.41
N ASN B 683 -26.51 3.25 -10.81
CA ASN B 683 -27.62 3.97 -10.29
C ASN B 683 -28.53 3.10 -9.45
N GLY B 684 -27.97 2.38 -8.49
CA GLY B 684 -28.77 1.64 -7.52
C GLY B 684 -29.23 0.26 -7.95
N SER B 685 -28.98 -0.13 -9.20
CA SER B 685 -29.43 -1.43 -9.74
C SER B 685 -28.37 -2.13 -10.62
N LEU B 686 -27.72 -3.13 -10.07
CA LEU B 686 -26.74 -3.92 -10.81
C LEU B 686 -27.34 -5.23 -11.24
N ARG B 687 -27.01 -5.62 -12.46
CA ARG B 687 -27.45 -6.88 -13.00
C ARG B 687 -26.27 -7.34 -13.79
N VAL B 688 -25.63 -8.43 -13.33
CA VAL B 688 -24.43 -8.98 -13.95
C VAL B 688 -24.46 -10.50 -14.06
N THR B 689 -23.82 -10.99 -15.10
CA THR B 689 -23.58 -12.37 -15.36
C THR B 689 -22.52 -12.94 -14.48
N VAL B 690 -22.86 -13.99 -13.76
CA VAL B 690 -21.83 -14.81 -13.14
C VAL B 690 -21.58 -15.99 -14.07
N GLN B 691 -20.42 -15.99 -14.71
CA GLN B 691 -20.12 -16.91 -15.78
C GLN B 691 -19.92 -18.28 -15.17
N GLY B 692 -20.41 -19.30 -15.86
CA GLY B 692 -20.29 -20.67 -15.35
C GLY B 692 -18.92 -21.08 -14.94
N GLU B 693 -17.91 -20.57 -15.62
CA GLU B 693 -16.55 -21.05 -15.38
C GLU B 693 -15.94 -20.32 -14.18
N VAL B 694 -16.68 -19.39 -13.61
CA VAL B 694 -16.19 -18.63 -12.48
C VAL B 694 -17.00 -18.96 -11.22
N ILE B 695 -18.09 -19.71 -11.35
CA ILE B 695 -19.06 -19.90 -10.24
C ILE B 695 -18.36 -20.57 -9.10
N GLU B 696 -17.56 -21.56 -9.39
CA GLU B 696 -16.87 -22.29 -8.35
C GLU B 696 -15.94 -21.36 -7.55
N GLN B 697 -15.15 -20.54 -8.23
CA GLN B 697 -14.26 -19.56 -7.52
C GLN B 697 -15.06 -18.58 -6.66
N SER B 698 -16.23 -18.17 -7.13
CA SER B 698 -16.97 -17.13 -6.46
C SER B 698 -17.79 -17.68 -5.26
N PHE B 699 -18.32 -18.87 -5.41
CA PHE B 699 -19.28 -19.37 -4.42
C PHE B 699 -18.99 -20.75 -3.87
N GLY B 700 -17.94 -21.43 -4.29
CA GLY B 700 -17.66 -22.78 -3.71
C GLY B 700 -17.22 -22.80 -2.26
N GLU B 701 -16.52 -21.77 -1.78
CA GLU B 701 -15.99 -21.79 -0.43
C GLU B 701 -16.75 -20.73 0.32
N GLU B 702 -17.10 -20.97 1.57
CA GLU B 702 -18.04 -20.05 2.25
C GLU B 702 -17.54 -18.59 2.41
N HIS B 703 -16.26 -18.40 2.69
CA HIS B 703 -15.67 -17.09 2.79
C HIS B 703 -15.65 -16.40 1.47
N LEU B 704 -15.38 -17.13 0.39
CA LEU B 704 -15.35 -16.48 -0.91
C LEU B 704 -16.75 -16.09 -1.33
N CYS B 705 -17.71 -16.88 -0.89
CA CYS B 705 -19.12 -16.61 -1.17
C CYS B 705 -19.57 -15.31 -0.51
N PHE B 706 -19.32 -15.23 0.79
CA PHE B 706 -19.50 -14.04 1.52
C PHE B 706 -18.84 -12.82 0.83
N ARG B 707 -17.58 -12.94 0.40
CA ARG B 707 -16.89 -11.79 -0.09
C ARG B 707 -17.33 -11.37 -1.47
N THR B 708 -17.86 -12.33 -2.22
CA THR B 708 -18.42 -12.06 -3.54
C THR B 708 -19.66 -11.25 -3.27
N LEU B 709 -20.51 -11.69 -2.35
CA LEU B 709 -21.77 -10.97 -2.17
C LEU B 709 -21.44 -9.58 -1.67
N GLN B 710 -20.46 -9.48 -0.79
CA GLN B 710 -20.07 -8.19 -0.21
C GLN B 710 -19.55 -7.19 -1.24
N ARG B 711 -18.69 -7.64 -2.14
CA ARG B 711 -18.14 -6.64 -3.05
C ARG B 711 -19.19 -6.22 -4.08
N PHE B 712 -20.05 -7.13 -4.53
CA PHE B 712 -21.10 -6.71 -5.40
C PHE B 712 -21.95 -5.64 -4.71
N CYS B 713 -22.22 -5.80 -3.42
CA CYS B 713 -23.11 -4.81 -2.78
C CYS B 713 -22.37 -3.49 -2.52
N ALA B 714 -21.11 -3.61 -2.08
CA ALA B 714 -20.31 -2.47 -1.68
C ALA B 714 -20.06 -1.61 -2.91
N ALA B 715 -19.70 -2.25 -4.00
CA ALA B 715 -19.33 -1.56 -5.21
C ALA B 715 -20.52 -0.85 -5.80
N THR B 716 -21.70 -1.48 -5.75
CA THR B 716 -22.90 -0.89 -6.35
C THR B 716 -23.27 0.38 -5.56
N LEU B 717 -23.22 0.27 -4.26
CA LEU B 717 -23.60 1.38 -3.42
C LEU B 717 -22.68 2.52 -3.70
N GLU B 718 -21.38 2.26 -3.70
CA GLU B 718 -20.40 3.34 -3.82
C GLU B 718 -20.46 4.08 -5.16
N HIS B 719 -20.60 3.32 -6.22
CA HIS B 719 -20.51 3.89 -7.52
C HIS B 719 -21.51 4.99 -7.74
N GLY B 720 -22.69 4.84 -7.14
CA GLY B 720 -23.81 5.80 -7.34
C GLY B 720 -23.54 7.10 -6.67
N MET B 721 -22.66 7.11 -5.68
CA MET B 721 -22.31 8.31 -4.92
C MET B 721 -20.87 8.76 -5.17
N ASN B 722 -20.07 7.99 -5.91
CA ASN B 722 -18.63 8.27 -6.06
C ASN B 722 -18.17 7.72 -7.40
N PRO B 723 -18.61 8.32 -8.51
CA PRO B 723 -18.23 7.88 -9.84
C PRO B 723 -16.72 7.96 -10.10
N PRO B 724 -16.16 7.06 -10.95
CA PRO B 724 -14.76 7.27 -11.31
C PRO B 724 -14.61 8.56 -12.08
N ILE B 725 -13.39 9.09 -12.14
CA ILE B 725 -13.16 10.30 -12.90
C ILE B 725 -13.61 10.04 -14.29
N SER B 726 -14.09 11.09 -14.94
CA SER B 726 -14.40 10.98 -16.37
C SER B 726 -13.12 11.29 -17.16
N PRO B 727 -13.04 10.69 -18.35
CA PRO B 727 -11.81 10.79 -19.14
C PRO B 727 -11.54 12.18 -19.65
N ARG B 728 -10.28 12.57 -19.63
CA ARG B 728 -9.81 13.77 -20.25
C ARG B 728 -10.07 13.72 -21.76
N PRO B 729 -10.28 14.85 -22.39
CA PRO B 729 -10.60 14.84 -23.84
C PRO B 729 -9.51 14.26 -24.73
N GLU B 730 -8.25 14.41 -24.33
CA GLU B 730 -7.13 13.88 -25.06
C GLU B 730 -7.22 12.35 -25.04
N TRP B 731 -7.62 11.81 -23.91
CA TRP B 731 -7.79 10.36 -23.75
C TRP B 731 -8.86 9.84 -24.69
N ARG B 732 -10.04 10.50 -24.72
CA ARG B 732 -11.07 10.06 -25.68
C ARG B 732 -10.56 10.02 -27.09
N GLU B 733 -9.95 11.13 -27.49
CA GLU B 733 -9.46 11.26 -28.85
C GLU B 733 -8.51 10.12 -29.13
N LEU B 734 -7.52 9.94 -28.25
CA LEU B 734 -6.57 8.87 -28.48
C LEU B 734 -7.33 7.50 -28.52
N MET B 735 -8.25 7.29 -27.59
CA MET B 735 -9.01 6.02 -27.59
C MET B 735 -9.77 5.86 -28.89
N ASP B 736 -10.44 6.90 -29.37
CA ASP B 736 -11.05 6.78 -30.73
C ASP B 736 -10.03 6.42 -31.81
N GLN B 737 -8.86 7.06 -31.78
CA GLN B 737 -7.89 6.80 -32.85
C GLN B 737 -7.42 5.40 -32.72
N MET B 738 -7.17 4.93 -31.49
CA MET B 738 -6.69 3.57 -31.28
C MET B 738 -7.77 2.54 -31.64
N ALA B 739 -9.06 2.86 -31.42
CA ALA B 739 -10.12 1.92 -31.83
C ALA B 739 -10.13 1.67 -33.35
N VAL B 740 -9.96 2.73 -34.15
CA VAL B 740 -10.02 2.57 -35.57
C VAL B 740 -8.93 1.60 -35.97
N VAL B 741 -7.73 1.82 -35.46
CA VAL B 741 -6.62 0.93 -35.80
C VAL B 741 -6.77 -0.49 -35.27
N ALA B 742 -7.25 -0.63 -34.04
CA ALA B 742 -7.36 -1.97 -33.42
C ALA B 742 -8.36 -2.84 -34.20
N THR B 743 -9.50 -2.26 -34.55
CA THR B 743 -10.51 -2.89 -35.37
C THR B 743 -9.99 -3.24 -36.75
N GLU B 744 -9.20 -2.37 -37.37
CA GLU B 744 -8.62 -2.68 -38.69
C GLU B 744 -7.68 -3.86 -38.63
N GLU B 745 -6.83 -3.90 -37.61
CA GLU B 745 -5.94 -5.05 -37.51
C GLU B 745 -6.75 -6.32 -37.24
N TYR B 746 -7.65 -6.28 -36.25
CA TYR B 746 -8.43 -7.49 -35.89
C TYR B 746 -9.26 -8.01 -37.04
N ARG B 747 -10.04 -7.12 -37.66
CA ARG B 747 -10.84 -7.52 -38.78
C ARG B 747 -9.98 -8.01 -39.98
N SER B 748 -8.78 -7.48 -40.16
CA SER B 748 -8.04 -7.86 -41.36
C SER B 748 -7.47 -9.24 -41.20
N VAL B 749 -7.10 -9.57 -39.97
CA VAL B 749 -6.70 -10.95 -39.66
C VAL B 749 -7.88 -11.91 -39.67
N VAL B 750 -9.00 -11.54 -39.04
CA VAL B 750 -10.06 -12.52 -38.70
C VAL B 750 -11.08 -12.68 -39.82
N PHE B 751 -11.33 -11.64 -40.58
CA PHE B 751 -12.37 -11.69 -41.62
C PHE B 751 -11.92 -11.54 -43.08
N LYS B 752 -10.78 -10.88 -43.32
CA LYS B 752 -10.36 -10.58 -44.67
C LYS B 752 -9.30 -11.55 -45.12
N GLU B 753 -8.42 -12.01 -44.24
CA GLU B 753 -7.51 -13.09 -44.59
C GLU B 753 -8.26 -14.31 -45.00
N PRO B 754 -8.11 -14.71 -46.27
CA PRO B 754 -8.97 -15.77 -46.81
C PRO B 754 -8.69 -17.14 -46.21
N ARG B 755 -7.49 -17.33 -45.70
CA ARG B 755 -7.13 -18.59 -45.10
C ARG B 755 -7.18 -18.59 -43.54
N PHE B 756 -7.80 -17.57 -42.96
CA PHE B 756 -7.82 -17.53 -41.51
C PHE B 756 -8.68 -18.65 -40.98
N VAL B 757 -9.86 -18.79 -41.57
CA VAL B 757 -10.75 -19.80 -41.08
C VAL B 757 -10.06 -21.15 -41.09
N GLU B 758 -9.43 -21.44 -42.20
CA GLU B 758 -8.75 -22.71 -42.40
C GLU B 758 -7.67 -22.94 -41.39
N TYR B 759 -6.90 -21.89 -41.08
CA TYR B 759 -5.87 -21.95 -40.02
C TYR B 759 -6.50 -22.24 -38.64
N PHE B 760 -7.58 -21.54 -38.35
CA PHE B 760 -8.34 -21.71 -37.11
C PHE B 760 -8.77 -23.18 -36.92
N ARG B 761 -9.25 -23.79 -38.00
CA ARG B 761 -9.80 -25.14 -37.90
C ARG B 761 -8.76 -26.19 -37.70
N LEU B 762 -7.52 -25.87 -38.03
CA LEU B 762 -6.43 -26.80 -37.79
C LEU B 762 -5.69 -26.52 -36.50
N ALA B 763 -5.44 -25.26 -36.19
CA ALA B 763 -4.57 -24.95 -35.02
C ALA B 763 -5.28 -25.10 -33.64
N THR B 764 -6.58 -25.28 -33.70
CA THR B 764 -7.51 -25.12 -32.58
C THR B 764 -8.48 -26.31 -32.61
N PRO B 765 -8.98 -26.77 -31.45
CA PRO B 765 -9.94 -27.85 -31.40
C PRO B 765 -11.33 -27.39 -31.59
N GLU B 766 -11.50 -26.29 -32.28
CA GLU B 766 -12.81 -25.77 -32.47
C GLU B 766 -13.83 -26.78 -33.03
N LEU B 767 -13.46 -27.45 -34.11
CA LEU B 767 -14.41 -28.30 -34.85
C LEU B 767 -14.82 -29.42 -33.96
N GLU B 768 -13.87 -29.98 -33.22
CA GLU B 768 -14.18 -31.10 -32.33
C GLU B 768 -15.02 -30.67 -31.14
N PHE B 769 -14.90 -29.40 -30.76
CA PHE B 769 -15.75 -28.84 -29.72
C PHE B 769 -17.24 -28.88 -30.13
N GLY B 770 -17.60 -28.76 -31.42
CA GLY B 770 -18.96 -29.18 -31.94
C GLY B 770 -19.31 -30.64 -31.59
N ARG B 771 -19.71 -30.87 -30.31
CA ARG B 771 -19.91 -32.19 -29.60
C ARG B 771 -19.69 -32.19 -28.06
N GLY B 785 -21.64 -19.77 -43.17
CA GLY B 785 -20.70 -18.68 -42.88
C GLY B 785 -19.46 -19.14 -42.11
N GLY B 786 -18.57 -18.18 -41.79
CA GLY B 786 -17.31 -18.42 -41.04
C GLY B 786 -17.34 -17.87 -39.61
N ILE B 787 -16.35 -17.06 -39.24
CA ILE B 787 -16.28 -16.49 -37.85
C ILE B 787 -17.51 -15.66 -37.40
N GLU B 788 -18.10 -14.90 -38.32
CA GLU B 788 -19.27 -14.09 -38.02
C GLU B 788 -20.34 -15.01 -37.46
N SER B 789 -20.38 -16.22 -37.97
CA SER B 789 -21.46 -17.13 -37.69
C SER B 789 -21.17 -17.96 -36.49
N LEU B 790 -19.90 -18.04 -36.13
CA LEU B 790 -19.48 -18.83 -34.99
C LEU B 790 -19.90 -18.03 -33.72
N ARG B 791 -20.39 -18.75 -32.71
CA ARG B 791 -20.79 -18.10 -31.45
C ARG B 791 -19.55 -17.70 -30.61
N ALA B 792 -19.74 -16.72 -29.72
CA ALA B 792 -18.65 -16.20 -28.92
C ALA B 792 -17.97 -17.21 -27.98
N ILE B 793 -18.74 -18.08 -27.35
CA ILE B 793 -18.14 -18.99 -26.40
C ILE B 793 -17.10 -19.90 -27.10
N PRO B 794 -17.48 -20.51 -28.25
CA PRO B 794 -16.52 -21.40 -28.95
C PRO B 794 -15.28 -20.66 -29.50
N TRP B 795 -15.50 -19.42 -29.88
CA TRP B 795 -14.42 -18.56 -30.26
C TRP B 795 -13.46 -18.39 -29.13
N ILE B 796 -13.90 -17.91 -27.96
CA ILE B 796 -12.93 -17.72 -26.87
C ILE B 796 -12.31 -19.05 -26.48
N PHE B 797 -13.18 -20.05 -26.35
CA PHE B 797 -12.76 -21.34 -25.83
C PHE B 797 -11.64 -22.02 -26.68
N SER B 798 -11.80 -21.98 -28.01
CA SER B 798 -10.91 -22.71 -28.90
C SER B 798 -9.51 -22.16 -28.78
N TRP B 799 -9.38 -20.85 -28.67
CA TRP B 799 -8.09 -20.25 -28.52
C TRP B 799 -7.54 -20.33 -27.10
N THR B 800 -8.43 -20.42 -26.13
CA THR B 800 -8.01 -20.65 -24.75
C THR B 800 -7.44 -22.08 -24.63
N GLN B 801 -8.06 -23.04 -25.27
CA GLN B 801 -7.50 -24.43 -25.26
C GLN B 801 -6.08 -24.56 -25.82
N THR B 802 -5.66 -23.59 -26.59
CA THR B 802 -4.32 -23.60 -27.21
C THR B 802 -3.26 -22.77 -26.47
N ARG B 803 -3.72 -22.10 -25.42
CA ARG B 803 -2.88 -21.20 -24.62
C ARG B 803 -2.48 -19.99 -25.39
N PHE B 804 -3.26 -19.63 -26.39
CA PHE B 804 -2.86 -18.55 -27.29
C PHE B 804 -3.73 -17.32 -27.15
N HIS B 805 -5.02 -17.49 -26.90
CA HIS B 805 -5.94 -16.38 -26.56
C HIS B 805 -6.07 -15.27 -27.52
N LEU B 806 -5.87 -15.55 -28.80
CA LEU B 806 -5.99 -14.50 -29.86
C LEU B 806 -7.18 -13.55 -29.66
N PRO B 807 -8.37 -14.06 -29.29
CA PRO B 807 -9.52 -13.17 -29.20
C PRO B 807 -9.49 -12.06 -28.16
N VAL B 808 -8.62 -12.22 -27.17
CA VAL B 808 -8.52 -11.30 -26.11
C VAL B 808 -7.57 -10.17 -26.42
N TRP B 809 -6.38 -10.43 -26.97
CA TRP B 809 -5.35 -9.37 -27.19
C TRP B 809 -5.24 -8.82 -28.61
N LEU B 810 -5.82 -9.47 -29.61
CA LEU B 810 -5.57 -9.08 -30.99
C LEU B 810 -6.19 -7.75 -31.24
N GLY B 811 -5.38 -6.86 -31.75
CA GLY B 811 -5.79 -5.48 -31.98
C GLY B 811 -5.14 -4.52 -31.01
N PHE B 812 -4.82 -4.97 -29.79
CA PHE B 812 -4.18 -4.08 -28.86
C PHE B 812 -2.79 -3.71 -29.37
N GLY B 813 -2.09 -4.66 -30.00
CA GLY B 813 -0.77 -4.40 -30.60
C GLY B 813 -0.77 -3.18 -31.56
N ALA B 814 -1.57 -3.24 -32.60
CA ALA B 814 -1.62 -2.14 -33.55
C ALA B 814 -2.03 -0.82 -32.88
N ALA B 815 -2.97 -0.86 -31.94
CA ALA B 815 -3.47 0.31 -31.25
C ALA B 815 -2.29 1.03 -30.57
N PHE B 816 -1.51 0.27 -29.81
CA PHE B 816 -0.40 0.83 -29.09
C PHE B 816 0.74 1.30 -29.99
N LYS B 817 1.17 0.42 -30.90
CA LYS B 817 2.25 0.72 -31.81
C LYS B 817 1.96 2.01 -32.54
N HIS B 818 0.75 2.12 -33.07
CA HIS B 818 0.38 3.30 -33.87
C HIS B 818 0.33 4.53 -32.99
N ALA B 819 -0.36 4.46 -31.87
CA ALA B 819 -0.35 5.59 -30.95
C ALA B 819 1.08 6.09 -30.58
N ILE B 820 1.98 5.18 -30.20
CA ILE B 820 3.33 5.54 -29.79
C ILE B 820 4.16 6.06 -30.97
N GLN B 821 4.02 5.45 -32.15
CA GLN B 821 4.70 5.92 -33.40
C GLN B 821 4.21 7.25 -33.93
N LYS B 822 2.92 7.55 -33.75
CA LYS B 822 2.35 8.81 -34.24
C LYS B 822 2.93 9.95 -33.45
N ASP B 823 3.16 9.73 -32.15
CA ASP B 823 3.62 10.78 -31.27
C ASP B 823 4.20 10.19 -29.99
N SER B 824 5.50 10.39 -29.77
CA SER B 824 6.21 9.73 -28.68
C SER B 824 5.56 10.03 -27.34
N LYS B 825 5.02 11.24 -27.20
CA LYS B 825 4.30 11.64 -25.97
C LYS B 825 3.10 10.75 -25.58
N ASN B 826 2.62 9.95 -26.51
CA ASN B 826 1.46 9.13 -26.23
C ASN B 826 1.81 8.01 -25.23
N LEU B 827 3.04 7.55 -25.24
CA LEU B 827 3.42 6.51 -24.30
C LEU B 827 3.10 6.95 -22.90
N GLN B 828 3.54 8.16 -22.59
CA GLN B 828 3.29 8.73 -21.28
C GLN B 828 1.78 8.95 -21.05
N MET B 829 1.04 9.42 -22.04
CA MET B 829 -0.39 9.57 -21.90
C MET B 829 -1.03 8.21 -21.53
N LEU B 830 -0.73 7.17 -22.30
CA LEU B 830 -1.20 5.82 -22.02
C LEU B 830 -0.84 5.36 -20.59
N GLN B 831 0.35 5.70 -20.12
CA GLN B 831 0.79 5.26 -18.80
C GLN B 831 0.00 6.00 -17.76
N GLU B 832 -0.35 7.25 -18.04
CA GLU B 832 -1.11 8.03 -17.09
C GLU B 832 -2.52 7.49 -17.03
N MET B 833 -3.02 7.10 -18.19
CA MET B 833 -4.34 6.52 -18.29
C MET B 833 -4.38 5.25 -17.43
N TYR B 834 -3.33 4.45 -17.55
CA TYR B 834 -3.18 3.25 -16.74
C TYR B 834 -3.14 3.55 -15.26
N LYS B 835 -2.43 4.58 -14.81
CA LYS B 835 -2.35 4.89 -13.35
C LYS B 835 -3.59 5.56 -12.80
N THR B 836 -4.36 6.18 -13.65
CA THR B 836 -5.37 7.20 -13.19
C THR B 836 -6.81 6.98 -13.62
N TRP B 837 -6.98 6.18 -14.66
CA TRP B 837 -8.27 5.98 -15.24
C TRP B 837 -8.80 4.57 -15.02
N PRO B 838 -9.72 4.39 -14.10
CA PRO B 838 -10.06 3.01 -13.71
C PRO B 838 -10.45 2.12 -14.89
N PHE B 839 -11.28 2.64 -15.75
CA PHE B 839 -11.61 1.89 -16.96
C PHE B 839 -10.41 1.36 -17.72
N PHE B 840 -9.39 2.16 -17.87
CA PHE B 840 -8.27 1.77 -18.69
C PHE B 840 -7.47 0.73 -17.93
N ARG B 841 -7.20 1.00 -16.67
CA ARG B 841 -6.45 0.10 -15.83
C ARG B 841 -7.04 -1.33 -15.86
N VAL B 842 -8.32 -1.39 -15.58
CA VAL B 842 -9.05 -2.65 -15.49
C VAL B 842 -9.06 -3.34 -16.86
N THR B 843 -9.15 -2.56 -17.93
CA THR B 843 -9.12 -3.14 -19.27
C THR B 843 -7.77 -3.81 -19.50
N ILE B 844 -6.70 -3.09 -19.17
CA ILE B 844 -5.36 -3.63 -19.39
C ILE B 844 -5.11 -4.81 -18.46
N ASP B 845 -5.59 -4.74 -17.23
CA ASP B 845 -5.35 -5.83 -16.30
C ASP B 845 -5.91 -7.14 -16.77
N LEU B 846 -7.12 -7.13 -17.35
CA LEU B 846 -7.72 -8.40 -17.72
C LEU B 846 -6.86 -9.02 -18.75
N VAL B 847 -6.45 -8.26 -19.74
CA VAL B 847 -5.56 -8.79 -20.81
C VAL B 847 -4.21 -9.26 -20.27
N GLU B 848 -3.69 -8.57 -19.27
CA GLU B 848 -2.47 -8.99 -18.65
C GLU B 848 -2.63 -10.35 -17.97
N MET B 849 -3.76 -10.53 -17.28
CA MET B 849 -4.07 -11.83 -16.68
C MET B 849 -4.16 -12.91 -17.75
N VAL B 850 -4.71 -12.58 -18.92
CA VAL B 850 -4.83 -13.58 -20.02
C VAL B 850 -3.47 -13.98 -20.59
N PHE B 851 -2.56 -13.01 -20.76
CA PHE B 851 -1.19 -13.33 -21.18
C PHE B 851 -0.49 -14.19 -20.17
N ALA B 852 -0.74 -14.02 -18.87
CA ALA B 852 -0.10 -14.94 -17.87
C ALA B 852 -0.54 -16.41 -18.06
N LYS B 853 -1.64 -16.63 -18.74
CA LYS B 853 -2.15 -17.97 -19.01
C LYS B 853 -1.73 -18.43 -20.42
N GLY B 854 -0.97 -17.58 -21.11
CA GLY B 854 -0.59 -17.83 -22.48
C GLY B 854 0.73 -18.54 -22.55
N ASN B 855 0.93 -19.32 -23.60
CA ASN B 855 2.23 -19.93 -23.83
C ASN B 855 2.40 -20.21 -25.28
N PRO B 856 3.08 -19.29 -25.98
CA PRO B 856 3.20 -19.43 -27.44
C PRO B 856 3.86 -20.73 -27.90
N GLY B 857 4.67 -21.34 -27.05
CA GLY B 857 5.26 -22.66 -27.35
C GLY B 857 4.21 -23.74 -27.58
N ILE B 858 3.10 -23.69 -26.84
CA ILE B 858 2.01 -24.63 -27.06
C ILE B 858 1.40 -24.38 -28.40
N ALA B 859 1.19 -23.12 -28.72
CA ALA B 859 0.63 -22.83 -30.05
C ALA B 859 1.56 -23.36 -31.16
N ALA B 860 2.88 -23.15 -30.99
CA ALA B 860 3.92 -23.65 -31.94
C ALA B 860 3.84 -25.14 -32.09
N LEU B 861 3.72 -25.82 -30.99
CA LEU B 861 3.65 -27.27 -31.08
C LEU B 861 2.39 -27.71 -31.84
N ASN B 862 1.25 -27.09 -31.56
CA ASN B 862 0.05 -27.44 -32.28
C ASN B 862 0.24 -27.23 -33.82
N ASP B 863 0.95 -26.15 -34.19
CA ASP B 863 1.27 -25.85 -35.57
C ASP B 863 2.08 -26.99 -36.21
N LYS B 864 3.18 -27.41 -35.57
CA LYS B 864 3.98 -28.54 -36.05
C LYS B 864 3.15 -29.79 -36.29
N LEU B 865 2.19 -30.09 -35.40
CA LEU B 865 1.51 -31.38 -35.43
C LEU B 865 0.29 -31.35 -36.31
N LEU B 866 -0.32 -30.18 -36.42
CA LEU B 866 -1.65 -30.11 -36.98
C LEU B 866 -1.86 -29.15 -38.14
N VAL B 867 -0.99 -28.17 -38.31
CA VAL B 867 -1.16 -27.23 -39.37
C VAL B 867 -0.26 -27.67 -40.54
N SER B 868 -0.79 -27.57 -41.76
CA SER B 868 -0.01 -27.88 -42.98
C SER B 868 1.11 -26.87 -43.15
N GLU B 869 2.19 -27.29 -43.83
CA GLU B 869 3.41 -26.48 -43.92
C GLU B 869 3.20 -25.07 -44.49
N ASP B 870 2.34 -24.92 -45.49
CA ASP B 870 2.11 -23.64 -46.11
C ASP B 870 1.36 -22.67 -45.20
N LEU B 871 0.75 -23.15 -44.11
CA LEU B 871 0.11 -22.23 -43.17
C LEU B 871 1.00 -21.90 -41.99
N ARG B 872 2.06 -22.69 -41.76
CA ARG B 872 2.88 -22.47 -40.59
C ARG B 872 3.45 -21.07 -40.40
N PRO B 873 3.76 -20.36 -41.50
CA PRO B 873 4.34 -19.01 -41.32
C PRO B 873 3.29 -17.97 -40.95
N PHE B 874 2.06 -18.21 -41.36
CA PHE B 874 0.95 -17.42 -40.88
C PHE B 874 0.87 -17.53 -39.34
N GLY B 875 0.94 -18.76 -38.84
CA GLY B 875 0.96 -19.03 -37.41
C GLY B 875 2.11 -18.33 -36.76
N GLU B 876 3.25 -18.42 -37.38
CA GLU B 876 4.43 -17.79 -36.84
C GLU B 876 4.23 -16.30 -36.75
N SER B 877 3.58 -15.70 -37.72
CA SER B 877 3.40 -14.26 -37.67
C SER B 877 2.38 -13.81 -36.59
N LEU B 878 1.39 -14.65 -36.33
CA LEU B 878 0.47 -14.35 -35.20
C LEU B 878 1.21 -14.44 -33.90
N ARG B 879 2.14 -15.40 -33.79
CA ARG B 879 2.98 -15.42 -32.58
C ARG B 879 3.84 -14.19 -32.40
N ALA B 880 4.30 -13.57 -33.48
CA ALA B 880 5.15 -12.35 -33.36
C ALA B 880 4.25 -11.20 -32.91
N ASN B 881 3.02 -11.21 -33.42
CA ASN B 881 2.04 -10.19 -32.98
C ASN B 881 1.76 -10.32 -31.45
N TYR B 882 1.61 -11.55 -30.99
CA TYR B 882 1.42 -11.82 -29.56
C TYR B 882 2.55 -11.26 -28.71
N GLU B 883 3.77 -11.58 -29.10
CA GLU B 883 4.92 -11.10 -28.39
C GLU B 883 5.00 -9.57 -28.38
N GLU B 884 4.77 -8.97 -29.53
CA GLU B 884 4.91 -7.54 -29.61
C GLU B 884 3.74 -6.87 -28.82
N THR B 885 2.54 -7.43 -28.97
CA THR B 885 1.40 -6.95 -28.19
C THR B 885 1.66 -7.08 -26.67
N LYS B 886 2.10 -8.24 -26.21
CA LYS B 886 2.41 -8.38 -24.81
C LYS B 886 3.41 -7.29 -24.35
N ASN B 887 4.49 -7.10 -25.10
CA ASN B 887 5.53 -6.14 -24.66
C ASN B 887 5.03 -4.72 -24.61
N TYR B 888 4.18 -4.34 -25.55
CA TYR B 888 3.58 -3.04 -25.52
C TYR B 888 2.71 -2.89 -24.29
N LEU B 889 1.93 -3.93 -23.96
CA LEU B 889 1.11 -3.85 -22.77
C LEU B 889 1.94 -3.71 -21.49
N LEU B 890 2.99 -4.50 -21.37
CA LEU B 890 3.94 -4.35 -20.26
C LEU B 890 4.50 -2.94 -20.14
N LYS B 891 4.88 -2.33 -21.28
CA LYS B 891 5.48 -1.02 -21.21
C LYS B 891 4.41 -0.05 -20.72
N ILE B 892 3.20 -0.17 -21.22
CA ILE B 892 2.14 0.72 -20.75
C ILE B 892 1.79 0.50 -19.28
N ALA B 893 1.94 -0.72 -18.77
CA ALA B 893 1.52 -0.98 -17.41
C ALA B 893 2.59 -0.66 -16.46
N GLY B 894 3.76 -0.29 -16.96
CA GLY B 894 4.92 -0.08 -16.06
C GLY B 894 5.51 -1.33 -15.41
N HIS B 895 5.46 -2.47 -16.10
CA HIS B 895 5.89 -3.78 -15.53
C HIS B 895 6.98 -4.43 -16.35
N LYS B 896 7.94 -5.10 -15.71
CA LYS B 896 8.95 -5.91 -16.40
C LYS B 896 8.36 -7.28 -16.72
N ASP B 897 7.66 -7.86 -15.74
CA ASP B 897 7.08 -9.20 -15.84
C ASP B 897 5.53 -9.15 -15.84
N LEU B 898 4.90 -10.15 -16.44
CA LEU B 898 3.46 -10.27 -16.36
C LEU B 898 2.98 -10.35 -14.89
N LEU B 899 2.02 -9.49 -14.54
CA LEU B 899 1.39 -9.46 -13.25
C LEU B 899 2.26 -9.11 -12.07
N GLU B 900 3.25 -8.26 -12.24
CA GLU B 900 4.07 -7.94 -11.06
C GLU B 900 3.28 -7.03 -10.07
N GLY B 901 2.26 -6.36 -10.58
CA GLY B 901 1.24 -5.73 -9.73
C GLY B 901 0.29 -6.67 -8.96
N ASP B 902 0.33 -8.00 -9.18
CA ASP B 902 -0.58 -8.95 -8.46
C ASP B 902 0.07 -10.33 -8.25
N PRO B 903 1.08 -10.35 -7.41
CA PRO B 903 1.92 -11.53 -7.34
C PRO B 903 1.24 -12.82 -6.75
N TYR B 904 0.18 -12.63 -5.99
CA TYR B 904 -0.54 -13.75 -5.47
C TYR B 904 -1.35 -14.42 -6.57
N LEU B 905 -1.86 -13.62 -7.51
CA LEU B 905 -2.56 -14.16 -8.68
C LEU B 905 -1.55 -14.86 -9.54
N LYS B 906 -0.43 -14.20 -9.79
CA LYS B 906 0.67 -14.79 -10.57
C LYS B 906 1.10 -16.11 -9.98
N GLN B 907 1.28 -16.18 -8.69
CA GLN B 907 1.64 -17.47 -8.15
C GLN B 907 0.54 -18.54 -8.46
N GLY B 908 -0.72 -18.20 -8.27
CA GLY B 908 -1.77 -19.14 -8.45
C GLY B 908 -1.82 -19.69 -9.86
N ILE B 909 -1.70 -18.81 -10.84
CA ILE B 909 -1.73 -19.22 -12.23
C ILE B 909 -0.49 -20.05 -12.57
N ARG B 910 0.63 -19.66 -11.99
CA ARG B 910 1.87 -20.36 -12.26
C ARG B 910 1.88 -21.77 -11.76
N LEU B 911 1.30 -22.04 -10.59
CA LEU B 911 1.31 -23.40 -10.07
C LEU B 911 0.49 -24.35 -10.95
N ARG B 912 -0.43 -23.79 -11.73
CA ARG B 912 -1.32 -24.59 -12.56
C ARG B 912 -0.64 -25.03 -13.87
N ASP B 913 0.27 -24.19 -14.37
CA ASP B 913 0.84 -24.37 -15.70
C ASP B 913 1.35 -25.81 -16.02
N PRO B 914 2.13 -26.40 -15.15
CA PRO B 914 2.66 -27.71 -15.50
C PRO B 914 1.58 -28.70 -15.82
N TYR B 915 0.51 -28.64 -15.05
CA TYR B 915 -0.61 -29.54 -15.28
C TYR B 915 -1.27 -29.20 -16.59
N ILE B 916 -1.43 -27.93 -16.88
CA ILE B 916 -2.21 -27.56 -18.04
C ILE B 916 -1.41 -27.99 -19.27
N THR B 917 -0.12 -27.74 -19.17
CA THR B 917 0.80 -28.04 -20.25
C THR B 917 0.82 -29.51 -20.62
N THR B 918 0.80 -30.38 -19.61
CA THR B 918 0.70 -31.77 -19.86
C THR B 918 -0.55 -32.09 -20.61
N LEU B 919 -1.69 -31.50 -20.22
CA LEU B 919 -2.91 -31.78 -20.93
C LEU B 919 -2.87 -31.24 -22.37
N ASN B 920 -2.23 -30.10 -22.58
CA ASN B 920 -2.13 -29.50 -23.91
C ASN B 920 -1.38 -30.45 -24.81
N VAL B 921 -0.21 -30.91 -24.37
CA VAL B 921 0.56 -31.83 -25.15
C VAL B 921 -0.26 -33.10 -25.46
N CYS B 922 -0.96 -33.60 -24.46
CA CYS B 922 -1.76 -34.80 -24.66
C CYS B 922 -2.85 -34.59 -25.69
N GLN B 923 -3.54 -33.47 -25.56
CA GLN B 923 -4.57 -33.05 -26.49
C GLN B 923 -4.05 -32.96 -27.92
N ALA B 924 -2.95 -32.24 -28.11
CA ALA B 924 -2.37 -31.99 -29.46
C ALA B 924 -2.19 -33.37 -30.21
N TYR B 925 -1.57 -34.36 -29.58
CA TYR B 925 -1.38 -35.63 -30.25
C TYR B 925 -2.68 -36.39 -30.38
N THR B 926 -3.58 -36.19 -29.45
CA THR B 926 -4.87 -36.85 -29.56
C THR B 926 -5.64 -36.33 -30.78
N LEU B 927 -5.56 -35.03 -31.00
CA LEU B 927 -6.22 -34.45 -32.13
C LEU B 927 -5.52 -34.98 -33.43
N LYS B 928 -4.19 -35.15 -33.40
CA LYS B 928 -3.52 -35.70 -34.54
C LYS B 928 -4.10 -37.06 -34.85
N ARG B 929 -4.26 -37.89 -33.84
CA ARG B 929 -4.76 -39.23 -34.05
C ARG B 929 -6.19 -39.22 -34.50
N ILE B 930 -7.03 -38.37 -33.92
CA ILE B 930 -8.43 -38.30 -34.36
C ILE B 930 -8.51 -37.84 -35.83
N ARG B 931 -7.71 -36.85 -36.18
CA ARG B 931 -7.83 -36.22 -37.48
C ARG B 931 -7.27 -37.05 -38.61
N ASP B 932 -6.30 -37.89 -38.27
CA ASP B 932 -5.53 -38.66 -39.23
C ASP B 932 -5.40 -40.11 -38.82
N PRO B 933 -6.28 -40.95 -39.34
CA PRO B 933 -6.24 -42.39 -38.96
C PRO B 933 -5.05 -43.15 -39.45
N ASN B 934 -4.22 -42.49 -40.26
CA ASN B 934 -2.93 -43.08 -40.70
C ASN B 934 -1.71 -42.58 -39.99
N TYR B 935 -1.91 -41.71 -38.99
CA TYR B 935 -0.81 -41.40 -38.07
C TYR B 935 -0.76 -42.47 -36.98
N HIS B 936 0.42 -43.03 -36.78
CA HIS B 936 0.69 -44.05 -35.77
C HIS B 936 2.09 -43.95 -35.28
N VAL B 937 2.33 -44.45 -34.07
CA VAL B 937 3.68 -44.45 -33.49
C VAL B 937 3.77 -45.70 -32.68
N THR B 938 4.96 -46.01 -32.23
CA THR B 938 5.10 -47.19 -31.42
C THR B 938 4.64 -46.89 -30.01
N LEU B 939 3.56 -47.58 -29.67
CA LEU B 939 2.95 -47.57 -28.37
C LEU B 939 3.75 -48.42 -27.40
N ARG B 940 3.86 -47.97 -26.16
CA ARG B 940 4.50 -48.74 -25.11
C ARG B 940 3.58 -49.82 -24.62
N PRO B 941 4.17 -50.95 -24.16
CA PRO B 941 3.30 -51.92 -23.52
C PRO B 941 2.57 -51.24 -22.33
N HIS B 942 1.27 -51.51 -22.24
CA HIS B 942 0.36 -51.03 -21.19
C HIS B 942 1.03 -50.89 -19.84
N ILE B 943 0.90 -49.71 -19.22
CA ILE B 943 1.56 -49.41 -17.95
C ILE B 943 0.63 -49.60 -16.76
N SER B 944 -0.67 -49.35 -16.89
CA SER B 944 -1.63 -49.40 -15.73
C SER B 944 -2.03 -50.77 -15.24
N LYS B 945 -2.82 -50.82 -14.16
CA LYS B 945 -3.62 -51.99 -13.80
C LYS B 945 -5.03 -51.58 -13.34
N ALA B 968 -16.64 -49.12 -24.72
CA ALA B 968 -15.37 -49.54 -25.30
C ALA B 968 -14.46 -48.29 -25.68
N PRO B 969 -13.72 -47.69 -24.70
CA PRO B 969 -13.27 -46.24 -24.54
C PRO B 969 -12.18 -45.62 -25.46
N GLY B 970 -12.53 -44.58 -26.21
CA GLY B 970 -11.70 -44.12 -27.31
C GLY B 970 -10.94 -42.78 -27.23
N LEU B 971 -10.47 -42.35 -28.40
CA LEU B 971 -9.70 -41.17 -28.49
C LEU B 971 -10.60 -39.98 -28.21
N GLU B 972 -11.88 -40.04 -28.58
CA GLU B 972 -12.78 -38.92 -28.30
C GLU B 972 -12.93 -38.71 -26.77
N ASP B 973 -12.99 -39.82 -26.04
CA ASP B 973 -13.05 -39.76 -24.59
C ASP B 973 -11.81 -39.06 -23.99
N THR B 974 -10.61 -39.38 -24.48
CA THR B 974 -9.38 -38.73 -23.99
C THR B 974 -9.42 -37.26 -24.31
N LEU B 975 -9.94 -36.91 -25.46
CA LEU B 975 -9.99 -35.52 -25.85
C LEU B 975 -10.97 -34.74 -24.96
N ILE B 976 -12.10 -35.33 -24.61
CA ILE B 976 -13.08 -34.72 -23.77
C ILE B 976 -12.44 -34.41 -22.41
N LEU B 977 -11.70 -35.37 -21.84
CA LEU B 977 -11.02 -35.18 -20.58
C LEU B 977 -10.01 -34.04 -20.62
N THR B 978 -9.26 -34.04 -21.70
CA THR B 978 -8.31 -33.00 -22.04
C THR B 978 -8.99 -31.60 -22.10
N MET B 979 -10.09 -31.50 -22.81
CA MET B 979 -10.73 -30.20 -23.01
C MET B 979 -11.25 -29.70 -21.66
N LYS B 980 -11.85 -30.59 -20.88
CA LYS B 980 -12.39 -30.22 -19.57
C LYS B 980 -11.30 -29.83 -18.60
N GLY B 981 -10.22 -30.59 -18.57
CA GLY B 981 -9.07 -30.24 -17.74
C GLY B 981 -8.46 -28.87 -18.06
N ILE B 982 -8.26 -28.58 -19.35
CA ILE B 982 -7.65 -27.34 -19.72
C ILE B 982 -8.61 -26.25 -19.29
N ALA B 983 -9.90 -26.42 -19.53
CA ALA B 983 -10.86 -25.33 -19.24
C ALA B 983 -10.92 -25.08 -17.73
N ALA B 984 -10.78 -26.11 -16.92
CA ALA B 984 -10.83 -25.98 -15.49
C ALA B 984 -9.58 -25.24 -14.99
N GLY B 985 -8.46 -25.41 -15.66
CA GLY B 985 -7.28 -24.62 -15.28
C GLY B 985 -7.17 -23.20 -15.85
N MET B 986 -7.80 -22.99 -16.98
CA MET B 986 -7.84 -21.69 -17.63
C MET B 986 -8.91 -20.75 -17.08
N GLN B 987 -10.00 -21.32 -16.55
CA GLN B 987 -11.05 -20.53 -15.92
C GLN B 987 -11.44 -19.39 -16.83
N ASN B 988 -11.55 -18.16 -16.33
CA ASN B 988 -12.05 -17.06 -17.17
C ASN B 988 -10.93 -16.38 -17.95
N THR B 989 -11.23 -15.99 -19.18
CA THR B 989 -10.31 -15.22 -19.99
C THR B 989 -11.08 -14.12 -20.67
N GLY B 990 -11.48 -14.31 -21.92
CA GLY B 990 -12.26 -13.25 -22.62
C GLY B 990 -13.76 -13.46 -22.75
N ASP C . 10.40 13.30 13.67
CA ASP C . 8.99 13.26 13.29
C ASP C . 8.80 13.59 11.84
O ASP C . 8.01 12.95 11.13
CB ASP C . 8.21 14.28 14.09
CG ASP C . 8.11 13.92 15.52
OD1 ASP C . 8.17 12.70 15.88
OD2 ASP C . 7.94 14.86 16.30
OXT ASP C . 9.42 14.54 11.36
S SO4 D . 27.43 12.41 33.63
O1 SO4 D . 25.99 12.69 33.37
O2 SO4 D . 27.92 13.26 34.72
O3 SO4 D . 28.23 12.63 32.44
O4 SO4 D . 27.60 10.99 34.04
C1 EDO E . 13.73 20.11 9.97
O1 EDO E . 13.84 20.77 11.26
C2 EDO E . 12.86 18.86 10.03
O2 EDO E . 11.60 19.10 10.66
N ASP F . -10.51 -15.30 -11.82
CA ASP F . -9.08 -14.90 -11.83
C ASP F . -8.97 -13.46 -12.28
O ASP F . -8.11 -12.71 -11.77
CB ASP F . -8.27 -15.69 -12.85
CG ASP F . -8.01 -17.13 -12.43
OD1 ASP F . -7.83 -17.43 -11.21
OD2 ASP F . -7.99 -17.97 -13.34
OXT ASP F . -9.74 -13.04 -13.16
S SO4 G . -25.48 -36.19 -8.15
O1 SO4 G . -24.18 -35.62 -8.54
O2 SO4 G . -25.70 -37.45 -8.84
O3 SO4 G . -26.65 -35.29 -8.40
O4 SO4 G . -25.46 -36.53 -6.70
C1 EDO H . -14.49 -12.35 -18.61
O1 EDO H . -14.51 -13.70 -19.18
C2 EDO H . -13.60 -12.25 -17.37
O2 EDO H . -12.28 -12.80 -17.50
#